data_3BKR
# 
_entry.id   3BKR 
# 
_audit_conform.dict_name       mmcif_pdbx.dic 
_audit_conform.dict_version    5.377 
_audit_conform.dict_location   http://mmcif.pdb.org/dictionaries/ascii/mmcif_pdbx.dic 
# 
loop_
_database_2.database_id 
_database_2.database_code 
_database_2.pdbx_database_accession 
_database_2.pdbx_DOI 
PDB   3BKR         pdb_00003bkr 10.2210/pdb3bkr/pdb 
RCSB  RCSB045641   ?            ?                   
WWPDB D_1000045641 ?            ?                   
# 
loop_
_pdbx_database_related.db_name 
_pdbx_database_related.db_id 
_pdbx_database_related.details 
_pdbx_database_related.content_type 
PDB 1PZ4 'mosquito SCP2'                        unspecified 
PDB 2QZT 'mosquito SCP2-Like2 cryo-cooled'      unspecified 
PDB 3BDQ 'mosquito SCP2-Like2 room temperature' unspecified 
PDB 3BKS 'mosquito SCP2-Like3 room temperature' unspecified 
# 
_pdbx_database_status.entry_id                        3BKR 
_pdbx_database_status.deposit_site                    RCSB 
_pdbx_database_status.process_site                    RCSB 
_pdbx_database_status.recvd_initial_deposition_date   2007-12-07 
_pdbx_database_status.status_code                     REL 
_pdbx_database_status.status_code_sf                  REL 
_pdbx_database_status.status_code_mr                  ? 
_pdbx_database_status.SG_entry                        ? 
_pdbx_database_status.pdb_format_compatible           Y 
_pdbx_database_status.status_code_cs                  ? 
_pdbx_database_status.status_code_nmr_data            ? 
_pdbx_database_status.methods_development_category    ? 
# 
loop_
_audit_author.name 
_audit_author.pdbx_ordinal 
'Dyer, D.H.'   1 
'Lan, Q.'      2 
'Forest, K.T.' 3 
# 
_citation.id                        primary 
_citation.title                     
'Characterization of the yellow fever mosquito sterol carrier protein-2 like 3 gene and ligand-bound protein structure.' 
_citation.journal_abbrev            Mol.Cell.Biochem. 
_citation.journal_volume            326 
_citation.page_first                67 
_citation.page_last                 77 
_citation.year                      2009 
_citation.journal_id_ASTM           ? 
_citation.country                   NE 
_citation.journal_id_ISSN           0300-8177 
_citation.journal_id_CSD            ? 
_citation.book_publisher            ? 
_citation.pdbx_database_id_PubMed   19130179 
_citation.pdbx_database_id_DOI      10.1007/s11010-008-0007-z 
# 
loop_
_citation_author.citation_id 
_citation_author.name 
_citation_author.ordinal 
_citation_author.identifier_ORCID 
primary 'Dyer, D.H.'    1 ? 
primary 'Vyazunova, I.' 2 ? 
primary 'Lorch, J.M.'   3 ? 
primary 'Forest, K.T.'  4 ? 
primary 'Lan, Q.'       5 ? 
# 
_cell.length_a           63.0 
_cell.length_b           63.0 
_cell.length_c           67.8 
_cell.angle_alpha        90.000 
_cell.angle_beta         90.000 
_cell.angle_gamma        120.000 
_cell.entry_id           3BKR 
_cell.pdbx_unique_axis   ? 
_cell.Z_PDB              6 
_cell.length_a_esd       ? 
_cell.length_b_esd       ? 
_cell.length_c_esd       ? 
_cell.angle_alpha_esd    ? 
_cell.angle_beta_esd     ? 
_cell.angle_gamma_esd    ? 
# 
_symmetry.space_group_name_H-M             'P 32 2 1' 
_symmetry.entry_id                         3BKR 
_symmetry.Int_Tables_number                154 
_symmetry.pdbx_full_space_group_name_H-M   ? 
_symmetry.cell_setting                     ? 
_symmetry.space_group_name_Hall            ? 
# 
loop_
_entity.id 
_entity.type 
_entity.src_method 
_entity.pdbx_description 
_entity.formula_weight 
_entity.pdbx_number_of_molecules 
_entity.pdbx_ec 
_entity.pdbx_mutation 
_entity.pdbx_fragment 
_entity.details 
1 polymer     man 'Sterol Carrier Protein-2 like-3' 14181.137 1   ? ? ? ? 
2 non-polymer syn 'PALMITIC ACID'                   256.424   1   ? ? ? ? 
3 water       nat water                             18.015    168 ? ? ? ? 
# 
_entity_poly.entity_id                      1 
_entity_poly.type                           'polypeptide(L)' 
_entity_poly.nstd_linkage                   no 
_entity_poly.nstd_monomer                   no 
_entity_poly.pdbx_seq_one_letter_code       
;GSPGIRMALKTDQILDKLNEKLAQVDRSKRSFTVILFVHLRQEGKVVRSVVLDFNDLKISEIELAVTSTADYPAERIDAS
ITIDDNDFYLVATKETSFAALIEQGKVDITGNKQAFLTLDEKFRNK
;
_entity_poly.pdbx_seq_one_letter_code_can   
;GSPGIRMALKTDQILDKLNEKLAQVDRSKRSFTVILFVHLRQEGKVVRSVVLDFNDLKISEIELAVTSTADYPAERIDAS
ITIDDNDFYLVATKETSFAALIEQGKVDITGNKQAFLTLDEKFRNK
;
_entity_poly.pdbx_strand_id                 A 
_entity_poly.pdbx_target_identifier         ? 
# 
loop_
_entity_poly_seq.entity_id 
_entity_poly_seq.num 
_entity_poly_seq.mon_id 
_entity_poly_seq.hetero 
1 1   GLY n 
1 2   SER n 
1 3   PRO n 
1 4   GLY n 
1 5   ILE n 
1 6   ARG n 
1 7   MET n 
1 8   ALA n 
1 9   LEU n 
1 10  LYS n 
1 11  THR n 
1 12  ASP n 
1 13  GLN n 
1 14  ILE n 
1 15  LEU n 
1 16  ASP n 
1 17  LYS n 
1 18  LEU n 
1 19  ASN n 
1 20  GLU n 
1 21  LYS n 
1 22  LEU n 
1 23  ALA n 
1 24  GLN n 
1 25  VAL n 
1 26  ASP n 
1 27  ARG n 
1 28  SER n 
1 29  LYS n 
1 30  ARG n 
1 31  SER n 
1 32  PHE n 
1 33  THR n 
1 34  VAL n 
1 35  ILE n 
1 36  LEU n 
1 37  PHE n 
1 38  VAL n 
1 39  HIS n 
1 40  LEU n 
1 41  ARG n 
1 42  GLN n 
1 43  GLU n 
1 44  GLY n 
1 45  LYS n 
1 46  VAL n 
1 47  VAL n 
1 48  ARG n 
1 49  SER n 
1 50  VAL n 
1 51  VAL n 
1 52  LEU n 
1 53  ASP n 
1 54  PHE n 
1 55  ASN n 
1 56  ASP n 
1 57  LEU n 
1 58  LYS n 
1 59  ILE n 
1 60  SER n 
1 61  GLU n 
1 62  ILE n 
1 63  GLU n 
1 64  LEU n 
1 65  ALA n 
1 66  VAL n 
1 67  THR n 
1 68  SER n 
1 69  THR n 
1 70  ALA n 
1 71  ASP n 
1 72  TYR n 
1 73  PRO n 
1 74  ALA n 
1 75  GLU n 
1 76  ARG n 
1 77  ILE n 
1 78  ASP n 
1 79  ALA n 
1 80  SER n 
1 81  ILE n 
1 82  THR n 
1 83  ILE n 
1 84  ASP n 
1 85  ASP n 
1 86  ASN n 
1 87  ASP n 
1 88  PHE n 
1 89  TYR n 
1 90  LEU n 
1 91  VAL n 
1 92  ALA n 
1 93  THR n 
1 94  LYS n 
1 95  GLU n 
1 96  THR n 
1 97  SER n 
1 98  PHE n 
1 99  ALA n 
1 100 ALA n 
1 101 LEU n 
1 102 ILE n 
1 103 GLU n 
1 104 GLN n 
1 105 GLY n 
1 106 LYS n 
1 107 VAL n 
1 108 ASP n 
1 109 ILE n 
1 110 THR n 
1 111 GLY n 
1 112 ASN n 
1 113 LYS n 
1 114 GLN n 
1 115 ALA n 
1 116 PHE n 
1 117 LEU n 
1 118 THR n 
1 119 LEU n 
1 120 ASP n 
1 121 GLU n 
1 122 LYS n 
1 123 PHE n 
1 124 ARG n 
1 125 ASN n 
1 126 LYS n 
# 
_entity_src_gen.entity_id                          1 
_entity_src_gen.pdbx_src_id                        1 
_entity_src_gen.pdbx_alt_source_flag               sample 
_entity_src_gen.pdbx_seq_type                      ? 
_entity_src_gen.pdbx_beg_seq_num                   ? 
_entity_src_gen.pdbx_end_seq_num                   ? 
_entity_src_gen.gene_src_common_name               'Yellowfever mosquito' 
_entity_src_gen.gene_src_genus                     ? 
_entity_src_gen.pdbx_gene_src_gene                 AaeL_AAEL012704 
_entity_src_gen.gene_src_species                   ? 
_entity_src_gen.gene_src_strain                    ? 
_entity_src_gen.gene_src_tissue                    ? 
_entity_src_gen.gene_src_tissue_fraction           ? 
_entity_src_gen.gene_src_details                   ? 
_entity_src_gen.pdbx_gene_src_fragment             ? 
_entity_src_gen.pdbx_gene_src_scientific_name      'Aedes aegypti' 
_entity_src_gen.pdbx_gene_src_ncbi_taxonomy_id     7159 
_entity_src_gen.pdbx_gene_src_variant              ? 
_entity_src_gen.pdbx_gene_src_cell_line            ? 
_entity_src_gen.pdbx_gene_src_atcc                 ? 
_entity_src_gen.pdbx_gene_src_organ                ? 
_entity_src_gen.pdbx_gene_src_organelle            ? 
_entity_src_gen.pdbx_gene_src_cell                 ? 
_entity_src_gen.pdbx_gene_src_cellular_location    ? 
_entity_src_gen.host_org_common_name               ? 
_entity_src_gen.pdbx_host_org_scientific_name      'Escherichia coli' 
_entity_src_gen.pdbx_host_org_ncbi_taxonomy_id     562 
_entity_src_gen.host_org_genus                     ? 
_entity_src_gen.pdbx_host_org_gene                 ? 
_entity_src_gen.pdbx_host_org_organ                ? 
_entity_src_gen.host_org_species                   ? 
_entity_src_gen.pdbx_host_org_tissue               ? 
_entity_src_gen.pdbx_host_org_tissue_fraction      ? 
_entity_src_gen.pdbx_host_org_strain               BL21 
_entity_src_gen.pdbx_host_org_variant              ? 
_entity_src_gen.pdbx_host_org_cell_line            ? 
_entity_src_gen.pdbx_host_org_atcc                 ? 
_entity_src_gen.pdbx_host_org_culture_collection   ? 
_entity_src_gen.pdbx_host_org_cell                 ? 
_entity_src_gen.pdbx_host_org_organelle            ? 
_entity_src_gen.pdbx_host_org_cellular_location    ? 
_entity_src_gen.pdbx_host_org_vector_type          Plasmid 
_entity_src_gen.pdbx_host_org_vector               ? 
_entity_src_gen.host_org_details                   ? 
_entity_src_gen.expression_system_id               ? 
_entity_src_gen.plasmid_name                       pGEX-4T-2 
_entity_src_gen.plasmid_details                    ? 
_entity_src_gen.pdbx_description                   ? 
# 
_struct_ref.id                         1 
_struct_ref.db_name                    UNP 
_struct_ref.db_code                    Q16LC3_AEDAE 
_struct_ref.pdbx_db_accession          Q16LC3 
_struct_ref.entity_id                  1 
_struct_ref.pdbx_seq_one_letter_code   
;MALKTDQILDKLNEKLAQVDRSKRSFTVILFVHLRQEGKVVRSVVLDFNDLKISEIELAVTSTADYPAERIDASITIDDN
DFYLVATKETSFAALIEQGKVDITGNKQAFITLDEKFRNK
;
_struct_ref.pdbx_align_begin           1 
_struct_ref.pdbx_db_isoform            ? 
# 
_struct_ref_seq.align_id                      1 
_struct_ref_seq.ref_id                        1 
_struct_ref_seq.pdbx_PDB_id_code              3BKR 
_struct_ref_seq.pdbx_strand_id                A 
_struct_ref_seq.seq_align_beg                 7 
_struct_ref_seq.pdbx_seq_align_beg_ins_code   ? 
_struct_ref_seq.seq_align_end                 126 
_struct_ref_seq.pdbx_seq_align_end_ins_code   ? 
_struct_ref_seq.pdbx_db_accession             Q16LC3 
_struct_ref_seq.db_align_beg                  1 
_struct_ref_seq.pdbx_db_align_beg_ins_code    ? 
_struct_ref_seq.db_align_end                  120 
_struct_ref_seq.pdbx_db_align_end_ins_code    ? 
_struct_ref_seq.pdbx_auth_seq_align_beg       1 
_struct_ref_seq.pdbx_auth_seq_align_end       120 
# 
loop_
_struct_ref_seq_dif.align_id 
_struct_ref_seq_dif.pdbx_pdb_id_code 
_struct_ref_seq_dif.mon_id 
_struct_ref_seq_dif.pdbx_pdb_strand_id 
_struct_ref_seq_dif.seq_num 
_struct_ref_seq_dif.pdbx_pdb_ins_code 
_struct_ref_seq_dif.pdbx_seq_db_name 
_struct_ref_seq_dif.pdbx_seq_db_accession_code 
_struct_ref_seq_dif.db_mon_id 
_struct_ref_seq_dif.pdbx_seq_db_seq_num 
_struct_ref_seq_dif.details 
_struct_ref_seq_dif.pdbx_auth_seq_num 
_struct_ref_seq_dif.pdbx_ordinal 
1 3BKR GLY A 1   ? UNP Q16LC3 ?   ?   'expression tag' -5  1 
1 3BKR SER A 2   ? UNP Q16LC3 ?   ?   'expression tag' -4  2 
1 3BKR PRO A 3   ? UNP Q16LC3 ?   ?   'expression tag' -3  3 
1 3BKR GLY A 4   ? UNP Q16LC3 ?   ?   'expression tag' -2  4 
1 3BKR ILE A 5   ? UNP Q16LC3 ?   ?   'expression tag' -1  5 
1 3BKR ARG A 6   ? UNP Q16LC3 ?   ?   'expression tag' 0   6 
1 3BKR LEU A 117 ? UNP Q16LC3 ILE 111 conflict         111 7 
# 
loop_
_chem_comp.id 
_chem_comp.type 
_chem_comp.mon_nstd_flag 
_chem_comp.name 
_chem_comp.pdbx_synonyms 
_chem_comp.formula 
_chem_comp.formula_weight 
ALA 'L-peptide linking' y ALANINE         ? 'C3 H7 N O2'     89.093  
ARG 'L-peptide linking' y ARGININE        ? 'C6 H15 N4 O2 1' 175.209 
ASN 'L-peptide linking' y ASPARAGINE      ? 'C4 H8 N2 O3'    132.118 
ASP 'L-peptide linking' y 'ASPARTIC ACID' ? 'C4 H7 N O4'     133.103 
GLN 'L-peptide linking' y GLUTAMINE       ? 'C5 H10 N2 O3'   146.144 
GLU 'L-peptide linking' y 'GLUTAMIC ACID' ? 'C5 H9 N O4'     147.129 
GLY 'peptide linking'   y GLYCINE         ? 'C2 H5 N O2'     75.067  
HIS 'L-peptide linking' y HISTIDINE       ? 'C6 H10 N3 O2 1' 156.162 
HOH non-polymer         . WATER           ? 'H2 O'           18.015  
ILE 'L-peptide linking' y ISOLEUCINE      ? 'C6 H13 N O2'    131.173 
LEU 'L-peptide linking' y LEUCINE         ? 'C6 H13 N O2'    131.173 
LYS 'L-peptide linking' y LYSINE          ? 'C6 H15 N2 O2 1' 147.195 
MET 'L-peptide linking' y METHIONINE      ? 'C5 H11 N O2 S'  149.211 
PHE 'L-peptide linking' y PHENYLALANINE   ? 'C9 H11 N O2'    165.189 
PLM non-polymer         . 'PALMITIC ACID' ? 'C16 H32 O2'     256.424 
PRO 'L-peptide linking' y PROLINE         ? 'C5 H9 N O2'     115.130 
SER 'L-peptide linking' y SERINE          ? 'C3 H7 N O3'     105.093 
THR 'L-peptide linking' y THREONINE       ? 'C4 H9 N O3'     119.119 
TYR 'L-peptide linking' y TYROSINE        ? 'C9 H11 N O3'    181.189 
VAL 'L-peptide linking' y VALINE          ? 'C5 H11 N O2'    117.146 
# 
_exptl.crystals_number   1 
_exptl.entry_id          3BKR 
_exptl.method            'X-RAY DIFFRACTION' 
# 
_exptl_crystal.id                    1 
_exptl_crystal.density_Matthews      2.74 
_exptl_crystal.density_meas          ? 
_exptl_crystal.density_percent_sol   55.09 
_exptl_crystal.description           ? 
_exptl_crystal.F_000                 ? 
_exptl_crystal.preparation           ? 
# 
_exptl_crystal_grow.crystal_id      1 
_exptl_crystal_grow.method          'VAPOR DIFFUSION, HANGING DROP' 
_exptl_crystal_grow.pH              7.5 
_exptl_crystal_grow.temp            296 
_exptl_crystal_grow.temp_details    ? 
_exptl_crystal_grow.pdbx_details    
;2 microl protein at 10mg/ml was mixed with 2microl mother liquor consisting of 25% Peg 8000, 200mM AmSO4, 200mM AmF, pH 7.5, VAPOR DIFFUSION, HANGING DROP, temperature 296K
;
_exptl_crystal_grow.pdbx_pH_range   ? 
# 
_diffrn.id                     1 
_diffrn.ambient_temp           93 
_diffrn.ambient_temp_details   ? 
_diffrn.crystal_id             1 
# 
_diffrn_detector.diffrn_id              1 
_diffrn_detector.detector               CCD 
_diffrn_detector.type                   'MARMOSAIC 225 mm CCD' 
_diffrn_detector.pdbx_collection_date   2006-10-28 
_diffrn_detector.details                ? 
# 
_diffrn_radiation.diffrn_id                        1 
_diffrn_radiation.wavelength_id                    1 
_diffrn_radiation.pdbx_diffrn_protocol             'SINGLE WAVELENGTH' 
_diffrn_radiation.monochromator                    'Si(111) crystal monochromator' 
_diffrn_radiation.pdbx_monochromatic_or_laue_m_l   M 
_diffrn_radiation.pdbx_scattering_type             x-ray 
# 
_diffrn_radiation_wavelength.id           1 
_diffrn_radiation_wavelength.wavelength   0.90 
_diffrn_radiation_wavelength.wt           1.0 
# 
_diffrn_source.diffrn_id                   1 
_diffrn_source.source                      SYNCHROTRON 
_diffrn_source.type                        'APS BEAMLINE 21-ID-D' 
_diffrn_source.pdbx_wavelength             ? 
_diffrn_source.pdbx_wavelength_list        0.90 
_diffrn_source.pdbx_synchrotron_site       APS 
_diffrn_source.pdbx_synchrotron_beamline   21-ID-D 
# 
_reflns.entry_id                     3BKR 
_reflns.observed_criterion_sigma_F   ? 
_reflns.observed_criterion_sigma_I   ? 
_reflns.d_resolution_high            1.4 
_reflns.d_resolution_low             25 
_reflns.number_all                   ? 
_reflns.number_obs                   30511 
_reflns.percent_possible_obs         98.3 
_reflns.pdbx_Rmerge_I_obs            ? 
_reflns.pdbx_Rsym_value              0.062 
_reflns.pdbx_netI_over_sigmaI        23.3 
_reflns.B_iso_Wilson_estimate        14.8 
_reflns.pdbx_redundancy              7.4 
_reflns.R_free_details               ? 
_reflns.limit_h_max                  ? 
_reflns.limit_h_min                  ? 
_reflns.limit_k_max                  ? 
_reflns.limit_k_min                  ? 
_reflns.limit_l_max                  ? 
_reflns.limit_l_min                  ? 
_reflns.observed_criterion_F_max     ? 
_reflns.observed_criterion_F_min     ? 
_reflns.pdbx_chi_squared             ? 
_reflns.pdbx_scaling_rejects         ? 
_reflns.pdbx_diffrn_id               1 
_reflns.pdbx_ordinal                 1 
# 
_reflns_shell.d_res_high             1.40 
_reflns_shell.d_res_low              1.45 
_reflns_shell.percent_possible_obs   ? 
_reflns_shell.percent_possible_all   96.9 
_reflns_shell.Rmerge_I_obs           ? 
_reflns_shell.meanI_over_sigI_obs    6.2 
_reflns_shell.pdbx_Rsym_value        0.30 
_reflns_shell.pdbx_redundancy        6.9 
_reflns_shell.number_unique_all      2946 
_reflns_shell.number_measured_all    ? 
_reflns_shell.number_measured_obs    ? 
_reflns_shell.number_unique_obs      ? 
_reflns_shell.pdbx_chi_squared       ? 
_reflns_shell.pdbx_diffrn_id         ? 
_reflns_shell.pdbx_ordinal           1 
# 
_refine.entry_id                                 3BKR 
_refine.ls_d_res_high                            1.400 
_refine.ls_d_res_low                             25.000 
_refine.pdbx_ls_sigma_F                          0.00 
_refine.ls_percent_reflns_obs                    98.330 
_refine.ls_number_reflns_obs                     30499 
_refine.pdbx_ls_cross_valid_method               THROUGHOUT 
_refine.pdbx_R_Free_selection_details            RANDOM 
_refine.details                                  ? 
_refine.ls_R_factor_obs                          0.188 
_refine.ls_R_factor_R_work                       0.186 
_refine.ls_R_factor_R_free                       0.219 
_refine.ls_percent_reflns_R_free                 5.000 
_refine.ls_number_reflns_R_free                  1539 
_refine.B_iso_mean                               17.419 
_refine.aniso_B[1][1]                            -0.010 
_refine.aniso_B[2][2]                            -0.010 
_refine.aniso_B[3][3]                            0.020 
_refine.aniso_B[1][2]                            -0.010 
_refine.aniso_B[1][3]                            0.000 
_refine.aniso_B[2][3]                            0.000 
_refine.correlation_coeff_Fo_to_Fc               0.963 
_refine.correlation_coeff_Fo_to_Fc_free          0.950 
_refine.pdbx_overall_ESU_R                       0.058 
_refine.pdbx_overall_ESU_R_Free                  0.063 
_refine.overall_SU_ML                            0.037 
_refine.overall_SU_B                             0.910 
_refine.solvent_model_details                    'BABINET MODEL WITH MASK' 
_refine.pdbx_solvent_vdw_probe_radii             1.400 
_refine.pdbx_solvent_ion_probe_radii             0.800 
_refine.pdbx_solvent_shrinkage_radii             0.800 
_refine.pdbx_method_to_determine_struct          'MOLECULAR REPLACEMENT' 
_refine.pdbx_stereochemistry_target_values       'MAXIMUM LIKELIHOOD' 
_refine.pdbx_ls_sigma_I                          ? 
_refine.ls_number_reflns_all                     32038 
_refine.ls_R_factor_all                          ? 
_refine.ls_redundancy_reflns_obs                 ? 
_refine.pdbx_data_cutoff_high_absF               ? 
_refine.pdbx_data_cutoff_low_absF                ? 
_refine.ls_number_parameters                     ? 
_refine.ls_number_restraints                     ? 
_refine.ls_R_factor_R_free_error                 ? 
_refine.ls_R_factor_R_free_error_details         ? 
_refine.pdbx_starting_model                      'Polyalanine model derived from 1PZ4' 
_refine.pdbx_stereochem_target_val_spec_case     ? 
_refine.solvent_model_param_bsol                 ? 
_refine.solvent_model_param_ksol                 ? 
_refine.occupancy_max                            ? 
_refine.occupancy_min                            ? 
_refine.pdbx_isotropic_thermal_model             ? 
_refine.B_iso_min                                ? 
_refine.B_iso_max                                ? 
_refine.overall_SU_R_Cruickshank_DPI             ? 
_refine.overall_SU_R_free                        ? 
_refine.pdbx_data_cutoff_high_rms_absF           ? 
_refine.ls_wR_factor_R_free                      ? 
_refine.ls_wR_factor_R_work                      ? 
_refine.overall_FOM_free_R_set                   ? 
_refine.overall_FOM_work_R_set                   ? 
_refine.pdbx_overall_phase_error                 ? 
_refine.pdbx_refine_id                           'X-RAY DIFFRACTION' 
_refine.pdbx_diffrn_id                           1 
_refine.pdbx_TLS_residual_ADP_flag               ? 
_refine.pdbx_overall_SU_R_free_Cruickshank_DPI   ? 
_refine.pdbx_overall_SU_R_Blow_DPI               ? 
_refine.pdbx_overall_SU_R_free_Blow_DPI          ? 
# 
_refine_analyze.entry_id                        3BKR 
_refine_analyze.Luzzati_coordinate_error_obs    0.058 
_refine_analyze.Luzzati_sigma_a_obs             ? 
_refine_analyze.Luzzati_d_res_low_obs           ? 
_refine_analyze.Luzzati_coordinate_error_free   0.063 
_refine_analyze.Luzzati_sigma_a_free            ? 
_refine_analyze.Luzzati_d_res_low_free          ? 
_refine_analyze.number_disordered_residues      ? 
_refine_analyze.occupancy_sum_non_hydrogen      ? 
_refine_analyze.occupancy_sum_hydrogen          ? 
_refine_analyze.pdbx_Luzzati_d_res_high_obs     ? 
_refine_analyze.pdbx_refine_id                  'X-RAY DIFFRACTION' 
# 
_refine_hist.pdbx_refine_id                   'X-RAY DIFFRACTION' 
_refine_hist.cycle_id                         LAST 
_refine_hist.pdbx_number_atoms_protein        974 
_refine_hist.pdbx_number_atoms_nucleic_acid   0 
_refine_hist.pdbx_number_atoms_ligand         18 
_refine_hist.number_atoms_solvent             168 
_refine_hist.number_atoms_total               1160 
_refine_hist.d_res_high                       1.400 
_refine_hist.d_res_low                        25.000 
# 
loop_
_refine_ls_restr.type 
_refine_ls_restr.number 
_refine_ls_restr.dev_ideal 
_refine_ls_restr.dev_ideal_target 
_refine_ls_restr.weight 
_refine_ls_restr.pdbx_refine_id 
_refine_ls_restr.pdbx_restraint_function 
r_bond_refined_d         1001 0.009  0.022  ? 'X-RAY DIFFRACTION' ? 
r_angle_refined_deg      1346 1.185  1.982  ? 'X-RAY DIFFRACTION' ? 
r_dihedral_angle_1_deg   118  5.468  5.000  ? 'X-RAY DIFFRACTION' ? 
r_dihedral_angle_2_deg   49   31.292 25.102 ? 'X-RAY DIFFRACTION' ? 
r_dihedral_angle_3_deg   195  12.005 15.000 ? 'X-RAY DIFFRACTION' ? 
r_dihedral_angle_4_deg   7    19.924 15.000 ? 'X-RAY DIFFRACTION' ? 
r_chiral_restr           165  0.079  0.200  ? 'X-RAY DIFFRACTION' ? 
r_gen_planes_refined     714  0.004  0.020  ? 'X-RAY DIFFRACTION' ? 
r_nbd_refined            445  0.220  0.300  ? 'X-RAY DIFFRACTION' ? 
r_nbtor_refined          718  0.317  0.500  ? 'X-RAY DIFFRACTION' ? 
r_xyhbond_nbd_refined    211  0.162  0.500  ? 'X-RAY DIFFRACTION' ? 
r_symmetry_vdw_refined   45   0.206  0.300  ? 'X-RAY DIFFRACTION' ? 
r_symmetry_hbond_refined 56   0.187  0.500  ? 'X-RAY DIFFRACTION' ? 
r_mcbond_it              610  1.131  2.000  ? 'X-RAY DIFFRACTION' ? 
r_mcangle_it             981  1.805  3.000  ? 'X-RAY DIFFRACTION' ? 
r_scbond_it              419  1.390  2.000  ? 'X-RAY DIFFRACTION' ? 
r_scangle_it             365  2.087  3.000  ? 'X-RAY DIFFRACTION' ? 
# 
_refine_ls_shell.d_res_high                       1.40 
_refine_ls_shell.d_res_low                        1.437 
_refine_ls_shell.pdbx_total_number_of_bins_used   20 
_refine_ls_shell.percent_reflns_obs               96.810 
_refine_ls_shell.number_reflns_R_work             2034 
_refine_ls_shell.R_factor_all                     ? 
_refine_ls_shell.R_factor_R_work                  0.214 
_refine_ls_shell.R_factor_R_free                  0.251 
_refine_ls_shell.percent_reflns_R_free            ? 
_refine_ls_shell.number_reflns_R_free             120 
_refine_ls_shell.R_factor_R_free_error            ? 
_refine_ls_shell.number_reflns_all                2154 
_refine_ls_shell.number_reflns_obs                2034 
_refine_ls_shell.redundancy_reflns_obs            ? 
_refine_ls_shell.pdbx_refine_id                   'X-RAY DIFFRACTION' 
# 
_struct.entry_id                  3BKR 
_struct.title                     'Crystal Structure of Sterol Carrier Protein-2 like-3 (SCP2-L3) from Aedes Aegypti' 
_struct.pdbx_model_details        ? 
_struct.pdbx_CASP_flag            ? 
_struct.pdbx_model_type_details   ? 
# 
_struct_keywords.entry_id        3BKR 
_struct_keywords.pdbx_keywords   'LIPID BINDING PROTEIN' 
_struct_keywords.text            'Sterol Carrier, Mosquito, Fatty Acid, Palmitic acid, cholesterol, LIPID BINDING PROTEIN' 
# 
loop_
_struct_asym.id 
_struct_asym.pdbx_blank_PDB_chainid_flag 
_struct_asym.pdbx_modified 
_struct_asym.entity_id 
_struct_asym.details 
A N N 1 ? 
B N N 2 ? 
C N N 3 ? 
# 
_struct_biol.id        1 
_struct_biol.details   ? 
# 
loop_
_struct_conf.conf_type_id 
_struct_conf.id 
_struct_conf.pdbx_PDB_helix_id 
_struct_conf.beg_label_comp_id 
_struct_conf.beg_label_asym_id 
_struct_conf.beg_label_seq_id 
_struct_conf.pdbx_beg_PDB_ins_code 
_struct_conf.end_label_comp_id 
_struct_conf.end_label_asym_id 
_struct_conf.end_label_seq_id 
_struct_conf.pdbx_end_PDB_ins_code 
_struct_conf.beg_auth_comp_id 
_struct_conf.beg_auth_asym_id 
_struct_conf.beg_auth_seq_id 
_struct_conf.end_auth_comp_id 
_struct_conf.end_auth_asym_id 
_struct_conf.end_auth_seq_id 
_struct_conf.pdbx_PDB_helix_class 
_struct_conf.details 
_struct_conf.pdbx_PDB_helix_length 
HELX_P HELX_P1 1 LEU A 9   ? GLN A 13  ? LEU A 3   GLN A 7   5 ? 5  
HELX_P HELX_P2 2 ILE A 14  ? VAL A 25  ? ILE A 8   VAL A 19  1 ? 12 
HELX_P HELX_P3 3 PRO A 73  ? ILE A 77  ? PRO A 67  ILE A 71  5 ? 5  
HELX_P HELX_P4 4 ASP A 85  ? THR A 93  ? ASP A 79  THR A 87  1 ? 9  
HELX_P HELX_P5 5 SER A 97  ? GLN A 104 ? SER A 91  GLN A 98  1 ? 8  
HELX_P HELX_P6 6 ASN A 112 ? ARG A 124 ? ASN A 106 ARG A 118 1 ? 13 
# 
_struct_conf_type.id          HELX_P 
_struct_conf_type.criteria    ? 
_struct_conf_type.reference   ? 
# 
_struct_sheet.id               A 
_struct_sheet.type             ? 
_struct_sheet.number_strands   5 
_struct_sheet.details          ? 
# 
loop_
_struct_sheet_order.sheet_id 
_struct_sheet_order.range_id_1 
_struct_sheet_order.range_id_2 
_struct_sheet_order.offset 
_struct_sheet_order.sense 
A 1 2 ? anti-parallel 
A 2 3 ? anti-parallel 
A 3 4 ? parallel      
A 4 5 ? anti-parallel 
# 
loop_
_struct_sheet_range.sheet_id 
_struct_sheet_range.id 
_struct_sheet_range.beg_label_comp_id 
_struct_sheet_range.beg_label_asym_id 
_struct_sheet_range.beg_label_seq_id 
_struct_sheet_range.pdbx_beg_PDB_ins_code 
_struct_sheet_range.end_label_comp_id 
_struct_sheet_range.end_label_asym_id 
_struct_sheet_range.end_label_seq_id 
_struct_sheet_range.pdbx_end_PDB_ins_code 
_struct_sheet_range.beg_auth_comp_id 
_struct_sheet_range.beg_auth_asym_id 
_struct_sheet_range.beg_auth_seq_id 
_struct_sheet_range.end_auth_comp_id 
_struct_sheet_range.end_auth_asym_id 
_struct_sheet_range.end_auth_seq_id 
A 1 LYS A 58  ? ILE A 62  ? LYS A 52  ILE A 56  
A 2 LYS A 45  ? ASP A 53  ? LYS A 39  ASP A 47  
A 3 ILE A 35  ? GLN A 42  ? ILE A 29  GLN A 36  
A 4 ALA A 79  ? ASP A 84  ? ALA A 73  ASP A 78  
A 5 ASP A 108 ? GLY A 111 ? ASP A 102 GLY A 105 
# 
loop_
_pdbx_struct_sheet_hbond.sheet_id 
_pdbx_struct_sheet_hbond.range_id_1 
_pdbx_struct_sheet_hbond.range_id_2 
_pdbx_struct_sheet_hbond.range_1_label_atom_id 
_pdbx_struct_sheet_hbond.range_1_label_comp_id 
_pdbx_struct_sheet_hbond.range_1_label_asym_id 
_pdbx_struct_sheet_hbond.range_1_label_seq_id 
_pdbx_struct_sheet_hbond.range_1_PDB_ins_code 
_pdbx_struct_sheet_hbond.range_1_auth_atom_id 
_pdbx_struct_sheet_hbond.range_1_auth_comp_id 
_pdbx_struct_sheet_hbond.range_1_auth_asym_id 
_pdbx_struct_sheet_hbond.range_1_auth_seq_id 
_pdbx_struct_sheet_hbond.range_2_label_atom_id 
_pdbx_struct_sheet_hbond.range_2_label_comp_id 
_pdbx_struct_sheet_hbond.range_2_label_asym_id 
_pdbx_struct_sheet_hbond.range_2_label_seq_id 
_pdbx_struct_sheet_hbond.range_2_PDB_ins_code 
_pdbx_struct_sheet_hbond.range_2_auth_atom_id 
_pdbx_struct_sheet_hbond.range_2_auth_comp_id 
_pdbx_struct_sheet_hbond.range_2_auth_asym_id 
_pdbx_struct_sheet_hbond.range_2_auth_seq_id 
A 1 2 O LYS A 58 ? O LYS A 52 N ASP A 53  ? N ASP A 47  
A 2 3 O ARG A 48 ? O ARG A 42 N LEU A 40  ? N LEU A 34  
A 3 4 N HIS A 39 ? N HIS A 33 O ILE A 81  ? O ILE A 75  
A 4 5 N THR A 82 ? N THR A 76 O ASP A 108 ? O ASP A 102 
# 
_struct_site.id                   AC1 
_struct_site.pdbx_evidence_code   Software 
_struct_site.pdbx_auth_asym_id    A 
_struct_site.pdbx_auth_comp_id    PLM 
_struct_site.pdbx_auth_seq_id     300 
_struct_site.pdbx_auth_ins_code   ? 
_struct_site.pdbx_num_residues    5 
_struct_site.details              'BINDING SITE FOR RESIDUE PLM A 300' 
# 
loop_
_struct_site_gen.id 
_struct_site_gen.site_id 
_struct_site_gen.pdbx_num_res 
_struct_site_gen.label_comp_id 
_struct_site_gen.label_asym_id 
_struct_site_gen.label_seq_id 
_struct_site_gen.pdbx_auth_ins_code 
_struct_site_gen.auth_comp_id 
_struct_site_gen.auth_asym_id 
_struct_site_gen.auth_seq_id 
_struct_site_gen.label_atom_id 
_struct_site_gen.label_alt_id 
_struct_site_gen.symmetry 
_struct_site_gen.details 
1 AC1 5 ARG A 30 ? ARG A 24  . ? 1_555 ? 
2 AC1 5 SER A 31 ? SER A 25  . ? 1_555 ? 
3 AC1 5 PHE A 32 ? PHE A 26  . ? 1_555 ? 
4 AC1 5 PHE A 54 ? PHE A 48  . ? 1_555 ? 
5 AC1 5 HOH C .  ? HOH A 397 . ? 1_555 ? 
# 
_atom_sites.entry_id                    3BKR 
_atom_sites.fract_transf_matrix[1][1]   -0.01528874 
_atom_sites.fract_transf_matrix[1][2]   -0.00772294 
_atom_sites.fract_transf_matrix[1][3]   0.00652865 
_atom_sites.fract_transf_matrix[2][1]   -0.01542085 
_atom_sites.fract_transf_matrix[2][2]   0.00040574 
_atom_sites.fract_transf_matrix[2][3]   -0.00990058 
_atom_sites.fract_transf_matrix[3][1]   0.00374151 
_atom_sites.fract_transf_matrix[3][2]   -0.01277597 
_atom_sites.fract_transf_matrix[3][3]   -0.00635124 
_atom_sites.fract_transf_vector[1]      0.227640 
_atom_sites.fract_transf_vector[2]      -0.257781 
_atom_sites.fract_transf_vector[3]      -0.072031 
# 
loop_
_atom_type.symbol 
C 
N 
O 
# 
loop_
_atom_site.group_PDB 
_atom_site.id 
_atom_site.type_symbol 
_atom_site.label_atom_id 
_atom_site.label_alt_id 
_atom_site.label_comp_id 
_atom_site.label_asym_id 
_atom_site.label_entity_id 
_atom_site.label_seq_id 
_atom_site.pdbx_PDB_ins_code 
_atom_site.Cartn_x 
_atom_site.Cartn_y 
_atom_site.Cartn_z 
_atom_site.occupancy 
_atom_site.B_iso_or_equiv 
_atom_site.pdbx_formal_charge 
_atom_site.auth_seq_id 
_atom_site.auth_comp_id 
_atom_site.auth_asym_id 
_atom_site.auth_atom_id 
_atom_site.pdbx_PDB_model_num 
ATOM   1    N N   . ALA A 1 8   ? -3.911  -1.717  -17.183 1.00 29.89 ? 2   ALA A N   1 
ATOM   2    C CA  . ALA A 1 8   ? -4.129  -3.158  -16.846 1.00 28.85 ? 2   ALA A CA  1 
ATOM   3    C C   . ALA A 1 8   ? -2.997  -3.714  -15.982 1.00 27.62 ? 2   ALA A C   1 
ATOM   4    O O   . ALA A 1 8   ? -1.956  -4.140  -16.491 1.00 28.37 ? 2   ALA A O   1 
ATOM   5    C CB  . ALA A 1 8   ? -4.272  -3.977  -18.108 1.00 29.79 ? 2   ALA A CB  1 
ATOM   6    N N   . LEU A 1 9   ? -3.213  -3.722  -14.673 1.00 25.69 ? 3   LEU A N   1 
ATOM   7    C CA  . LEU A 1 9   ? -2.202  -4.215  -13.749 1.00 22.71 ? 3   LEU A CA  1 
ATOM   8    C C   . LEU A 1 9   ? -2.595  -5.568  -13.209 1.00 20.37 ? 3   LEU A C   1 
ATOM   9    O O   . LEU A 1 9   ? -3.774  -5.867  -13.053 1.00 19.03 ? 3   LEU A O   1 
ATOM   10   C CB  . LEU A 1 9   ? -2.018  -3.260  -12.563 1.00 24.81 ? 3   LEU A CB  1 
ATOM   11   C CG  . LEU A 1 9   ? -1.526  -1.831  -12.788 1.00 26.36 ? 3   LEU A CG  1 
ATOM   12   C CD1 . LEU A 1 9   ? -0.596  -1.424  -11.663 1.00 27.52 ? 3   LEU A CD1 1 
ATOM   13   C CD2 . LEU A 1 9   ? -0.813  -1.679  -14.123 1.00 27.12 ? 3   LEU A CD2 1 
ATOM   14   N N   . LYS A 1 10  ? -1.598  -6.383  -12.892 1.00 18.02 ? 4   LYS A N   1 
ATOM   15   C CA  . LYS A 1 10  ? -1.837  -7.619  -12.181 1.00 17.66 ? 4   LYS A CA  1 
ATOM   16   C C   . LYS A 1 10  ? -2.564  -7.328  -10.862 1.00 16.48 ? 4   LYS A C   1 
ATOM   17   O O   . LYS A 1 10  ? -3.444  -8.074  -10.437 1.00 16.09 ? 4   LYS A O   1 
ATOM   18   C CB  . LYS A 1 10  ? -0.516  -8.331  -11.913 1.00 18.31 ? 4   LYS A CB  1 
ATOM   19   C CG  . LYS A 1 10  ? -0.649  -9.611  -11.151 1.00 20.20 ? 4   LYS A CG  1 
ATOM   20   C CD  . LYS A 1 10  ? -1.394  -10.645 -11.971 1.00 21.42 ? 4   LYS A CD  1 
ATOM   21   C CE  . LYS A 1 10  ? -1.407  -11.967 -11.249 1.00 22.77 ? 4   LYS A CE  1 
ATOM   22   N NZ  . LYS A 1 10  ? -2.182  -12.992 -12.008 1.00 23.84 ? 4   LYS A NZ  1 
ATOM   23   N N   . THR A 1 11  ? -2.169  -6.232  -10.217 1.00 15.72 ? 5   THR A N   1 
ATOM   24   C CA  . THR A 1 11  ? -2.771  -5.781  -8.967  1.00 16.02 ? 5   THR A CA  1 
ATOM   25   C C   . THR A 1 11  ? -4.295  -5.574  -9.071  1.00 16.39 ? 5   THR A C   1 
ATOM   26   O O   . THR A 1 11  ? -5.014  -5.747  -8.091  1.00 15.85 ? 5   THR A O   1 
ATOM   27   C CB  . THR A 1 11  ? -2.037  -4.524  -8.469  1.00 15.23 ? 5   THR A CB  1 
ATOM   28   O OG1 . THR A 1 11  ? -0.735  -4.915  -7.997  1.00 14.98 ? 5   THR A OG1 1 
ATOM   29   C CG2 . THR A 1 11  ? -2.789  -3.849  -7.338  1.00 15.50 ? 5   THR A CG2 1 
ATOM   30   N N   . ASP A 1 12  ? -4.788  -5.263  -10.269 1.00 17.15 ? 6   ASP A N   1 
ATOM   31   C CA  . ASP A 1 12  ? -6.237  -5.120  -10.465 1.00 18.91 ? 6   ASP A CA  1 
ATOM   32   C C   . ASP A 1 12  ? -7.004  -6.367  -10.055 1.00 19.13 ? 6   ASP A C   1 
ATOM   33   O O   . ASP A 1 12  ? -8.143  -6.283  -9.639  1.00 19.90 ? 6   ASP A O   1 
ATOM   34   C CB  . ASP A 1 12  ? -6.561  -4.765  -11.917 1.00 20.73 ? 6   ASP A CB  1 
ATOM   35   C CG  . ASP A 1 12  ? -6.188  -3.342  -12.263 1.00 22.49 ? 6   ASP A CG  1 
ATOM   36   O OD1 . ASP A 1 12  ? -6.197  -2.486  -11.347 1.00 24.66 ? 6   ASP A OD1 1 
ATOM   37   O OD2 . ASP A 1 12  ? -5.894  -3.071  -13.446 1.00 24.85 ? 6   ASP A OD2 1 
ATOM   38   N N   . GLN A 1 13  ? -6.369  -7.527  -10.154 1.00 17.45 ? 7   GLN A N   1 
ATOM   39   C CA  . GLN A 1 13  ? -7.032  -8.788  -9.844  1.00 18.46 ? 7   GLN A CA  1 
ATOM   40   C C   . GLN A 1 13  ? -7.286  -9.023  -8.358  1.00 17.32 ? 7   GLN A C   1 
ATOM   41   O O   . GLN A 1 13  ? -8.031  -9.923  -7.983  1.00 18.83 ? 7   GLN A O   1 
ATOM   42   C CB  . GLN A 1 13  ? -6.231  -9.955  -10.423 1.00 19.84 ? 7   GLN A CB  1 
ATOM   43   C CG  . GLN A 1 13  ? -6.169  -9.925  -11.934 1.00 22.03 ? 7   GLN A CG  1 
ATOM   44   C CD  . GLN A 1 13  ? -5.227  -10.964 -12.499 1.00 23.07 ? 7   GLN A CD  1 
ATOM   45   O OE1 . GLN A 1 13  ? -5.016  -12.023 -11.902 1.00 24.07 ? 7   GLN A OE1 1 
ATOM   46   N NE2 . GLN A 1 13  ? -4.646  -10.661 -13.652 1.00 24.00 ? 7   GLN A NE2 1 
ATOM   47   N N   . ILE A 1 14  ? -6.656  -8.224  -7.494  1.00 15.58 ? 8   ILE A N   1 
ATOM   48   C CA  . ILE A 1 14  ? -6.813  -8.446  -6.062  1.00 15.22 ? 8   ILE A CA  1 
ATOM   49   C C   . ILE A 1 14  ? -7.515  -7.277  -5.341  1.00 14.10 ? 8   ILE A C   1 
ATOM   50   O O   . ILE A 1 14  ? -7.842  -7.380  -4.167  1.00 14.30 ? 8   ILE A O   1 
ATOM   51   C CB  . ILE A 1 14  ? -5.435  -8.766  -5.389  1.00 14.79 ? 8   ILE A CB  1 
ATOM   52   C CG1 . ILE A 1 14  ? -5.627  -9.515  -4.068  1.00 15.45 ? 8   ILE A CG1 1 
ATOM   53   C CG2 . ILE A 1 14  ? -4.577  -7.491  -5.249  1.00 15.21 ? 8   ILE A CG2 1 
ATOM   54   C CD1 . ILE A 1 14  ? -6.400  -10.818 -4.189  1.00 15.49 ? 8   ILE A CD1 1 
ATOM   55   N N   . LEU A 1 15  ? -7.773  -6.197  -6.063  1.00 14.58 ? 9   LEU A N   1 
ATOM   56   C CA  . LEU A 1 15  ? -8.376  -5.009  -5.450  1.00 16.10 ? 9   LEU A CA  1 
ATOM   57   C C   . LEU A 1 15  ? -9.742  -5.276  -4.825  1.00 16.81 ? 9   LEU A C   1 
ATOM   58   O O   . LEU A 1 15  ? -10.039 -4.769  -3.751  1.00 16.21 ? 9   LEU A O   1 
ATOM   59   C CB  . LEU A 1 15  ? -8.420  -3.836  -6.428  1.00 17.29 ? 9   LEU A CB  1 
ATOM   60   C CG  . LEU A 1 15  ? -7.031  -3.300  -6.801  1.00 18.52 ? 9   LEU A CG  1 
ATOM   61   C CD1 . LEU A 1 15  ? -7.129  -2.124  -7.770  1.00 19.61 ? 9   LEU A CD1 1 
ATOM   62   C CD2 . LEU A 1 15  ? -6.236  -2.916  -5.545  1.00 19.70 ? 9   LEU A CD2 1 
ATOM   63   N N   . ASP A 1 16  ? -10.576 -6.085  -5.484  1.00 15.38 ? 10  ASP A N   1 
ATOM   64   C CA  . ASP A 1 16  ? -11.886 -6.405  -4.911  1.00 16.14 ? 10  ASP A CA  1 
ATOM   65   C C   . ASP A 1 16  ? -11.752 -7.102  -3.570  1.00 14.90 ? 10  ASP A C   1 
ATOM   66   O O   . ASP A 1 16  ? -12.441 -6.757  -2.619  1.00 14.67 ? 10  ASP A O   1 
ATOM   67   C CB  . ASP A 1 16  ? -12.728 -7.263  -5.864  1.00 17.26 ? 10  ASP A CB  1 
ATOM   68   C CG  . ASP A 1 16  ? -13.292 -6.471  -7.036  1.00 18.22 ? 10  ASP A CG  1 
ATOM   69   O OD1 . ASP A 1 16  ? -13.353 -5.218  -6.981  1.00 19.64 ? 10  ASP A OD1 1 
ATOM   70   O OD2 . ASP A 1 16  ? -13.713 -7.132  -8.016  1.00 21.71 ? 10  ASP A OD2 1 
ATOM   71   N N   . LYS A 1 17  ? -10.860 -8.091  -3.476  1.00 14.93 ? 11  LYS A N   1 
ATOM   72   C CA  . LYS A 1 17  ? -10.682 -8.808  -2.220  1.00 14.79 ? 11  LYS A CA  1 
ATOM   73   C C   . LYS A 1 17  ? -10.154 -7.880  -1.115  1.00 12.22 ? 11  LYS A C   1 
ATOM   74   O O   . LYS A 1 17  ? -10.577 -7.984  0.032   1.00 13.51 ? 11  LYS A O   1 
ATOM   75   C CB  . LYS A 1 17  ? -9.744  -10.020 -2.392  1.00 16.13 ? 11  LYS A CB  1 
ATOM   76   C CG  . LYS A 1 17  ? -9.705  -11.008 -1.200  1.00 16.94 ? 11  LYS A CG  1 
ATOM   77   C CD  . LYS A 1 17  ? -10.713 -12.169 -1.280  1.00 18.60 ? 11  LYS A CD  1 
ATOM   78   C CE  . LYS A 1 17  ? -10.414 -13.213 -0.175  1.00 18.04 ? 11  LYS A CE  1 
ATOM   79   N NZ  . LYS A 1 17  ? -11.368 -14.402 -0.127  1.00 18.03 ? 11  LYS A NZ  1 
ATOM   80   N N   . LEU A 1 18  ? -9.228  -6.985  -1.475  1.00 13.05 ? 12  LEU A N   1 
ATOM   81   C CA  . LEU A 1 18  ? -8.737  -6.033  -0.475  1.00 12.71 ? 12  LEU A CA  1 
ATOM   82   C C   . LEU A 1 18  ? -9.851  -5.116  0.026   1.00 11.82 ? 12  LEU A C   1 
ATOM   83   O O   . LEU A 1 18  ? -9.942  -4.836  1.212   1.00 12.36 ? 12  LEU A O   1 
ATOM   84   C CB  . LEU A 1 18  ? -7.583  -5.203  -1.032  1.00 13.14 ? 12  LEU A CB  1 
ATOM   85   C CG  . LEU A 1 18  ? -6.332  -5.983  -1.457  1.00 13.07 ? 12  LEU A CG  1 
ATOM   86   C CD1 . LEU A 1 18  ? -5.264  -5.012  -1.897  1.00 13.25 ? 12  LEU A CD1 1 
ATOM   87   C CD2 . LEU A 1 18  ? -5.820  -6.876  -0.326  1.00 13.67 ? 12  LEU A CD2 1 
ATOM   88   N N   . ASN A 1 19  ? -10.724 -4.708  -0.890  1.00 13.20 ? 13  ASN A N   1 
ATOM   89   C CA  . ASN A 1 19  ? -11.858 -3.871  -0.520  1.00 13.13 ? 13  ASN A CA  1 
ATOM   90   C C   . ASN A 1 19  ? -12.821 -4.599  0.385   1.00 12.45 ? 13  ASN A C   1 
ATOM   91   O O   . ASN A 1 19  ? -13.399 -4.015  1.281   1.00 13.18 ? 13  ASN A O   1 
ATOM   92   C CB  . ASN A 1 19  ? -12.560 -3.361  -1.767  1.00 14.11 ? 13  ASN A CB  1 
ATOM   93   C CG  . ASN A 1 19  ? -11.892 -2.136  -2.340  1.00 15.11 ? 13  ASN A CG  1 
ATOM   94   O OD1 . ASN A 1 19  ? -11.041 -1.514  -1.686  1.00 15.96 ? 13  ASN A OD1 1 
ATOM   95   N ND2 . ASN A 1 19  ? -12.258 -1.780  -3.560  1.00 16.65 ? 13  ASN A ND2 1 
ATOM   96   N N   . GLU A 1 20  ? -12.946 -5.904  0.169   1.00 13.49 ? 14  GLU A N   1 
ATOM   97   C CA  . GLU A 1 20  ? -13.752 -6.746  1.018   1.00 15.48 ? 14  GLU A CA  1 
ATOM   98   C C   . GLU A 1 20  ? -13.156 -6.805  2.439   1.00 13.94 ? 14  GLU A C   1 
ATOM   99   O O   . GLU A 1 20  ? -13.852 -6.670  3.437   1.00 15.61 ? 14  GLU A O   1 
ATOM   100  C CB  . GLU A 1 20  ? -13.823 -8.119  0.336   1.00 17.33 ? 14  GLU A CB  1 
ATOM   101  C CG  . GLU A 1 20  ? -14.729 -9.128  0.939   1.00 19.23 ? 14  GLU A CG  1 
ATOM   102  C CD  . GLU A 1 20  ? -14.522 -10.513 0.321   1.00 17.49 ? 14  GLU A CD  1 
ATOM   103  O OE1 . GLU A 1 20  ? -13.945 -10.621 -0.779  1.00 20.89 ? 14  GLU A OE1 1 
ATOM   104  O OE2 . GLU A 1 20  ? -14.980 -11.471 0.942   1.00 22.87 ? 14  GLU A OE2 1 
ATOM   105  N N   . LYS A 1 21  ? -11.838 -6.972  2.533   1.00 14.20 ? 15  LYS A N   1 
ATOM   106  C CA  . LYS A 1 21  ? -11.222 -6.978  3.851   1.00 13.67 ? 15  LYS A CA  1 
ATOM   107  C C   . LYS A 1 21  ? -11.380 -5.621  4.551   1.00 13.07 ? 15  LYS A C   1 
ATOM   108  O O   . LYS A 1 21  ? -11.632 -5.551  5.752   1.00 13.05 ? 15  LYS A O   1 
ATOM   109  C CB  . LYS A 1 21  ? -9.737  -7.337  3.748   1.00 14.65 ? 15  LYS A CB  1 
ATOM   110  C CG  . LYS A 1 21  ? -9.465  -8.716  3.170   1.00 14.28 ? 15  LYS A CG  1 
ATOM   111  C CD  . LYS A 1 21  ? -7.949  -8.917  3.021   1.00 14.12 ? 15  LYS A CD  1 
ATOM   112  C CE  . LYS A 1 21  ? -7.610  -10.253 2.351   1.00 14.42 ? 15  LYS A CE  1 
ATOM   113  N NZ  . LYS A 1 21  ? -7.892  -11.466 3.198   1.00 14.04 ? 15  LYS A NZ  1 
ATOM   114  N N   . LEU A 1 22  ? -11.212 -4.539  3.793   1.00 11.88 ? 16  LEU A N   1 
ATOM   115  C CA  . LEU A 1 22  ? -11.391 -3.213  4.389   1.00 12.84 ? 16  LEU A CA  1 
ATOM   116  C C   . LEU A 1 22  ? -12.803 -3.001  4.955   1.00 13.39 ? 16  LEU A C   1 
ATOM   117  O O   . LEU A 1 22  ? -12.978 -2.388  6.015   1.00 13.78 ? 16  LEU A O   1 
ATOM   118  C CB  . LEU A 1 22  ? -11.051 -2.122  3.380   1.00 12.41 ? 16  LEU A CB  1 
ATOM   119  C CG  . LEU A 1 22  ? -9.553  -1.964  3.089   1.00 12.08 ? 16  LEU A CG  1 
ATOM   120  C CD1 . LEU A 1 22  ? -9.342  -1.156  1.840   1.00 13.03 ? 16  LEU A CD1 1 
ATOM   121  C CD2 . LEU A 1 22  ? -8.833  -1.311  4.289   1.00 13.08 ? 16  LEU A CD2 1 
ATOM   122  N N   . ALA A 1 23  ? -13.796 -3.516  4.232   1.00 13.61 ? 17  ALA A N   1 
ATOM   123  C CA  . ALA A 1 23  ? -15.197 -3.385  4.631   1.00 14.75 ? 17  ALA A CA  1 
ATOM   124  C C   . ALA A 1 23  ? -15.484 -4.117  5.938   1.00 15.85 ? 17  ALA A C   1 
ATOM   125  O O   . ALA A 1 23  ? -16.422 -3.778  6.671   1.00 16.90 ? 17  ALA A O   1 
ATOM   126  C CB  . ALA A 1 23  ? -16.090 -3.906  3.532   1.00 15.00 ? 17  ALA A CB  1 
ATOM   127  N N   . GLN A 1 24  ? -14.659 -5.113  6.238   1.00 16.37 ? 18  GLN A N   1 
ATOM   128  C CA  . GLN A 1 24  ? -14.835 -5.925  7.437   1.00 18.69 ? 18  GLN A CA  1 
ATOM   129  C C   . GLN A 1 24  ? -14.162 -5.338  8.682   1.00 19.48 ? 18  GLN A C   1 
ATOM   130  O O   . GLN A 1 24  ? -14.402 -5.780  9.812   1.00 21.16 ? 18  GLN A O   1 
ATOM   131  C CB  . GLN A 1 24  ? -14.362 -7.362  7.167   1.00 20.18 ? 18  GLN A CB  1 
ATOM   132  C CG  . GLN A 1 24  ? -15.263 -8.100  6.193   1.00 21.88 ? 18  GLN A CG  1 
ATOM   133  C CD  . GLN A 1 24  ? -16.713 -8.059  6.624   1.00 24.11 ? 18  GLN A CD  1 
ATOM   134  O OE1 . GLN A 1 24  ? -17.565 -7.518  5.919   1.00 25.30 ? 18  GLN A OE1 1 
ATOM   135  N NE2 . GLN A 1 24  ? -16.992 -8.587  7.808   1.00 25.33 ? 18  GLN A NE2 1 
ATOM   136  N N   . VAL A 1 25  ? -13.328 -4.319  8.493   1.00 19.03 ? 19  VAL A N   1 
ATOM   137  C CA  . VAL A 1 25  ? -12.623 -3.740  9.627   1.00 19.47 ? 19  VAL A CA  1 
ATOM   138  C C   . VAL A 1 25  ? -13.596 -3.033  10.572  1.00 21.39 ? 19  VAL A C   1 
ATOM   139  O O   . VAL A 1 25  ? -14.481 -2.293  10.137  1.00 20.83 ? 19  VAL A O   1 
ATOM   140  C CB  . VAL A 1 25  ? -11.511 -2.760  9.146   1.00 18.94 ? 19  VAL A CB  1 
ATOM   141  C CG1 . VAL A 1 25  ? -10.855 -2.056  10.321  1.00 18.61 ? 19  VAL A CG1 1 
ATOM   142  C CG2 . VAL A 1 25  ? -10.472 -3.497  8.297   1.00 19.31 ? 19  VAL A CG2 1 
ATOM   143  N N   . ASP A 1 26  ? -13.426 -3.260  11.871  1.00 23.88 ? 20  ASP A N   1 
ATOM   144  C CA  . ASP A 1 26  ? -14.237 -2.589  12.882  1.00 26.86 ? 20  ASP A CA  1 
ATOM   145  C C   . ASP A 1 26  ? -13.963 -1.092  12.839  1.00 27.99 ? 20  ASP A C   1 
ATOM   146  O O   . ASP A 1 26  ? -12.809 -0.673  12.865  1.00 29.59 ? 20  ASP A O   1 
ATOM   147  C CB  . ASP A 1 26  ? -13.892 -3.151  14.267  1.00 28.35 ? 20  ASP A CB  1 
ATOM   148  C CG  . ASP A 1 26  ? -14.761 -2.576  15.380  1.00 29.93 ? 20  ASP A CG  1 
ATOM   149  O OD1 . ASP A 1 26  ? -15.633 -1.725  15.101  1.00 30.91 ? 20  ASP A OD1 1 
ATOM   150  O OD2 . ASP A 1 26  ? -14.560 -2.974  16.547  1.00 31.71 ? 20  ASP A OD2 1 
ATOM   151  N N   . ARG A 1 27  ? -15.022 -0.291  12.759  1.00 28.34 ? 21  ARG A N   1 
ATOM   152  C CA  . ARG A 1 27  ? -14.898 1.169   12.751  1.00 29.17 ? 21  ARG A CA  1 
ATOM   153  C C   . ARG A 1 27  ? -14.820 1.783   14.149  1.00 30.11 ? 21  ARG A C   1 
ATOM   154  O O   . ARG A 1 27  ? -14.382 2.924   14.303  1.00 31.34 ? 21  ARG A O   1 
ATOM   155  C CB  . ARG A 1 27  ? -16.081 1.800   12.016  1.00 28.38 ? 21  ARG A CB  1 
ATOM   156  C CG  . ARG A 1 27  ? -15.818 2.141   10.566  1.00 27.39 ? 21  ARG A CG  1 
ATOM   157  C CD  . ARG A 1 27  ? -15.529 0.903   9.750   1.00 25.86 ? 21  ARG A CD  1 
ATOM   158  N NE  . ARG A 1 27  ? -15.338 1.233   8.344   1.00 24.49 ? 21  ARG A NE  1 
ATOM   159  C CZ  . ARG A 1 27  ? -14.930 0.370   7.421   1.00 22.59 ? 21  ARG A CZ  1 
ATOM   160  N NH1 . ARG A 1 27  ? -14.795 0.773   6.169   1.00 22.59 ? 21  ARG A NH1 1 
ATOM   161  N NH2 . ARG A 1 27  ? -14.666 -0.890  7.744   1.00 20.66 ? 21  ARG A NH2 1 
ATOM   162  N N   . SER A 1 28  ? -15.246 1.030   15.158  1.00 31.04 ? 22  SER A N   1 
ATOM   163  C CA  . SER A 1 28  ? -15.434 1.597   16.496  1.00 31.42 ? 22  SER A CA  1 
ATOM   164  C C   . SER A 1 28  ? -14.138 1.890   17.236  1.00 31.14 ? 22  SER A C   1 
ATOM   165  O O   . SER A 1 28  ? -14.071 2.836   18.029  1.00 32.11 ? 22  SER A O   1 
ATOM   166  C CB  . SER A 1 28  ? -16.333 0.694   17.346  1.00 31.79 ? 22  SER A CB  1 
ATOM   167  O OG  . SER A 1 28  ? -15.694 -0.532  17.649  1.00 32.95 ? 22  SER A OG  1 
ATOM   168  N N   . LYS A 1 29  ? -13.109 1.086   16.988  1.00 29.18 ? 23  LYS A N   1 
ATOM   169  C CA  . LYS A 1 29  ? -11.860 1.224   17.729  1.00 27.91 ? 23  LYS A CA  1 
ATOM   170  C C   . LYS A 1 29  ? -10.659 1.257   16.795  1.00 25.54 ? 23  LYS A C   1 
ATOM   171  O O   . LYS A 1 29  ? -9.979  0.248   16.595  1.00 26.80 ? 23  LYS A O   1 
ATOM   172  C CB  . LYS A 1 29  ? -11.705 0.086   18.743  1.00 29.38 ? 23  LYS A CB  1 
ATOM   173  C CG  . LYS A 1 29  ? -12.801 0.048   19.798  1.00 30.68 ? 23  LYS A CG  1 
ATOM   174  C CD  . LYS A 1 29  ? -12.480 -0.922  20.922  1.00 31.82 ? 23  LYS A CD  1 
ATOM   175  C CE  . LYS A 1 29  ? -12.126 -2.298  20.396  1.00 32.50 ? 23  LYS A CE  1 
ATOM   176  N NZ  . LYS A 1 29  ? -11.955 -3.262  21.524  1.00 33.35 ? 23  LYS A NZ  1 
ATOM   177  N N   . ARG A 1 30  ? -10.393 2.427   16.234  1.00 21.36 ? 24  ARG A N   1 
ATOM   178  C CA  . ARG A 1 30  ? -9.351  2.537   15.220  1.00 18.44 ? 24  ARG A CA  1 
ATOM   179  C C   . ARG A 1 30  ? -8.014  2.807   15.892  1.00 17.57 ? 24  ARG A C   1 
ATOM   180  O O   . ARG A 1 30  ? -7.921  3.679   16.756  1.00 18.93 ? 24  ARG A O   1 
ATOM   181  C CB  . ARG A 1 30  ? -9.699  3.639   14.223  1.00 17.96 ? 24  ARG A CB  1 
ATOM   182  C CG  . ARG A 1 30  ? -11.054 3.480   13.524  1.00 17.33 ? 24  ARG A CG  1 
ATOM   183  C CD  . ARG A 1 30  ? -11.155 2.186   12.705  1.00 17.35 ? 24  ARG A CD  1 
ATOM   184  N NE  . ARG A 1 30  ? -9.850  1.747   12.215  1.00 15.78 ? 24  ARG A NE  1 
ATOM   185  C CZ  . ARG A 1 30  ? -9.179  2.340   11.230  1.00 15.44 ? 24  ARG A CZ  1 
ATOM   186  N NH1 . ARG A 1 30  ? -9.707  3.376   10.587  1.00 15.03 ? 24  ARG A NH1 1 
ATOM   187  N NH2 . ARG A 1 30  ? -7.982  1.881   10.893  1.00 14.55 ? 24  ARG A NH2 1 
ATOM   188  N N   . SER A 1 31  ? -6.985  2.058   15.504  1.00 15.43 ? 25  SER A N   1 
ATOM   189  C CA  . SER A 1 31  ? -5.647  2.236   16.080  1.00 14.86 ? 25  SER A CA  1 
ATOM   190  C C   . SER A 1 31  ? -4.484  2.288   15.083  1.00 14.31 ? 25  SER A C   1 
ATOM   191  O O   . SER A 1 31  ? -3.397  2.743   15.436  1.00 14.03 ? 25  SER A O   1 
ATOM   192  C CB  . SER A 1 31  ? -5.367  1.168   17.142  1.00 15.78 ? 25  SER A CB  1 
ATOM   193  O OG  . SER A 1 31  ? -5.165  -0.104  16.550  1.00 16.64 ? 25  SER A OG  1 
ATOM   194  N N   . PHE A 1 32  ? -4.700  1.794   13.862  1.00 13.16 ? 26  PHE A N   1 
ATOM   195  C CA  . PHE A 1 32  ? -3.685  1.800   12.807  1.00 12.51 ? 26  PHE A CA  1 
ATOM   196  C C   . PHE A 1 32  ? -4.262  2.663   11.690  1.00 12.32 ? 26  PHE A C   1 
ATOM   197  O O   . PHE A 1 32  ? -5.152  2.230   10.949  1.00 12.49 ? 26  PHE A O   1 
ATOM   198  C CB  . PHE A 1 32  ? -3.427  0.362   12.342  1.00 13.52 ? 26  PHE A CB  1 
ATOM   199  C CG  . PHE A 1 32  ? -2.409  0.241   11.240  1.00 13.50 ? 26  PHE A CG  1 
ATOM   200  C CD1 . PHE A 1 32  ? -1.055  0.409   11.498  1.00 13.61 ? 26  PHE A CD1 1 
ATOM   201  C CD2 . PHE A 1 32  ? -2.804  -0.082  9.949   1.00 14.55 ? 26  PHE A CD2 1 
ATOM   202  C CE1 . PHE A 1 32  ? -0.111  0.285   10.481  1.00 13.68 ? 26  PHE A CE1 1 
ATOM   203  C CE2 . PHE A 1 32  ? -1.877  -0.217  8.941   1.00 14.39 ? 26  PHE A CE2 1 
ATOM   204  C CZ  . PHE A 1 32  ? -0.532  -0.031  9.198   1.00 14.11 ? 26  PHE A CZ  1 
ATOM   205  N N   . THR A 1 33  ? -3.772  3.897   11.572  1.00 11.58 ? 27  THR A N   1 
ATOM   206  C CA  . THR A 1 33  ? -4.446  4.911   10.773  1.00 11.46 ? 27  THR A CA  1 
ATOM   207  C C   . THR A 1 33  ? -3.505  5.617   9.775   1.00 10.85 ? 27  THR A C   1 
ATOM   208  O O   . THR A 1 33  ? -3.782  6.720   9.311   1.00 12.12 ? 27  THR A O   1 
ATOM   209  C CB  . THR A 1 33  ? -5.154  5.950   11.675  1.00 11.63 ? 27  THR A CB  1 
ATOM   210  O OG1 . THR A 1 33  ? -4.220  6.492   12.617  1.00 13.10 ? 27  THR A OG1 1 
ATOM   211  C CG2 . THR A 1 33  ? -6.309  5.297   12.440  1.00 12.85 ? 27  THR A CG2 1 
ATOM   212  N N   . VAL A 1 34  ? -2.409  4.947   9.456   1.00 10.30 ? 28  VAL A N   1 
ATOM   213  C CA  . VAL A 1 34  ? -1.431  5.502   8.507   1.00 10.23 ? 28  VAL A CA  1 
ATOM   214  C C   . VAL A 1 34  ? -1.979  5.740   7.096   1.00 10.75 ? 28  VAL A C   1 
ATOM   215  O O   . VAL A 1 34  ? -2.934  5.080   6.644   1.00 10.86 ? 28  VAL A O   1 
ATOM   216  C CB  . VAL A 1 34  ? -0.174  4.637   8.414   1.00 10.55 ? 28  VAL A CB  1 
ATOM   217  C CG1 . VAL A 1 34  ? 0.576   4.606   9.756   1.00 11.69 ? 28  VAL A CG1 1 
ATOM   218  C CG2 . VAL A 1 34  ? -0.506  3.226   7.977   1.00 11.26 ? 28  VAL A CG2 1 
ATOM   219  N N   . ILE A 1 35  ? -1.352  6.699   6.416   1.00 10.50 ? 29  ILE A N   1 
ATOM   220  C CA  . ILE A 1 35  ? -1.540  6.980   4.983   1.00 10.45 ? 29  ILE A CA  1 
ATOM   221  C C   . ILE A 1 35  ? -0.258  6.556   4.268   1.00 9.86  ? 29  ILE A C   1 
ATOM   222  O O   . ILE A 1 35  ? 0.836   7.068   4.568   1.00 9.33  ? 29  ILE A O   1 
ATOM   223  C CB  . ILE A 1 35  ? -1.752  8.493   4.740   1.00 10.90 ? 29  ILE A CB  1 
ATOM   224  C CG1 . ILE A 1 35  ? -3.000  9.006   5.473   1.00 12.26 ? 29  ILE A CG1 1 
ATOM   225  C CG2 . ILE A 1 35  ? -1.775  8.837   3.242   1.00 12.54 ? 29  ILE A CG2 1 
ATOM   226  C CD1 . ILE A 1 35  ? -4.264  8.228   5.106   1.00 12.82 ? 29  ILE A CD1 1 
ATOM   227  N N   . LEU A 1 36  ? -0.376  5.599   3.351   1.00 9.22  ? 30  LEU A N   1 
ATOM   228  C CA  . LEU A 1 36  ? 0.767   5.062   2.623   1.00 9.20  ? 30  LEU A CA  1 
ATOM   229  C C   . LEU A 1 36  ? 0.583   5.259   1.125   1.00 9.11  ? 30  LEU A C   1 
ATOM   230  O O   . LEU A 1 36  ? -0.420  4.832   0.554   1.00 10.33 ? 30  LEU A O   1 
ATOM   231  C CB  . LEU A 1 36  ? 0.915   3.561   2.910   1.00 9.24  ? 30  LEU A CB  1 
ATOM   232  C CG  . LEU A 1 36  ? 0.943   3.142   4.387   1.00 9.72  ? 30  LEU A CG  1 
ATOM   233  C CD1 . LEU A 1 36  ? 0.915   1.621   4.552   1.00 10.47 ? 30  LEU A CD1 1 
ATOM   234  C CD2 . LEU A 1 36  ? 2.157   3.731   5.109   1.00 10.19 ? 30  LEU A CD2 1 
ATOM   235  N N   . PHE A 1 37  ? 1.540   5.927   0.485   1.00 8.70  ? 31  PHE A N   1 
ATOM   236  C CA  . PHE A 1 37  ? 1.541   6.067   -0.969  1.00 8.31  ? 31  PHE A CA  1 
ATOM   237  C C   . PHE A 1 37  ? 2.225   4.847   -1.575  1.00 8.74  ? 31  PHE A C   1 
ATOM   238  O O   . PHE A 1 37  ? 3.249   4.392   -1.066  1.00 8.80  ? 31  PHE A O   1 
ATOM   239  C CB  . PHE A 1 37  ? 2.269   7.354   -1.379  1.00 9.47  ? 31  PHE A CB  1 
ATOM   240  C CG  . PHE A 1 37  ? 1.380   8.568   -1.463  1.00 9.15  ? 31  PHE A CG  1 
ATOM   241  C CD1 . PHE A 1 37  ? 0.313   8.746   -0.589  1.00 10.68 ? 31  PHE A CD1 1 
ATOM   242  C CD2 . PHE A 1 37  ? 1.621   9.538   -2.413  1.00 10.34 ? 31  PHE A CD2 1 
ATOM   243  C CE1 . PHE A 1 37  ? -0.508  9.873   -0.680  1.00 11.88 ? 31  PHE A CE1 1 
ATOM   244  C CE2 . PHE A 1 37  ? 0.807   10.684  -2.508  1.00 10.35 ? 31  PHE A CE2 1 
ATOM   245  C CZ  . PHE A 1 37  ? -0.257  10.839  -1.641  1.00 10.30 ? 31  PHE A CZ  1 
ATOM   246  N N   . VAL A 1 38  ? 1.667   4.342   -2.669  1.00 9.09  ? 32  VAL A N   1 
ATOM   247  C CA  . VAL A 1 38  ? 2.189   3.163   -3.369  1.00 8.94  ? 32  VAL A CA  1 
ATOM   248  C C   . VAL A 1 38  ? 2.333   3.505   -4.854  1.00 9.22  ? 32  VAL A C   1 
ATOM   249  O O   . VAL A 1 38  ? 1.339   3.795   -5.530  1.00 9.44  ? 32  VAL A O   1 
ATOM   250  C CB  . VAL A 1 38  ? 1.233   1.974   -3.213  1.00 9.08  ? 32  VAL A CB  1 
ATOM   251  C CG1 . VAL A 1 38  ? 1.756   0.750   -3.977  1.00 9.12  ? 32  VAL A CG1 1 
ATOM   252  C CG2 . VAL A 1 38  ? 1.043   1.641   -1.715  1.00 9.57  ? 32  VAL A CG2 1 
ATOM   253  N N   . HIS A 1 39  ? 3.568   3.479   -5.344  1.00 8.82  ? 33  HIS A N   1 
ATOM   254  C CA  . HIS A 1 39  ? 3.882   3.746   -6.748  1.00 8.59  ? 33  HIS A CA  1 
ATOM   255  C C   . HIS A 1 39  ? 4.240   2.410   -7.395  1.00 9.56  ? 33  HIS A C   1 
ATOM   256  O O   . HIS A 1 39  ? 5.282   1.811   -7.096  1.00 9.85  ? 33  HIS A O   1 
ATOM   257  C CB  . HIS A 1 39  ? 5.018   4.760   -6.841  1.00 9.05  ? 33  HIS A CB  1 
ATOM   258  C CG  . HIS A 1 39  ? 4.719   6.044   -6.134  1.00 8.92  ? 33  HIS A CG  1 
ATOM   259  N ND1 . HIS A 1 39  ? 3.718   6.899   -6.550  1.00 10.69 ? 33  HIS A ND1 1 
ATOM   260  C CD2 . HIS A 1 39  ? 5.261   6.604   -5.024  1.00 10.09 ? 33  HIS A CD2 1 
ATOM   261  C CE1 . HIS A 1 39  ? 3.669   7.937   -5.733  1.00 10.34 ? 33  HIS A CE1 1 
ATOM   262  N NE2 . HIS A 1 39  ? 4.592   7.790   -4.801  1.00 10.74 ? 33  HIS A NE2 1 
ATOM   263  N N   . LEU A 1 40  ? 3.349   1.938   -8.255  1.00 9.90  ? 34  LEU A N   1 
ATOM   264  C CA  . LEU A 1 40  ? 3.451   0.622   -8.870  1.00 10.93 ? 34  LEU A CA  1 
ATOM   265  C C   . LEU A 1 40  ? 4.182   0.701   -10.198 1.00 11.10 ? 34  LEU A C   1 
ATOM   266  O O   . LEU A 1 40  ? 3.819   1.499   -11.071 1.00 11.77 ? 34  LEU A O   1 
ATOM   267  C CB  . LEU A 1 40  ? 2.053   0.028   -9.077  1.00 11.37 ? 34  LEU A CB  1 
ATOM   268  C CG  . LEU A 1 40  ? 1.204   -0.177  -7.816  1.00 11.92 ? 34  LEU A CG  1 
ATOM   269  C CD1 . LEU A 1 40  ? -0.279  -0.231  -8.142  1.00 14.20 ? 34  LEU A CD1 1 
ATOM   270  C CD2 . LEU A 1 40  ? 1.615   -1.406  -7.043  1.00 12.85 ? 34  LEU A CD2 1 
ATOM   271  N N   . ARG A 1 41  ? 5.195   -0.145  -10.342 1.00 10.94 ? 35  ARG A N   1 
ATOM   272  C CA  . ARG A 1 41  ? 6.024   -0.197  -11.548 1.00 12.30 ? 35  ARG A CA  1 
ATOM   273  C C   . ARG A 1 41  ? 5.667   -1.344  -12.476 1.00 13.18 ? 35  ARG A C   1 
ATOM   274  O O   . ARG A 1 41  ? 5.304   -2.428  -12.040 1.00 13.17 ? 35  ARG A O   1 
ATOM   275  C CB  . ARG A 1 41  ? 7.498   -0.356  -11.172 1.00 12.28 ? 35  ARG A CB  1 
ATOM   276  C CG  . ARG A 1 41  ? 8.102   0.787   -10.388 1.00 13.06 ? 35  ARG A CG  1 
ATOM   277  C CD  . ARG A 1 41  ? 9.591   0.490   -10.075 1.00 13.32 ? 35  ARG A CD  1 
ATOM   278  N NE  . ARG A 1 41  ? 9.743   -0.728  -9.283  1.00 14.46 ? 35  ARG A NE  1 
ATOM   279  C CZ  . ARG A 1 41  ? 10.597  -0.874  -8.279  1.00 14.36 ? 35  ARG A CZ  1 
ATOM   280  N NH1 . ARG A 1 41  ? 11.408  0.119   -7.937  1.00 14.09 ? 35  ARG A NH1 1 
ATOM   281  N NH2 . ARG A 1 41  ? 10.637  -2.023  -7.608  1.00 14.59 ? 35  ARG A NH2 1 
ATOM   282  N N   . GLN A 1 42  ? 5.809   -1.075  -13.775 1.00 14.93 ? 36  GLN A N   1 
ATOM   283  C CA  . GLN A 1 42  ? 5.901   -2.121  -14.796 1.00 17.63 ? 36  GLN A CA  1 
ATOM   284  C C   . GLN A 1 42  ? 7.091   -1.776  -15.690 1.00 18.65 ? 36  GLN A C   1 
ATOM   285  O O   . GLN A 1 42  ? 7.258   -0.629  -16.104 1.00 18.12 ? 36  GLN A O   1 
ATOM   286  C CB  . GLN A 1 42  ? 4.616   -2.231  -15.623 1.00 18.50 ? 36  GLN A CB  1 
ATOM   287  C CG  . GLN A 1 42  ? 3.465   -2.891  -14.889 1.00 19.70 ? 36  GLN A CG  1 
ATOM   288  C CD  . GLN A 1 42  ? 2.203   -2.996  -15.722 1.00 19.99 ? 36  GLN A CD  1 
ATOM   289  O OE1 . GLN A 1 42  ? 1.275   -3.738  -15.373 1.00 22.05 ? 36  GLN A OE1 1 
ATOM   290  N NE2 . GLN A 1 42  ? 2.150   -2.244  -16.818 1.00 20.58 ? 36  GLN A NE2 1 
ATOM   291  N N   . GLU A 1 43  ? 7.928   -2.774  -15.948 1.00 20.88 ? 37  GLU A N   1 
ATOM   292  C CA  . GLU A 1 43  ? 9.140   -2.580  -16.743 1.00 22.43 ? 37  GLU A CA  1 
ATOM   293  C C   . GLU A 1 43  ? 9.960   -1.374  -16.272 1.00 21.94 ? 37  GLU A C   1 
ATOM   294  O O   . GLU A 1 43  ? 10.503  -0.612  -17.075 1.00 22.19 ? 37  GLU A O   1 
ATOM   295  C CB  A GLU A 1 43  ? 8.774   -2.458  -18.228 0.65 23.98 ? 37  GLU A CB  1 
ATOM   296  C CB  B GLU A 1 43  ? 8.816   -2.480  -18.239 0.35 23.14 ? 37  GLU A CB  1 
ATOM   297  C CG  A GLU A 1 43  ? 8.001   -3.667  -18.747 0.65 25.76 ? 37  GLU A CG  1 
ATOM   298  C CG  B GLU A 1 43  ? 9.134   -3.746  -19.037 0.35 24.31 ? 37  GLU A CG  1 
ATOM   299  C CD  A GLU A 1 43  ? 7.284   -3.403  -20.058 0.65 27.21 ? 37  GLU A CD  1 
ATOM   300  C CD  B GLU A 1 43  ? 8.140   -4.872  -18.820 0.35 24.73 ? 37  GLU A CD  1 
ATOM   301  O OE1 A GLU A 1 43  ? 7.821   -2.645  -20.894 0.65 27.95 ? 37  GLU A OE1 1 
ATOM   302  O OE1 B GLU A 1 43  ? 7.759   -5.131  -17.659 0.35 25.25 ? 37  GLU A OE1 1 
ATOM   303  O OE2 A GLU A 1 43  ? 6.185   -3.965  -20.257 0.65 28.33 ? 37  GLU A OE2 1 
ATOM   304  O OE2 B GLU A 1 43  ? 7.749   -5.514  -19.818 0.35 25.35 ? 37  GLU A OE2 1 
ATOM   305  N N   . GLY A 1 44  ? 10.044  -1.209  -14.954 1.00 20.65 ? 38  GLY A N   1 
ATOM   306  C CA  . GLY A 1 44  ? 10.899  -0.186  -14.360 1.00 19.82 ? 38  GLY A CA  1 
ATOM   307  C C   . GLY A 1 44  ? 10.308  1.209   -14.267 1.00 19.18 ? 38  GLY A C   1 
ATOM   308  O O   . GLY A 1 44  ? 10.921  2.101   -13.679 1.00 20.94 ? 38  GLY A O   1 
ATOM   309  N N   . LYS A 1 45  ? 9.119   1.399   -14.836 1.00 18.02 ? 39  LYS A N   1 
ATOM   310  C CA  . LYS A 1 45  ? 8.486   2.714   -14.851 1.00 18.02 ? 39  LYS A CA  1 
ATOM   311  C C   . LYS A 1 45  ? 7.237   2.713   -13.967 1.00 15.93 ? 39  LYS A C   1 
ATOM   312  O O   . LYS A 1 45  ? 6.489   1.743   -13.949 1.00 14.70 ? 39  LYS A O   1 
ATOM   313  C CB  . LYS A 1 45  ? 8.091   3.092   -16.283 1.00 20.77 ? 39  LYS A CB  1 
ATOM   314  C CG  . LYS A 1 45  ? 7.687   4.543   -16.423 1.00 23.99 ? 39  LYS A CG  1 
ATOM   315  C CD  . LYS A 1 45  ? 7.729   5.026   -17.871 1.00 26.28 ? 39  LYS A CD  1 
ATOM   316  C CE  . LYS A 1 45  ? 6.396   4.847   -18.563 1.00 28.14 ? 39  LYS A CE  1 
ATOM   317  N NZ  . LYS A 1 45  ? 6.406   5.479   -19.919 1.00 29.86 ? 39  LYS A NZ  1 
ATOM   318  N N   . VAL A 1 46  ? 7.020   3.799   -13.239 1.00 14.99 ? 40  VAL A N   1 
ATOM   319  C CA  . VAL A 1 46  ? 5.800   3.901   -12.433 1.00 14.47 ? 40  VAL A CA  1 
ATOM   320  C C   . VAL A 1 46  ? 4.621   4.075   -13.380 1.00 14.34 ? 40  VAL A C   1 
ATOM   321  O O   . VAL A 1 46  ? 4.620   5.012   -14.190 1.00 15.32 ? 40  VAL A O   1 
ATOM   322  C CB  . VAL A 1 46  ? 5.877   5.059   -11.422 1.00 14.14 ? 40  VAL A CB  1 
ATOM   323  C CG1 . VAL A 1 46  ? 4.541   5.253   -10.729 1.00 14.99 ? 40  VAL A CG1 1 
ATOM   324  C CG2 . VAL A 1 46  ? 6.966   4.781   -10.389 1.00 15.17 ? 40  VAL A CG2 1 
ATOM   325  N N   . VAL A 1 47  ? 3.647   3.168   -13.292 1.00 13.45 ? 41  VAL A N   1 
ATOM   326  C CA  . VAL A 1 47  ? 2.478   3.195   -14.184 1.00 14.59 ? 41  VAL A CA  1 
ATOM   327  C C   . VAL A 1 47  ? 1.149   3.450   -13.479 1.00 15.06 ? 41  VAL A C   1 
ATOM   328  O O   . VAL A 1 47  ? 0.158   3.771   -14.132 1.00 16.29 ? 41  VAL A O   1 
ATOM   329  C CB  . VAL A 1 47  ? 2.353   1.903   -15.025 1.00 15.13 ? 41  VAL A CB  1 
ATOM   330  C CG1 . VAL A 1 47  ? 3.561   1.752   -15.947 1.00 16.51 ? 41  VAL A CG1 1 
ATOM   331  C CG2 . VAL A 1 47  ? 2.164   0.690   -14.139 1.00 15.85 ? 41  VAL A CG2 1 
ATOM   332  N N   . ARG A 1 48  ? 1.111   3.289   -12.155 1.00 14.13 ? 42  ARG A N   1 
ATOM   333  C CA  . ARG A 1 48  ? -0.071  3.666   -11.385 1.00 14.05 ? 42  ARG A CA  1 
ATOM   334  C C   . ARG A 1 48  ? 0.331   3.980   -9.967  1.00 12.41 ? 42  ARG A C   1 
ATOM   335  O O   . ARG A 1 48  ? 1.240   3.345   -9.430  1.00 12.15 ? 42  ARG A O   1 
ATOM   336  C CB  B ARG A 1 48  ? -1.119  2.549   -11.357 0.65 14.48 ? 42  ARG A CB  1 
ATOM   337  C CB  C ARG A 1 48  ? -1.143  2.568   -11.417 0.35 14.70 ? 42  ARG A CB  1 
ATOM   338  C CG  B ARG A 1 48  ? -2.453  3.044   -10.768 0.65 15.87 ? 42  ARG A CG  1 
ATOM   339  C CG  C ARG A 1 48  ? -2.541  3.097   -11.062 0.35 15.88 ? 42  ARG A CG  1 
ATOM   340  C CD  B ARG A 1 48  ? -3.522  1.989   -10.636 0.65 16.69 ? 42  ARG A CD  1 
ATOM   341  C CD  C ARG A 1 48  ? -3.690  2.350   -11.738 0.35 16.91 ? 42  ARG A CD  1 
ATOM   342  N NE  B ARG A 1 48  ? -3.869  1.397   -11.921 0.65 18.75 ? 42  ARG A NE  1 
ATOM   343  N NE  C ARG A 1 48  ? -3.359  1.859   -13.073 0.35 18.07 ? 42  ARG A NE  1 
ATOM   344  C CZ  B ARG A 1 48  ? -4.602  0.301   -12.035 0.65 19.68 ? 42  ARG A CZ  1 
ATOM   345  C CZ  C ARG A 1 48  ? -3.176  2.631   -14.143 0.35 18.71 ? 42  ARG A CZ  1 
ATOM   346  N NH1 B ARG A 1 48  ? -5.058  -0.296  -10.943 0.65 20.94 ? 42  ARG A NH1 1 
ATOM   347  N NH1 C ARG A 1 48  ? -2.881  2.083   -15.313 0.35 20.00 ? 42  ARG A NH1 1 
ATOM   348  N NH2 B ARG A 1 48  ? -4.854  -0.206  -13.232 0.65 20.22 ? 42  ARG A NH2 1 
ATOM   349  N NH2 C ARG A 1 48  ? -3.285  3.947   -14.044 0.35 19.17 ? 42  ARG A NH2 1 
ATOM   350  N N   . SER A 1 49  ? -0.337  4.957   -9.373  1.00 10.29 ? 43  SER A N   1 
ATOM   351  C CA  . SER A 1 49  ? -0.115  5.295   -7.967  1.00 9.70  ? 43  SER A CA  1 
ATOM   352  C C   . SER A 1 49  ? -1.433  5.221   -7.229  1.00 9.59  ? 43  SER A C   1 
ATOM   353  O O   . SER A 1 49  ? -2.491  5.653   -7.736  1.00 10.38 ? 43  SER A O   1 
ATOM   354  C CB  . SER A 1 49  ? 0.446   6.702   -7.843  1.00 10.50 ? 43  SER A CB  1 
ATOM   355  O OG  . SER A 1 49  ? 1.721   6.775   -8.474  1.00 11.37 ? 43  SER A OG  1 
ATOM   356  N N   . VAL A 1 50  ? -1.388  4.635   -6.042  1.00 9.12  ? 44  VAL A N   1 
ATOM   357  C CA  . VAL A 1 50  ? -2.558  4.529   -5.193  1.00 10.09 ? 44  VAL A CA  1 
ATOM   358  C C   . VAL A 1 50  ? -2.180  4.927   -3.777  1.00 9.77  ? 44  VAL A C   1 
ATOM   359  O O   . VAL A 1 50  ? -0.995  4.934   -3.416  1.00 9.92  ? 44  VAL A O   1 
ATOM   360  C CB  . VAL A 1 50  ? -3.201  3.104   -5.175  1.00 10.43 ? 44  VAL A CB  1 
ATOM   361  C CG1 . VAL A 1 50  ? -3.598  2.659   -6.582  1.00 11.75 ? 44  VAL A CG1 1 
ATOM   362  C CG2 . VAL A 1 50  ? -2.285  2.092   -4.522  1.00 11.12 ? 44  VAL A CG2 1 
ATOM   363  N N   . VAL A 1 51  ? -3.192  5.265   -2.987  1.00 9.75  ? 45  VAL A N   1 
ATOM   364  C CA  . VAL A 1 51  ? -3.012  5.523   -1.568  1.00 9.70  ? 45  VAL A CA  1 
ATOM   365  C C   . VAL A 1 51  ? -3.737  4.444   -0.771  1.00 8.95  ? 45  VAL A C   1 
ATOM   366  O O   . VAL A 1 51  ? -4.898  4.127   -1.065  1.00 10.78 ? 45  VAL A O   1 
ATOM   367  C CB  A VAL A 1 51  ? -3.540  6.934   -1.176  0.65 10.22 ? 45  VAL A CB  1 
ATOM   368  C CB  B VAL A 1 51  ? -3.577  6.900   -1.184  0.35 9.29  ? 45  VAL A CB  1 
ATOM   369  C CG1 A VAL A 1 51  ? -5.057  7.058   -1.425  0.65 11.18 ? 45  VAL A CG1 1 
ATOM   370  C CG1 B VAL A 1 51  ? -3.471  7.128   0.316   0.35 9.21  ? 45  VAL A CG1 1 
ATOM   371  C CG2 A VAL A 1 51  ? -3.212  7.249   0.274   0.65 10.69 ? 45  VAL A CG2 1 
ATOM   372  C CG2 B VAL A 1 51  ? -2.865  7.995   -1.953  0.35 8.87  ? 45  VAL A CG2 1 
ATOM   373  N N   . LEU A 1 52  ? -3.039  3.856   0.193   1.00 9.33  ? 46  LEU A N   1 
ATOM   374  C CA  . LEU A 1 52  ? -3.659  2.976   1.181   1.00 9.03  ? 46  LEU A CA  1 
ATOM   375  C C   . LEU A 1 52  ? -3.973  3.884   2.354   1.00 9.79  ? 46  LEU A C   1 
ATOM   376  O O   . LEU A 1 52  ? -3.062  4.309   3.085   1.00 10.04 ? 46  LEU A O   1 
ATOM   377  C CB  . LEU A 1 52  ? -2.693  1.875   1.615   1.00 10.09 ? 46  LEU A CB  1 
ATOM   378  C CG  . LEU A 1 52  ? -1.940  1.134   0.501   1.00 10.24 ? 46  LEU A CG  1 
ATOM   379  C CD1 . LEU A 1 52  ? -1.050  0.048   1.100   1.00 11.56 ? 46  LEU A CD1 1 
ATOM   380  C CD2 . LEU A 1 52  ? -2.889  0.532   -0.539  1.00 11.82 ? 46  LEU A CD2 1 
ATOM   381  N N   . ASP A 1 53  ? -5.248  4.203   2.530   1.00 10.09 ? 47  ASP A N   1 
ATOM   382  C CA  . ASP A 1 53  ? -5.650  5.176   3.539   1.00 10.59 ? 47  ASP A CA  1 
ATOM   383  C C   . ASP A 1 53  ? -6.289  4.394   4.680   1.00 10.34 ? 47  ASP A C   1 
ATOM   384  O O   . ASP A 1 53  ? -7.447  3.944   4.592   1.00 10.63 ? 47  ASP A O   1 
ATOM   385  C CB  . ASP A 1 53  ? -6.603  6.202   2.904   1.00 11.32 ? 47  ASP A CB  1 
ATOM   386  C CG  . ASP A 1 53  ? -7.173  7.214   3.906   1.00 11.83 ? 47  ASP A CG  1 
ATOM   387  O OD1 . ASP A 1 53  ? -7.175  6.919   5.112   1.00 12.28 ? 47  ASP A OD1 1 
ATOM   388  O OD2 . ASP A 1 53  ? -7.644  8.290   3.475   1.00 13.27 ? 47  ASP A OD2 1 
ATOM   389  N N   . PHE A 1 54  ? -5.522  4.181   5.741   1.00 10.59 ? 48  PHE A N   1 
ATOM   390  C CA  . PHE A 1 54  ? -6.049  3.431   6.883   1.00 11.30 ? 48  PHE A CA  1 
ATOM   391  C C   . PHE A 1 54  ? -6.831  4.266   7.865   1.00 12.11 ? 48  PHE A C   1 
ATOM   392  O O   . PHE A 1 54  ? -7.396  3.733   8.813   1.00 13.11 ? 48  PHE A O   1 
ATOM   393  C CB  . PHE A 1 54  ? -4.953  2.621   7.552   1.00 11.53 ? 48  PHE A CB  1 
ATOM   394  C CG  . PHE A 1 54  ? -4.480  1.488   6.697   1.00 11.27 ? 48  PHE A CG  1 
ATOM   395  C CD1 . PHE A 1 54  ? -5.164  0.284   6.706   1.00 12.66 ? 48  PHE A CD1 1 
ATOM   396  C CD2 . PHE A 1 54  ? -3.397  1.628   5.847   1.00 12.07 ? 48  PHE A CD2 1 
ATOM   397  C CE1 . PHE A 1 54  ? -4.754  -0.769  5.901   1.00 13.21 ? 48  PHE A CE1 1 
ATOM   398  C CE2 . PHE A 1 54  ? -2.982  0.572   5.047   1.00 12.13 ? 48  PHE A CE2 1 
ATOM   399  C CZ  . PHE A 1 54  ? -3.670  -0.616  5.065   1.00 12.39 ? 48  PHE A CZ  1 
ATOM   400  N N   . ASN A 1 55  ? -6.900  5.561   7.623   1.00 12.62 ? 49  ASN A N   1 
ATOM   401  C CA  . ASN A 1 55  ? -7.787  6.390   8.412   1.00 13.75 ? 49  ASN A CA  1 
ATOM   402  C C   . ASN A 1 55  ? -9.230  6.153   7.968   1.00 14.72 ? 49  ASN A C   1 
ATOM   403  O O   . ASN A 1 55  ? -10.091 5.811   8.788   1.00 15.52 ? 49  ASN A O   1 
ATOM   404  C CB  . ASN A 1 55  ? -7.419  7.851   8.243   1.00 14.65 ? 49  ASN A CB  1 
ATOM   405  C CG  . ASN A 1 55  ? -8.238  8.742   9.125   1.00 15.83 ? 49  ASN A CG  1 
ATOM   406  O OD1 . ASN A 1 55  ? -8.423  8.446   10.309  1.00 18.32 ? 49  ASN A OD1 1 
ATOM   407  N ND2 . ASN A 1 55  ? -8.762  9.811   8.561   1.00 16.49 ? 49  ASN A ND2 1 
ATOM   408  N N   . ASP A 1 56  ? -9.485  6.305   6.666   1.00 14.40 ? 50  ASP A N   1 
ATOM   409  C CA  . ASP A 1 56  ? -10.821 6.129   6.079   1.00 15.68 ? 50  ASP A CA  1 
ATOM   410  C C   . ASP A 1 56  ? -11.058 4.694   5.601   1.00 15.21 ? 50  ASP A C   1 
ATOM   411  O O   . ASP A 1 56  ? -12.151 4.362   5.145   1.00 16.06 ? 50  ASP A O   1 
ATOM   412  C CB  . ASP A 1 56  ? -11.016 7.090   4.906   1.00 19.25 ? 50  ASP A CB  1 
ATOM   413  C CG  . ASP A 1 56  ? -11.482 8.461   5.340   1.00 22.66 ? 50  ASP A CG  1 
ATOM   414  O OD1 . ASP A 1 56  ? -11.692 8.667   6.554   1.00 23.98 ? 50  ASP A OD1 1 
ATOM   415  O OD2 . ASP A 1 56  ? -11.633 9.323   4.447   1.00 25.19 ? 50  ASP A OD2 1 
ATOM   416  N N   . LEU A 1 57  ? -10.022 3.863   5.672   1.00 13.25 ? 51  LEU A N   1 
ATOM   417  C CA  . LEU A 1 57  ? -10.103 2.448   5.261   1.00 12.65 ? 51  LEU A CA  1 
ATOM   418  C C   . LEU A 1 57  ? -10.506 2.321   3.788   1.00 13.11 ? 51  LEU A C   1 
ATOM   419  O O   . LEU A 1 57  ? -11.550 1.736   3.438   1.00 12.75 ? 51  LEU A O   1 
ATOM   420  C CB  . LEU A 1 57  ? -11.040 1.645   6.170   1.00 13.41 ? 51  LEU A CB  1 
ATOM   421  C CG  . LEU A 1 57  ? -10.500 1.556   7.598   1.00 13.60 ? 51  LEU A CG  1 
ATOM   422  C CD1 . LEU A 1 57  ? -11.601 1.127   8.560   1.00 14.17 ? 51  LEU A CD1 1 
ATOM   423  C CD2 . LEU A 1 57  ? -9.313  0.604   7.654   1.00 14.49 ? 51  LEU A CD2 1 
ATOM   424  N N   . LYS A 1 58  ? -9.677  2.881   2.917   1.00 11.77 ? 52  LYS A N   1 
ATOM   425  C CA  . LYS A 1 58  ? -9.923  2.836   1.489   1.00 13.15 ? 52  LYS A CA  1 
ATOM   426  C C   . LYS A 1 58  ? -8.617  2.823   0.722   1.00 13.08 ? 52  LYS A C   1 
ATOM   427  O O   . LYS A 1 58  ? -7.580  3.282   1.221   1.00 12.86 ? 52  LYS A O   1 
ATOM   428  C CB  . LYS A 1 58  ? -10.789 4.018   1.051   1.00 15.76 ? 52  LYS A CB  1 
ATOM   429  C CG  . LYS A 1 58  ? -10.087 5.350   1.162   1.00 18.31 ? 52  LYS A CG  1 
ATOM   430  C CD  . LYS A 1 58  ? -11.051 6.500   0.885   1.00 20.86 ? 52  LYS A CD  1 
ATOM   431  C CE  . LYS A 1 58  ? -10.378 7.841   1.152   1.00 22.11 ? 52  LYS A CE  1 
ATOM   432  N NZ  . LYS A 1 58  ? -11.375 8.958   1.066   1.00 24.41 ? 52  LYS A NZ  1 
ATOM   433  N N   . ILE A 1 59  ? -8.672  2.283   -0.486  1.00 12.43 ? 53  ILE A N   1 
ATOM   434  C CA  . ILE A 1 59  ? -7.573  2.344   -1.434  1.00 13.08 ? 53  ILE A CA  1 
ATOM   435  C C   . ILE A 1 59  ? -8.058  3.182   -2.597  1.00 14.07 ? 53  ILE A C   1 
ATOM   436  O O   . ILE A 1 59  ? -9.126  2.911   -3.160  1.00 16.21 ? 53  ILE A O   1 
ATOM   437  C CB  . ILE A 1 59  ? -7.179  0.943   -1.915  1.00 13.43 ? 53  ILE A CB  1 
ATOM   438  C CG1 . ILE A 1 59  ? -6.653  0.140   -0.727  1.00 13.61 ? 53  ILE A CG1 1 
ATOM   439  C CG2 . ILE A 1 59  ? -6.102  1.039   -3.012  1.00 14.24 ? 53  ILE A CG2 1 
ATOM   440  C CD1 . ILE A 1 59  ? -6.428  -1.342  -1.036  1.00 15.60 ? 53  ILE A CD1 1 
ATOM   441  N N   . SER A 1 60  ? -7.319  4.225   -2.947  1.00 14.56 ? 54  SER A N   1 
ATOM   442  C CA  . SER A 1 60  ? -7.766  5.107   -4.016  1.00 15.18 ? 54  SER A CA  1 
ATOM   443  C C   . SER A 1 60  ? -6.647  5.400   -4.995  1.00 14.70 ? 54  SER A C   1 
ATOM   444  O O   . SER A 1 60  ? -5.495  5.568   -4.613  1.00 13.54 ? 54  SER A O   1 
ATOM   445  C CB  A SER A 1 60  ? -8.337  6.412   -3.454  0.65 17.43 ? 54  SER A CB  1 
ATOM   446  C CB  B SER A 1 60  ? -8.260  6.432   -3.432  0.35 15.84 ? 54  SER A CB  1 
ATOM   447  O OG  A SER A 1 60  ? -7.331  7.242   -2.904  0.65 19.55 ? 54  SER A OG  1 
ATOM   448  O OG  B SER A 1 60  ? -9.310  6.232   -2.503  0.35 16.24 ? 54  SER A OG  1 
ATOM   449  N N   . GLU A 1 61  ? -6.982  5.464   -6.270  1.00 14.67 ? 55  GLU A N   1 
ATOM   450  C CA  . GLU A 1 61  ? -6.021  5.845   -7.278  1.00 15.22 ? 55  GLU A CA  1 
ATOM   451  C C   . GLU A 1 61  ? -5.786  7.347   -7.205  1.00 15.91 ? 55  GLU A C   1 
ATOM   452  O O   . GLU A 1 61  ? -6.735  8.113   -7.038  1.00 17.67 ? 55  GLU A O   1 
ATOM   453  C CB  . GLU A 1 61  ? -6.563  5.452   -8.647  1.00 17.77 ? 55  GLU A CB  1 
ATOM   454  C CG  . GLU A 1 61  ? -5.589  5.610   -9.773  1.00 20.59 ? 55  GLU A CG  1 
ATOM   455  C CD  . GLU A 1 61  ? -6.078  4.910   -11.031 1.00 22.51 ? 55  GLU A CD  1 
ATOM   456  O OE1 . GLU A 1 61  ? -6.642  3.793   -10.922 1.00 24.54 ? 55  GLU A OE1 1 
ATOM   457  O OE2 . GLU A 1 61  ? -5.885  5.479   -12.118 1.00 25.28 ? 55  GLU A OE2 1 
ATOM   458  N N   . ILE A 1 62  ? -4.523  7.761   -7.310  1.00 14.75 ? 56  ILE A N   1 
ATOM   459  C CA  . ILE A 1 62  ? -4.142  9.177   -7.285  1.00 16.50 ? 56  ILE A CA  1 
ATOM   460  C C   . ILE A 1 62  ? -3.384  9.518   -8.565  1.00 16.70 ? 56  ILE A C   1 
ATOM   461  O O   . ILE A 1 62  ? -3.136  8.635   -9.394  1.00 16.25 ? 56  ILE A O   1 
ATOM   462  C CB  . ILE A 1 62  ? -3.282  9.518   -6.043  1.00 16.08 ? 56  ILE A CB  1 
ATOM   463  C CG1 . ILE A 1 62  ? -2.029  8.633   -5.993  1.00 16.12 ? 56  ILE A CG1 1 
ATOM   464  C CG2 . ILE A 1 62  ? -4.118  9.373   -4.765  1.00 17.61 ? 56  ILE A CG2 1 
ATOM   465  C CD1 . ILE A 1 62  ? -1.028  8.980   -4.880  1.00 18.11 ? 56  ILE A CD1 1 
ATOM   466  N N   . GLU A 1 63  ? -3.040  10.791  -8.752  1.00 18.30 ? 57  GLU A N   1 
ATOM   467  C CA  . GLU A 1 63  ? -2.296  11.173  -9.948  1.00 20.74 ? 57  GLU A CA  1 
ATOM   468  C C   . GLU A 1 63  ? -0.976  10.417  -10.044 1.00 18.18 ? 57  GLU A C   1 
ATOM   469  O O   . GLU A 1 63  ? -0.294  10.170  -9.053  1.00 17.93 ? 57  GLU A O   1 
ATOM   470  C CB  . GLU A 1 63  ? -2.061  12.690  -10.040 1.00 22.29 ? 57  GLU A CB  1 
ATOM   471  C CG  . GLU A 1 63  ? -1.544  13.129  -11.424 1.00 25.61 ? 57  GLU A CG  1 
ATOM   472  C CD  . GLU A 1 63  ? -1.713  14.617  -11.715 1.00 26.26 ? 57  GLU A CD  1 
ATOM   473  O OE1 . GLU A 1 63  ? -2.068  15.388  -10.799 1.00 28.79 ? 57  GLU A OE1 1 
ATOM   474  O OE2 . GLU A 1 63  ? -1.489  15.017  -12.880 1.00 29.54 ? 57  GLU A OE2 1 
ATOM   475  N N   . LEU A 1 64  ? -0.629  10.055  -11.267 1.00 18.08 ? 58  LEU A N   1 
ATOM   476  C CA  . LEU A 1 64  ? 0.509   9.185   -11.501 1.00 17.46 ? 58  LEU A CA  1 
ATOM   477  C C   . LEU A 1 64  ? 1.817   9.723   -10.923 1.00 17.65 ? 58  LEU A C   1 
ATOM   478  O O   . LEU A 1 64  ? 2.259   10.833  -11.256 1.00 18.87 ? 58  LEU A O   1 
ATOM   479  C CB  . LEU A 1 64  ? 0.666   8.936   -12.996 1.00 17.95 ? 58  LEU A CB  1 
ATOM   480  C CG  . LEU A 1 64  ? 1.850   8.059   -13.392 1.00 17.89 ? 58  LEU A CG  1 
ATOM   481  C CD1 . LEU A 1 64  ? 1.599   6.654   -12.922 1.00 18.67 ? 58  LEU A CD1 1 
ATOM   482  C CD2 . LEU A 1 64  ? 2.041   8.087   -14.909 1.00 19.80 ? 58  LEU A CD2 1 
ATOM   483  N N   . ALA A 1 65  ? 2.425   8.934   -10.045 1.00 16.67 ? 59  ALA A N   1 
ATOM   484  C CA  . ALA A 1 65  ? 3.748   9.230   -9.509  1.00 16.52 ? 59  ALA A CA  1 
ATOM   485  C C   . ALA A 1 65  ? 3.817   10.510  -8.691  1.00 17.09 ? 59  ALA A C   1 
ATOM   486  O O   . ALA A 1 65  ? 4.900   11.030  -8.456  1.00 17.75 ? 59  ALA A O   1 
ATOM   487  C CB  . ALA A 1 65  ? 4.790   9.260   -10.635 1.00 16.55 ? 59  ALA A CB  1 
ATOM   488  N N   . VAL A 1 66  ? 2.680   11.009  -8.217  1.00 16.87 ? 60  VAL A N   1 
ATOM   489  C CA  . VAL A 1 66  ? 2.713   12.267  -7.467  1.00 17.05 ? 60  VAL A CA  1 
ATOM   490  C C   . VAL A 1 66  ? 3.199   12.117  -6.011  1.00 17.20 ? 60  VAL A C   1 
ATOM   491  O O   . VAL A 1 66  ? 2.948   11.098  -5.350  1.00 17.46 ? 60  VAL A O   1 
ATOM   492  C CB  A VAL A 1 66  ? 1.397   13.093  -7.551  0.65 18.12 ? 60  VAL A CB  1 
ATOM   493  C CB  B VAL A 1 66  ? 1.322   12.931  -7.477  0.35 16.83 ? 60  VAL A CB  1 
ATOM   494  C CG1 A VAL A 1 66  ? 1.161   13.584  -8.982  0.65 19.12 ? 60  VAL A CG1 1 
ATOM   495  C CG1 B VAL A 1 66  ? 0.423   12.314  -6.408  0.35 16.64 ? 60  VAL A CG1 1 
ATOM   496  C CG2 A VAL A 1 66  ? 0.207   12.319  -6.997  0.65 18.20 ? 60  VAL A CG2 1 
ATOM   497  C CG2 B VAL A 1 66  ? 1.452   14.424  -7.276  0.35 16.27 ? 60  VAL A CG2 1 
ATOM   498  N N   . THR A 1 67  ? 3.908   13.142  -5.548  1.00 18.62 ? 61  THR A N   1 
ATOM   499  C CA  . THR A 1 67  ? 4.541   13.181  -4.230  1.00 20.30 ? 61  THR A CA  1 
ATOM   500  C C   . THR A 1 67  ? 3.529   13.449  -3.108  1.00 20.81 ? 61  THR A C   1 
ATOM   501  O O   . THR A 1 67  ? 3.695   12.957  -1.997  1.00 21.35 ? 61  THR A O   1 
ATOM   502  C CB  . THR A 1 67  ? 5.684   14.251  -4.198  1.00 20.88 ? 61  THR A CB  1 
ATOM   503  O OG1 . THR A 1 67  ? 6.429   14.148  -2.979  1.00 22.22 ? 61  THR A OG1 1 
ATOM   504  C CG2 . THR A 1 67  ? 5.139   15.642  -4.307  1.00 22.40 ? 61  THR A CG2 1 
ATOM   505  N N   . SER A 1 68  ? 2.495   14.230  -3.404  1.00 21.20 ? 62  SER A N   1 
ATOM   506  C CA  . SER A 1 68  ? 1.465   14.593  -2.428  1.00 22.80 ? 62  SER A CA  1 
ATOM   507  C C   . SER A 1 68  ? 0.283   15.195  -3.182  1.00 22.33 ? 62  SER A C   1 
ATOM   508  O O   . SER A 1 68  ? 0.408   15.524  -4.360  1.00 23.84 ? 62  SER A O   1 
ATOM   509  C CB  . SER A 1 68  ? 2.017   15.531  -1.334  1.00 24.44 ? 62  SER A CB  1 
ATOM   510  O OG  . SER A 1 68  ? 2.726   16.650  -1.852  1.00 26.36 ? 62  SER A OG  1 
ATOM   511  N N   . THR A 1 69  ? -0.871  15.297  -2.525  1.00 21.00 ? 63  THR A N   1 
ATOM   512  C CA  . THR A 1 69  ? -2.106  15.731  -3.165  1.00 20.35 ? 63  THR A CA  1 
ATOM   513  C C   . THR A 1 69  ? -2.856  16.694  -2.236  1.00 20.11 ? 63  THR A C   1 
ATOM   514  O O   . THR A 1 69  ? -2.450  16.896  -1.093  1.00 19.47 ? 63  THR A O   1 
ATOM   515  C CB  . THR A 1 69  ? -3.030  14.539  -3.474  1.00 20.31 ? 63  THR A CB  1 
ATOM   516  O OG1 . THR A 1 69  ? -3.538  13.994  -2.247  1.00 19.37 ? 63  THR A OG1 1 
ATOM   517  C CG2 . THR A 1 69  ? -2.286  13.444  -4.259  1.00 20.32 ? 63  THR A CG2 1 
ATOM   518  N N   . ALA A 1 70  ? -3.954  17.262  -2.729  1.00 21.08 ? 64  ALA A N   1 
ATOM   519  C CA  . ALA A 1 70  ? -4.824  18.107  -1.901  1.00 21.01 ? 64  ALA A CA  1 
ATOM   520  C C   . ALA A 1 70  ? -5.234  17.381  -0.620  1.00 20.52 ? 64  ALA A C   1 
ATOM   521  O O   . ALA A 1 70  ? -5.113  17.924  0.485   1.00 20.35 ? 64  ALA A O   1 
ATOM   522  C CB  . ALA A 1 70  ? -6.064  18.547  -2.689  1.00 21.65 ? 64  ALA A CB  1 
ATOM   523  N N   . ASP A 1 71  ? -5.699  16.143  -0.766  1.00 19.02 ? 65  ASP A N   1 
ATOM   524  C CA  . ASP A 1 71  ? -6.192  15.376  0.373   1.00 18.43 ? 65  ASP A CA  1 
ATOM   525  C C   . ASP A 1 71  ? -5.056  14.869  1.262   1.00 15.32 ? 65  ASP A C   1 
ATOM   526  O O   . ASP A 1 71  ? -5.246  14.651  2.464   1.00 15.57 ? 65  ASP A O   1 
ATOM   527  C CB  . ASP A 1 71  ? -7.032  14.179  -0.089  1.00 21.63 ? 65  ASP A CB  1 
ATOM   528  C CG  . ASP A 1 71  ? -8.222  14.583  -0.944  1.00 24.37 ? 65  ASP A CG  1 
ATOM   529  O OD1 . ASP A 1 71  ? -8.955  15.514  -0.548  1.00 26.27 ? 65  ASP A OD1 1 
ATOM   530  O OD2 . ASP A 1 71  ? -8.427  13.952  -2.005  1.00 26.89 ? 65  ASP A OD2 1 
ATOM   531  N N   . TYR A 1 72  ? -3.878  14.665  0.659   1.00 12.77 ? 66  TYR A N   1 
ATOM   532  C CA  . TYR A 1 72  ? -2.728  14.098  1.362   1.00 12.54 ? 66  TYR A CA  1 
ATOM   533  C C   . TYR A 1 72  ? -1.485  14.944  1.127   1.00 11.59 ? 66  TYR A C   1 
ATOM   534  O O   . TYR A 1 72  ? -0.658  14.620  0.276   1.00 12.28 ? 66  TYR A O   1 
ATOM   535  C CB  . TYR A 1 72  ? -2.479  12.660  0.900   1.00 12.61 ? 66  TYR A CB  1 
ATOM   536  C CG  . TYR A 1 72  ? -3.701  11.756  0.966   1.00 12.58 ? 66  TYR A CG  1 
ATOM   537  C CD1 . TYR A 1 72  ? -4.236  11.369  2.185   1.00 12.04 ? 66  TYR A CD1 1 
ATOM   538  C CD2 . TYR A 1 72  ? -4.306  11.285  -0.192  1.00 12.59 ? 66  TYR A CD2 1 
ATOM   539  C CE1 . TYR A 1 72  ? -5.351  10.531  2.249   1.00 12.56 ? 66  TYR A CE1 1 
ATOM   540  C CE2 . TYR A 1 72  ? -5.413  10.461  -0.139  1.00 12.84 ? 66  TYR A CE2 1 
ATOM   541  C CZ  . TYR A 1 72  ? -5.928  10.090  1.078   1.00 12.57 ? 66  TYR A CZ  1 
ATOM   542  O OH  . TYR A 1 72  ? -7.026  9.258   1.110   1.00 14.23 ? 66  TYR A OH  1 
ATOM   543  N N   . PRO A 1 73  ? -1.344  16.048  1.863   1.00 10.89 ? 67  PRO A N   1 
ATOM   544  C CA  . PRO A 1 73  ? -0.149  16.857  1.728   1.00 11.31 ? 67  PRO A CA  1 
ATOM   545  C C   . PRO A 1 73  ? 1.022   16.125  2.362   1.00 11.27 ? 67  PRO A C   1 
ATOM   546  O O   . PRO A 1 73  ? 0.836   15.143  3.073   1.00 11.39 ? 67  PRO A O   1 
ATOM   547  C CB  . PRO A 1 73  ? -0.501  18.122  2.515   1.00 12.55 ? 67  PRO A CB  1 
ATOM   548  C CG  . PRO A 1 73  ? -1.496  17.662  3.527   1.00 13.06 ? 67  PRO A CG  1 
ATOM   549  C CD  . PRO A 1 73  ? -2.293  16.599  2.844   1.00 12.46 ? 67  PRO A CD  1 
ATOM   550  N N   . ALA A 1 74  ? 2.227   16.595  2.091   1.00 11.14 ? 68  ALA A N   1 
ATOM   551  C CA  . ALA A 1 74  ? 3.435   15.914  2.513   1.00 11.69 ? 68  ALA A CA  1 
ATOM   552  C C   . ALA A 1 74  ? 3.428   15.582  3.998   1.00 11.15 ? 68  ALA A C   1 
ATOM   553  O O   . ALA A 1 74  ? 3.807   14.478  4.391   1.00 11.78 ? 68  ALA A O   1 
ATOM   554  C CB  . ALA A 1 74  ? 4.645   16.764  2.176   1.00 11.90 ? 68  ALA A CB  1 
ATOM   555  N N   . GLU A 1 75  ? 2.998   16.531  4.826   1.00 11.81 ? 69  GLU A N   1 
ATOM   556  C CA  . GLU A 1 75  ? 3.053   16.347  6.274   1.00 12.81 ? 69  GLU A CA  1 
ATOM   557  C C   . GLU A 1 75  ? 2.091   15.265  6.770   1.00 12.62 ? 69  GLU A C   1 
ATOM   558  O O   . GLU A 1 75  ? 2.217   14.801  7.902   1.00 13.43 ? 69  GLU A O   1 
ATOM   559  C CB  . GLU A 1 75  ? 2.760   17.677  6.987   1.00 13.60 ? 69  GLU A CB  1 
ATOM   560  C CG  . GLU A 1 75  ? 1.355   18.271  6.748   1.00 15.74 ? 69  GLU A CG  1 
ATOM   561  C CD  . GLU A 1 75  ? 1.262   19.168  5.521   1.00 16.47 ? 69  GLU A CD  1 
ATOM   562  O OE1 . GLU A 1 75  ? 2.168   19.118  4.655   1.00 16.25 ? 69  GLU A OE1 1 
ATOM   563  O OE2 . GLU A 1 75  ? 0.268   19.929  5.410   1.00 16.99 ? 69  GLU A OE2 1 
ATOM   564  N N   . ARG A 1 76  ? 1.130   14.891  5.929   1.00 12.37 ? 70  ARG A N   1 
ATOM   565  C CA  . ARG A 1 76  ? 0.149   13.861  6.244   1.00 13.34 ? 70  ARG A CA  1 
ATOM   566  C C   . ARG A 1 76  ? 0.625   12.446  5.902   1.00 13.41 ? 70  ARG A C   1 
ATOM   567  O O   . ARG A 1 76  ? 0.183   11.460  6.502   1.00 16.43 ? 70  ARG A O   1 
ATOM   568  C CB  . ARG A 1 76  ? -1.133  14.160  5.461   1.00 13.51 ? 70  ARG A CB  1 
ATOM   569  C CG  . ARG A 1 76  ? -2.219  13.127  5.627   1.00 14.34 ? 70  ARG A CG  1 
ATOM   570  C CD  . ARG A 1 76  ? -2.918  13.251  6.987   1.00 14.24 ? 70  ARG A CD  1 
ATOM   571  N NE  . ARG A 1 76  ? -3.877  12.159  7.155   1.00 15.19 ? 70  ARG A NE  1 
ATOM   572  C CZ  . ARG A 1 76  ? -5.090  12.129  6.604   1.00 15.03 ? 70  ARG A CZ  1 
ATOM   573  N NH1 . ARG A 1 76  ? -5.529  13.135  5.857   1.00 16.32 ? 70  ARG A NH1 1 
ATOM   574  N NH2 . ARG A 1 76  ? -5.870  11.079  6.814   1.00 15.34 ? 70  ARG A NH2 1 
ATOM   575  N N   . ILE A 1 77  ? 1.532   12.324  4.941   1.00 11.51 ? 71  ILE A N   1 
ATOM   576  C CA  . ILE A 1 77  ? 1.868   11.011  4.413   1.00 11.64 ? 71  ILE A CA  1 
ATOM   577  C C   . ILE A 1 77  ? 2.848   10.332  5.343   1.00 11.37 ? 71  ILE A C   1 
ATOM   578  O O   . ILE A 1 77  ? 3.884   10.905  5.685   1.00 12.63 ? 71  ILE A O   1 
ATOM   579  C CB  . ILE A 1 77  ? 2.443   11.124  2.987   1.00 11.44 ? 71  ILE A CB  1 
ATOM   580  C CG1 . ILE A 1 77  ? 1.396   11.734  2.053   1.00 11.50 ? 71  ILE A CG1 1 
ATOM   581  C CG2 . ILE A 1 77  ? 2.953   9.772   2.481   1.00 11.85 ? 71  ILE A CG2 1 
ATOM   582  C CD1 . ILE A 1 77  ? 1.991   12.229  0.746   1.00 11.49 ? 71  ILE A CD1 1 
ATOM   583  N N   . ASP A 1 78  ? 2.532   9.117   5.765   1.00 9.85  ? 72  ASP A N   1 
ATOM   584  C CA  . ASP A 1 78  ? 3.374   8.410   6.704   1.00 9.77  ? 72  ASP A CA  1 
ATOM   585  C C   . ASP A 1 78  ? 4.546   7.682   6.053   1.00 9.48  ? 72  ASP A C   1 
ATOM   586  O O   . ASP A 1 78  ? 5.634   7.633   6.612   1.00 9.49  ? 72  ASP A O   1 
ATOM   587  C CB  . ASP A 1 78  ? 2.505   7.458   7.520   1.00 10.70 ? 72  ASP A CB  1 
ATOM   588  C CG  . ASP A 1 78  ? 1.524   8.220   8.384   1.00 12.11 ? 72  ASP A CG  1 
ATOM   589  O OD1 . ASP A 1 78  ? 2.000   8.916   9.309   1.00 14.83 ? 72  ASP A OD1 1 
ATOM   590  O OD2 . ASP A 1 78  ? 0.317   8.244   8.092   1.00 11.69 ? 72  ASP A OD2 1 
ATOM   591  N N   . ALA A 1 79  ? 4.331   7.117   4.868   1.00 8.92  ? 73  ALA A N   1 
ATOM   592  C CA  . ALA A 1 79  ? 5.402   6.432   4.161   1.00 8.85  ? 73  ALA A CA  1 
ATOM   593  C C   . ALA A 1 79  ? 4.974   6.242   2.730   1.00 8.93  ? 73  ALA A C   1 
ATOM   594  O O   . ALA A 1 79  ? 3.783   6.303   2.423   1.00 9.11  ? 73  ALA A O   1 
ATOM   595  C CB  . ALA A 1 79  ? 5.717   5.079   4.796   1.00 9.62  ? 73  ALA A CB  1 
ATOM   596  N N   . SER A 1 80  ? 5.955   6.005   1.864   1.00 8.85  ? 74  SER A N   1 
ATOM   597  C CA  . SER A 1 80  ? 5.707   5.718   0.459   1.00 9.74  ? 74  SER A CA  1 
ATOM   598  C C   . SER A 1 80  ? 6.561   4.547   0.038   1.00 9.60  ? 74  SER A C   1 
ATOM   599  O O   . SER A 1 80  ? 7.696   4.378   0.519   1.00 10.48 ? 74  SER A O   1 
ATOM   600  C CB  . SER A 1 80  ? 6.086   6.909   -0.415  1.00 11.28 ? 74  SER A CB  1 
ATOM   601  O OG  . SER A 1 80  ? 5.373   8.066   -0.012  1.00 12.43 ? 74  SER A OG  1 
ATOM   602  N N   . ILE A 1 81  ? 6.035   3.743   -0.873  1.00 8.61  ? 75  ILE A N   1 
ATOM   603  C CA  . ILE A 1 81  ? 6.785   2.611   -1.420  1.00 8.88  ? 75  ILE A CA  1 
ATOM   604  C C   . ILE A 1 81  ? 6.706   2.651   -2.941  1.00 9.16  ? 75  ILE A C   1 
ATOM   605  O O   . ILE A 1 81  ? 5.642   2.948   -3.498  1.00 9.50  ? 75  ILE A O   1 
ATOM   606  C CB  . ILE A 1 81  ? 6.279   1.260   -0.855  1.00 9.29  ? 75  ILE A CB  1 
ATOM   607  C CG1 . ILE A 1 81  ? 7.201   0.112   -1.265  1.00 9.55  ? 75  ILE A CG1 1 
ATOM   608  C CG2 . ILE A 1 81  ? 4.820   0.965   -1.304  1.00 9.34  ? 75  ILE A CG2 1 
ATOM   609  C CD1 . ILE A 1 81  ? 6.909   -1.183  -0.524  1.00 10.40 ? 75  ILE A CD1 1 
ATOM   610  N N   . THR A 1 82  ? 7.835   2.383   -3.591  1.00 9.11  ? 76  THR A N   1 
ATOM   611  C CA  . THR A 1 82  ? 7.862   2.110   -5.022  1.00 9.52  ? 76  THR A CA  1 
ATOM   612  C C   . THR A 1 82  ? 8.144   0.624   -5.165  1.00 9.34  ? 76  THR A C   1 
ATOM   613  O O   . THR A 1 82  ? 9.109   0.101   -4.588  1.00 9.45  ? 76  THR A O   1 
ATOM   614  C CB  . THR A 1 82  ? 8.943   2.947   -5.711  1.00 10.42 ? 76  THR A CB  1 
ATOM   615  O OG1 . THR A 1 82  ? 8.678   4.325   -5.459  1.00 11.16 ? 76  THR A OG1 1 
ATOM   616  C CG2 . THR A 1 82  ? 8.928   2.714   -7.203  1.00 11.00 ? 76  THR A CG2 1 
ATOM   617  N N   . ILE A 1 83  ? 7.272   -0.056  -5.893  1.00 8.94  ? 77  ILE A N   1 
ATOM   618  C CA  . ILE A 1 83  ? 7.210   -1.508  -5.885  1.00 9.51  ? 77  ILE A CA  1 
ATOM   619  C C   . ILE A 1 83  ? 6.664   -2.007  -7.222  1.00 10.15 ? 77  ILE A C   1 
ATOM   620  O O   . ILE A 1 83  ? 5.784   -1.369  -7.819  1.00 10.50 ? 77  ILE A O   1 
ATOM   621  C CB  . ILE A 1 83  ? 6.287   -1.976  -4.709  1.00 9.40  ? 77  ILE A CB  1 
ATOM   622  C CG1 . ILE A 1 83  ? 6.118   -3.498  -4.674  1.00 9.87  ? 77  ILE A CG1 1 
ATOM   623  C CG2 . ILE A 1 83  ? 4.905   -1.293  -4.776  1.00 9.86  ? 77  ILE A CG2 1 
ATOM   624  C CD1 . ILE A 1 83  ? 5.498   -4.008  -3.376  1.00 10.45 ? 77  ILE A CD1 1 
ATOM   625  N N   . ASP A 1 84  ? 7.194   -3.126  -7.715  1.00 9.89  ? 78  ASP A N   1 
ATOM   626  C CA  . ASP A 1 84  ? 6.648   -3.701  -8.943  1.00 11.28 ? 78  ASP A CA  1 
ATOM   627  C C   . ASP A 1 84  ? 5.189   -4.107  -8.752  1.00 10.60 ? 78  ASP A C   1 
ATOM   628  O O   . ASP A 1 84  ? 4.823   -4.662  -7.718  1.00 10.32 ? 78  ASP A O   1 
ATOM   629  C CB  . ASP A 1 84  ? 7.447   -4.936  -9.353  1.00 12.70 ? 78  ASP A CB  1 
ATOM   630  C CG  . ASP A 1 84  ? 8.802   -4.601  -9.934  1.00 14.13 ? 78  ASP A CG  1 
ATOM   631  O OD1 . ASP A 1 84  ? 9.160   -3.412  -10.046 1.00 15.01 ? 78  ASP A OD1 1 
ATOM   632  O OD2 . ASP A 1 84  ? 9.518   -5.570  -10.304 1.00 16.95 ? 78  ASP A OD2 1 
ATOM   633  N N   . ASP A 1 85  ? 4.379   -3.861  -9.776  1.00 10.84 ? 79  ASP A N   1 
ATOM   634  C CA  . ASP A 1 85  ? 2.993   -4.335  -9.823  1.00 11.84 ? 79  ASP A CA  1 
ATOM   635  C C   . ASP A 1 85  ? 2.898   -5.774  -9.328  1.00 11.20 ? 79  ASP A C   1 
ATOM   636  O O   . ASP A 1 85  ? 2.121   -6.088  -8.431  1.00 11.31 ? 79  ASP A O   1 
ATOM   637  C CB  . ASP A 1 85  ? 2.523   -4.244  -11.288 1.00 12.17 ? 79  ASP A CB  1 
ATOM   638  C CG  . ASP A 1 85  ? 1.162   -4.872  -11.540 1.00 13.88 ? 79  ASP A CG  1 
ATOM   639  O OD1 . ASP A 1 85  ? 0.297   -4.915  -10.640 1.00 13.38 ? 79  ASP A OD1 1 
ATOM   640  O OD2 . ASP A 1 85  ? 0.968   -5.326  -12.696 1.00 15.44 ? 79  ASP A OD2 1 
ATOM   641  N N   . ASN A 1 86  ? 3.691   -6.667  -9.912  1.00 12.88 ? 80  ASN A N   1 
ATOM   642  C CA  . ASN A 1 86  ? 3.581   -8.058  -9.526  1.00 12.80 ? 80  ASN A CA  1 
ATOM   643  C C   . ASN A 1 86  ? 3.945   -8.331  -8.069  1.00 12.00 ? 80  ASN A C   1 
ATOM   644  O O   . ASN A 1 86  ? 3.361   -9.192  -7.432  1.00 12.29 ? 80  ASN A O   1 
ATOM   645  C CB  . ASN A 1 86  ? 4.398   -8.973  -10.436 1.00 15.13 ? 80  ASN A CB  1 
ATOM   646  C CG  . ASN A 1 86  ? 4.053   -10.430 -10.224 1.00 16.53 ? 80  ASN A CG  1 
ATOM   647  O OD1 . ASN A 1 86  ? 2.926   -10.848 -10.494 1.00 18.31 ? 80  ASN A OD1 1 
ATOM   648  N ND2 . ASN A 1 86  ? 5.006   -11.205 -9.701  1.00 17.01 ? 80  ASN A ND2 1 
ATOM   649  N N   . ASP A 1 87  ? 4.940   -7.619  -7.548  1.00 10.97 ? 81  ASP A N   1 
ATOM   650  C CA  . ASP A 1 87  ? 5.342   -7.799  -6.169  1.00 11.44 ? 81  ASP A CA  1 
ATOM   651  C C   . ASP A 1 87  ? 4.261   -7.316  -5.190  1.00 9.93  ? 81  ASP A C   1 
ATOM   652  O O   . ASP A 1 87  ? 4.062   -7.913  -4.146  1.00 10.64 ? 81  ASP A O   1 
ATOM   653  C CB  . ASP A 1 87  ? 6.673   -7.090  -5.903  1.00 11.36 ? 81  ASP A CB  1 
ATOM   654  C CG  . ASP A 1 87  ? 7.863   -7.876  -6.419  1.00 13.62 ? 81  ASP A CG  1 
ATOM   655  O OD1 . ASP A 1 87  ? 7.732   -9.104  -6.559  1.00 14.22 ? 81  ASP A OD1 1 
ATOM   656  O OD2 . ASP A 1 87  ? 8.921   -7.268  -6.656  1.00 14.17 ? 81  ASP A OD2 1 
ATOM   657  N N   . PHE A 1 88  ? 3.574   -6.227  -5.543  1.00 9.94  ? 82  PHE A N   1 
ATOM   658  C CA  . PHE A 1 88  ? 2.470   -5.771  -4.713  1.00 10.56 ? 82  PHE A CA  1 
ATOM   659  C C   . PHE A 1 88  ? 1.376   -6.841  -4.701  1.00 10.42 ? 82  PHE A C   1 
ATOM   660  O O   . PHE A 1 88  ? 0.805   -7.159  -3.660  1.00 10.42 ? 82  PHE A O   1 
ATOM   661  C CB  . PHE A 1 88  ? 1.925   -4.419  -5.203  1.00 11.60 ? 82  PHE A CB  1 
ATOM   662  C CG  . PHE A 1 88  ? 0.846   -3.857  -4.315  1.00 11.75 ? 82  PHE A CG  1 
ATOM   663  C CD1 . PHE A 1 88  ? 1.175   -3.094  -3.202  1.00 12.58 ? 82  PHE A CD1 1 
ATOM   664  C CD2 . PHE A 1 88  ? -0.491  -4.120  -4.569  1.00 12.10 ? 82  PHE A CD2 1 
ATOM   665  C CE1 . PHE A 1 88  ? 0.177   -2.603  -2.362  1.00 13.67 ? 82  PHE A CE1 1 
ATOM   666  C CE2 . PHE A 1 88  ? -1.488  -3.622  -3.737  1.00 13.27 ? 82  PHE A CE2 1 
ATOM   667  C CZ  . PHE A 1 88  ? -1.149  -2.866  -2.642  1.00 13.44 ? 82  PHE A CZ  1 
ATOM   668  N N   . TYR A 1 89  ? 1.087   -7.388  -5.873  1.00 10.65 ? 83  TYR A N   1 
ATOM   669  C CA  . TYR A 1 89  ? 0.141   -8.496  -5.959  1.00 11.31 ? 83  TYR A CA  1 
ATOM   670  C C   . TYR A 1 89  ? 0.536   -9.674  -5.076  1.00 10.69 ? 83  TYR A C   1 
ATOM   671  O O   . TYR A 1 89  ? -0.301  -10.257 -4.387  1.00 11.05 ? 83  TYR A O   1 
ATOM   672  C CB  . TYR A 1 89  ? -0.004  -8.941  -7.411  1.00 14.54 ? 83  TYR A CB  1 
ATOM   673  C CG  . TYR A 1 89  ? -0.992  -10.068 -7.589  1.00 16.09 ? 83  TYR A CG  1 
ATOM   674  C CD1 . TYR A 1 89  ? -2.354  -9.805  -7.697  1.00 16.75 ? 83  TYR A CD1 1 
ATOM   675  C CD2 . TYR A 1 89  ? -0.561  -11.391 -7.655  1.00 16.95 ? 83  TYR A CD2 1 
ATOM   676  C CE1 . TYR A 1 89  ? -3.268  -10.834 -7.867  1.00 17.37 ? 83  TYR A CE1 1 
ATOM   677  C CE2 . TYR A 1 89  ? -1.470  -12.428 -7.821  1.00 17.60 ? 83  TYR A CE2 1 
ATOM   678  C CZ  . TYR A 1 89  ? -2.817  -12.134 -7.921  1.00 17.63 ? 83  TYR A CZ  1 
ATOM   679  O OH  . TYR A 1 89  ? -3.726  -13.159 -8.100  1.00 19.46 ? 83  TYR A OH  1 
ATOM   680  N N   . LEU A 1 90  ? 1.818   -10.026 -5.093  1.00 9.74  ? 84  LEU A N   1 
ATOM   681  C CA  . LEU A 1 90  ? 2.297   -11.111 -4.242  1.00 10.16 ? 84  LEU A CA  1 
ATOM   682  C C   . LEU A 1 90  ? 2.114   -10.826 -2.762  1.00 9.62  ? 84  LEU A C   1 
ATOM   683  O O   . LEU A 1 90  ? 1.747   -11.707 -1.999  1.00 11.79 ? 84  LEU A O   1 
ATOM   684  C CB  . LEU A 1 90  ? 3.760   -11.453 -4.521  1.00 12.87 ? 84  LEU A CB  1 
ATOM   685  C CG  . LEU A 1 90  ? 4.038   -12.040 -5.908  1.00 14.02 ? 84  LEU A CG  1 
ATOM   686  C CD1 . LEU A 1 90  ? 5.549   -12.177 -6.086  1.00 15.16 ? 84  LEU A CD1 1 
ATOM   687  C CD2 . LEU A 1 90  ? 3.325   -13.371 -6.127  1.00 14.72 ? 84  LEU A CD2 1 
ATOM   688  N N   . VAL A 1 91  ? 2.391   -9.592  -2.332  1.00 9.00  ? 85  VAL A N   1 
ATOM   689  C CA  . VAL A 1 91  ? 2.150   -9.264  -0.930  1.00 9.19  ? 85  VAL A CA  1 
ATOM   690  C C   . VAL A 1 91  ? 0.651   -9.349  -0.623  1.00 9.87  ? 85  VAL A C   1 
ATOM   691  O O   . VAL A 1 91  ? 0.248   -9.907  0.389   1.00 10.26 ? 85  VAL A O   1 
ATOM   692  C CB  . VAL A 1 91  ? 2.679   -7.855  -0.557  1.00 10.51 ? 85  VAL A CB  1 
ATOM   693  C CG1 . VAL A 1 91  ? 2.314   -7.541  0.874   1.00 10.92 ? 85  VAL A CG1 1 
ATOM   694  C CG2 . VAL A 1 91  ? 4.186   -7.792  -0.727  1.00 11.17 ? 85  VAL A CG2 1 
ATOM   695  N N   . ALA A 1 92  ? -0.156  -8.772  -1.507  1.00 10.24 ? 86  ALA A N   1 
ATOM   696  C CA  . ALA A 1 92  ? -1.599  -8.723  -1.315  1.00 10.81 ? 86  ALA A CA  1 
ATOM   697  C C   . ALA A 1 92  ? -2.253  -10.111 -1.304  1.00 11.17 ? 86  ALA A C   1 
ATOM   698  O O   . ALA A 1 92  ? -3.317  -10.266 -0.713  1.00 12.21 ? 86  ALA A O   1 
ATOM   699  C CB  . ALA A 1 92  ? -2.216  -7.837  -2.393  1.00 11.26 ? 86  ALA A CB  1 
ATOM   700  N N   . THR A 1 93  ? -1.624  -11.087 -1.964  1.00 11.16 ? 87  THR A N   1 
ATOM   701  C CA  . THR A 1 93  ? -2.102  -12.477 -1.940  1.00 12.31 ? 87  THR A CA  1 
ATOM   702  C C   . THR A 1 93  ? -1.352  -13.369 -0.948  1.00 13.16 ? 87  THR A C   1 
ATOM   703  O O   . THR A 1 93  ? -1.479  -14.600 -0.991  1.00 14.37 ? 87  THR A O   1 
ATOM   704  C CB  . THR A 1 93  ? -2.081  -13.091 -3.340  1.00 11.18 ? 87  THR A CB  1 
ATOM   705  O OG1 . THR A 1 93  ? -0.770  -12.960 -3.924  1.00 12.32 ? 87  THR A OG1 1 
ATOM   706  C CG2 . THR A 1 93  ? -3.113  -12.408 -4.236  1.00 12.57 ? 87  THR A CG2 1 
ATOM   707  N N   . LYS A 1 94  ? -0.586  -12.754 -0.050  1.00 12.61 ? 88  LYS A N   1 
ATOM   708  C CA  . LYS A 1 94  ? 0.083   -13.433 1.067   1.00 12.52 ? 88  LYS A CA  1 
ATOM   709  C C   . LYS A 1 94  ? 1.138   -14.449 0.615   1.00 11.78 ? 88  LYS A C   1 
ATOM   710  O O   . LYS A 1 94  ? 1.408   -15.437 1.316   1.00 11.70 ? 88  LYS A O   1 
ATOM   711  C CB  . LYS A 1 94  ? -0.940  -14.015 2.057   1.00 13.15 ? 88  LYS A CB  1 
ATOM   712  C CG  . LYS A 1 94  ? -1.864  -12.935 2.656   1.00 11.83 ? 88  LYS A CG  1 
ATOM   713  C CD  . LYS A 1 94  ? -2.733  -13.421 3.812   1.00 13.76 ? 88  LYS A CD  1 
ATOM   714  C CE  . LYS A 1 94  ? -3.617  -12.287 4.351   1.00 13.38 ? 88  LYS A CE  1 
ATOM   715  N NZ  . LYS A 1 94  ? -4.521  -12.711 5.457   1.00 15.81 ? 88  LYS A NZ  1 
ATOM   716  N N   . GLU A 1 95  ? 1.758   -14.167 -0.528  1.00 12.35 ? 89  GLU A N   1 
ATOM   717  C CA  . GLU A 1 95  ? 2.804   -15.027 -1.068  1.00 13.60 ? 89  GLU A CA  1 
ATOM   718  C C   . GLU A 1 95  ? 4.191   -14.503 -0.745  1.00 13.25 ? 89  GLU A C   1 
ATOM   719  O O   . GLU A 1 95  ? 5.164   -15.242 -0.862  1.00 14.42 ? 89  GLU A O   1 
ATOM   720  C CB  A GLU A 1 95  ? 2.710   -15.099 -2.600  0.65 16.14 ? 89  GLU A CB  1 
ATOM   721  C CB  B GLU A 1 95  ? 2.611   -15.249 -2.569  0.35 14.03 ? 89  GLU A CB  1 
ATOM   722  C CG  A GLU A 1 95  ? 1.336   -15.267 -3.174  0.65 18.72 ? 89  GLU A CG  1 
ATOM   723  C CG  B GLU A 1 95  ? 1.400   -16.103 -2.897  0.35 14.72 ? 89  GLU A CG  1 
ATOM   724  C CD  A GLU A 1 95  ? 0.857   -16.690 -3.101  0.65 19.56 ? 89  GLU A CD  1 
ATOM   725  C CD  B GLU A 1 95  ? 1.463   -16.682 -4.292  0.35 15.13 ? 89  GLU A CD  1 
ATOM   726  O OE1 A GLU A 1 95  ? 1.435   -17.482 -2.321  0.65 20.49 ? 89  GLU A OE1 1 
ATOM   727  O OE1 B GLU A 1 95  ? 0.435   -17.177 -4.766  0.35 14.54 ? 89  GLU A OE1 1 
ATOM   728  O OE2 A GLU A 1 95  ? -0.101  -17.017 -3.828  0.65 19.94 ? 89  GLU A OE2 1 
ATOM   729  O OE2 B GLU A 1 95  ? 2.542   -16.634 -4.911  0.35 15.69 ? 89  GLU A OE2 1 
ATOM   730  N N   . THR A 1 96  ? 4.287   -13.217 -0.412  1.00 12.12 ? 90  THR A N   1 
ATOM   731  C CA  . THR A 1 96  ? 5.520   -12.628 0.114   1.00 11.28 ? 90  THR A CA  1 
ATOM   732  C C   . THR A 1 96  ? 5.124   -11.500 1.067   1.00 10.99 ? 90  THR A C   1 
ATOM   733  O O   . THR A 1 96  ? 3.924   -11.267 1.288   1.00 10.66 ? 90  THR A O   1 
ATOM   734  C CB  . THR A 1 96  ? 6.451   -12.144 -1.013  1.00 11.20 ? 90  THR A CB  1 
ATOM   735  O OG1 . THR A 1 96  ? 7.773   -11.934 -0.485  1.00 13.31 ? 90  THR A OG1 1 
ATOM   736  C CG2 . THR A 1 96  ? 5.954   -10.867 -1.644  1.00 11.91 ? 90  THR A CG2 1 
ATOM   737  N N   . SER A 1 97  ? 6.110   -10.841 1.678   1.00 11.10 ? 91  SER A N   1 
ATOM   738  C CA  . SER A 1 97  ? 5.833   -9.767  2.633   1.00 10.72 ? 91  SER A CA  1 
ATOM   739  C C   . SER A 1 97  ? 6.649   -8.541  2.256   1.00 11.09 ? 91  SER A C   1 
ATOM   740  O O   . SER A 1 97  ? 7.599   -8.646  1.497   1.00 10.63 ? 91  SER A O   1 
ATOM   741  C CB  . SER A 1 97  ? 6.240   -10.203 4.037   1.00 12.34 ? 91  SER A CB  1 
ATOM   742  O OG  . SER A 1 97  ? 7.650   -10.412 4.063   1.00 12.73 ? 91  SER A OG  1 
ATOM   743  N N   . PHE A 1 98  ? 6.280   -7.381  2.788   1.00 10.94 ? 92  PHE A N   1 
ATOM   744  C CA  . PHE A 1 98  ? 7.111   -6.203  2.556   1.00 10.58 ? 92  PHE A CA  1 
ATOM   745  C C   . PHE A 1 98  ? 8.523   -6.435  3.113   1.00 11.03 ? 92  PHE A C   1 
ATOM   746  O O   . PHE A 1 98  ? 9.514   -6.040  2.481   1.00 11.68 ? 92  PHE A O   1 
ATOM   747  C CB  . PHE A 1 98  ? 6.483   -4.957  3.173   1.00 10.66 ? 92  PHE A CB  1 
ATOM   748  C CG  . PHE A 1 98  ? 5.227   -4.497  2.475   1.00 9.73  ? 92  PHE A CG  1 
ATOM   749  C CD1 . PHE A 1 98  ? 5.282   -4.077  1.164   1.00 10.75 ? 92  PHE A CD1 1 
ATOM   750  C CD2 . PHE A 1 98  ? 4.000   -4.485  3.128   1.00 11.04 ? 92  PHE A CD2 1 
ATOM   751  C CE1 . PHE A 1 98  ? 4.125   -3.643  0.495   1.00 11.26 ? 92  PHE A CE1 1 
ATOM   752  C CE2 . PHE A 1 98  ? 2.854   -4.056  2.467   1.00 11.23 ? 92  PHE A CE2 1 
ATOM   753  C CZ  . PHE A 1 98  ? 2.911   -3.647  1.148   1.00 10.76 ? 92  PHE A CZ  1 
ATOM   754  N N   . ALA A 1 99  ? 8.639   -7.087  4.268   1.00 11.30 ? 93  ALA A N   1 
ATOM   755  C CA  . ALA A 1 99  ? 9.969   -7.307  4.841   1.00 10.96 ? 93  ALA A CA  1 
ATOM   756  C C   . ALA A 1 99  ? 10.818  -8.143  3.907   1.00 12.05 ? 93  ALA A C   1 
ATOM   757  O O   . ALA A 1 99  ? 12.019  -7.856  3.699   1.00 12.35 ? 93  ALA A O   1 
ATOM   758  C CB  . ALA A 1 99  ? 9.851   -7.990  6.183   1.00 11.80 ? 93  ALA A CB  1 
ATOM   759  N N   . ALA A 1 100 ? 10.228  -9.172  3.316   1.00 11.24 ? 94  ALA A N   1 
ATOM   760  C CA  . ALA A 1 100 ? 10.962  -10.020 2.388   1.00 11.16 ? 94  ALA A CA  1 
ATOM   761  C C   . ALA A 1 100 ? 11.419  -9.222  1.163   1.00 11.52 ? 94  ALA A C   1 
ATOM   762  O O   . ALA A 1 100 ? 12.555  -9.373  0.684   1.00 13.29 ? 94  ALA A O   1 
ATOM   763  C CB  . ALA A 1 100 ? 10.104  -11.247 1.971   1.00 12.29 ? 94  ALA A CB  1 
ATOM   764  N N   . LEU A 1 101 ? 10.553  -8.355  0.644   1.00 11.32 ? 95  LEU A N   1 
ATOM   765  C CA  . LEU A 1 101 ? 10.932  -7.538  -0.506  1.00 11.75 ? 95  LEU A CA  1 
ATOM   766  C C   . LEU A 1 101 ? 12.081  -6.587  -0.161  1.00 11.37 ? 95  LEU A C   1 
ATOM   767  O O   . LEU A 1 101 ? 12.975  -6.366  -0.993  1.00 11.91 ? 95  LEU A O   1 
ATOM   768  C CB  . LEU A 1 101 ? 9.726   -6.762  -1.043  1.00 11.86 ? 95  LEU A CB  1 
ATOM   769  C CG  . LEU A 1 101 ? 8.632   -7.631  -1.679  1.00 11.41 ? 95  LEU A CG  1 
ATOM   770  C CD1 . LEU A 1 101 ? 7.422   -6.772  -1.990  1.00 12.04 ? 95  LEU A CD1 1 
ATOM   771  C CD2 . LEU A 1 101 ? 9.132   -8.326  -2.928  1.00 13.46 ? 95  LEU A CD2 1 
ATOM   772  N N   . ILE A 1 102 ? 12.049  -6.036  1.050   1.00 11.43 ? 96  ILE A N   1 
ATOM   773  C CA  . ILE A 1 102 ? 13.134  -5.168  1.540   1.00 12.43 ? 96  ILE A CA  1 
ATOM   774  C C   . ILE A 1 102 ? 14.443  -5.960  1.629   1.00 13.34 ? 96  ILE A C   1 
ATOM   775  O O   . ILE A 1 102 ? 15.501  -5.501  1.157   1.00 13.39 ? 96  ILE A O   1 
ATOM   776  C CB  . ILE A 1 102 ? 12.778  -4.570  2.895   1.00 12.09 ? 96  ILE A CB  1 
ATOM   777  C CG1 . ILE A 1 102 ? 11.608  -3.589  2.742   1.00 12.80 ? 96  ILE A CG1 1 
ATOM   778  C CG2 . ILE A 1 102 ? 14.003  -3.860  3.524   1.00 12.34 ? 96  ILE A CG2 1 
ATOM   779  C CD1 . ILE A 1 102 ? 10.905  -3.258  4.039   1.00 14.01 ? 96  ILE A CD1 1 
ATOM   780  N N   . GLU A 1 103 ? 14.365  -7.161  2.181   1.00 13.98 ? 97  GLU A N   1 
ATOM   781  C CA  . GLU A 1 103 ? 15.543  -8.018  2.279   1.00 15.49 ? 97  GLU A CA  1 
ATOM   782  C C   . GLU A 1 103 ? 16.166  -8.250  0.908   1.00 15.04 ? 97  GLU A C   1 
ATOM   783  O O   . GLU A 1 103 ? 17.389  -8.276  0.768   1.00 14.75 ? 97  GLU A O   1 
ATOM   784  C CB  . GLU A 1 103 ? 15.155  -9.341  2.940   1.00 17.16 ? 97  GLU A CB  1 
ATOM   785  C CG  . GLU A 1 103 ? 16.313  -10.322 3.076   1.00 19.98 ? 97  GLU A CG  1 
ATOM   786  C CD  . GLU A 1 103 ? 15.931  -11.590 3.820   1.00 21.96 ? 97  GLU A CD  1 
ATOM   787  O OE1 . GLU A 1 103 ? 16.843  -12.219 4.405   1.00 26.04 ? 97  GLU A OE1 1 
ATOM   788  O OE2 . GLU A 1 103 ? 14.733  -11.957 3.824   1.00 25.01 ? 97  GLU A OE2 1 
ATOM   789  N N   . GLN A 1 104 ? 15.323  -8.401  -0.104  1.00 13.56 ? 98  GLN A N   1 
ATOM   790  C CA  . GLN A 1 104 ? 15.715  -8.748  -1.458  1.00 14.23 ? 98  GLN A CA  1 
ATOM   791  C C   . GLN A 1 104 ? 16.073  -7.516  -2.297  1.00 12.74 ? 98  GLN A C   1 
ATOM   792  O O   . GLN A 1 104 ? 16.429  -7.641  -3.468  1.00 13.81 ? 98  GLN A O   1 
ATOM   793  C CB  . GLN A 1 104 ? 14.565  -9.530  -2.123  1.00 15.56 ? 98  GLN A CB  1 
ATOM   794  C CG  . GLN A 1 104 ? 14.321  -10.907 -1.478  1.00 16.45 ? 98  GLN A CG  1 
ATOM   795  C CD  . GLN A 1 104 ? 12.887  -11.451 -1.638  1.00 17.41 ? 98  GLN A CD  1 
ATOM   796  O OE1 . GLN A 1 104 ? 12.151  -11.077 -2.548  1.00 19.38 ? 98  GLN A OE1 1 
ATOM   797  N NE2 . GLN A 1 104 ? 12.505  -12.350 -0.735  1.00 20.00 ? 98  GLN A NE2 1 
ATOM   798  N N   . GLY A 1 105 ? 15.969  -6.329  -1.706  1.00 12.02 ? 99  GLY A N   1 
ATOM   799  C CA  . GLY A 1 105 ? 16.286  -5.087  -2.432  1.00 12.14 ? 99  GLY A CA  1 
ATOM   800  C C   . GLY A 1 105 ? 15.317  -4.749  -3.557  1.00 11.90 ? 99  GLY A C   1 
ATOM   801  O O   . GLY A 1 105 ? 15.684  -4.047  -4.500  1.00 12.05 ? 99  GLY A O   1 
ATOM   802  N N   . LYS A 1 106 ? 14.071  -5.221  -3.449  1.00 11.45 ? 100 LYS A N   1 
ATOM   803  C CA  . LYS A 1 106 ? 13.109  -5.108  -4.540  1.00 11.58 ? 100 LYS A CA  1 
ATOM   804  C C   . LYS A 1 106 ? 12.217  -3.875  -4.484  1.00 10.77 ? 100 LYS A C   1 
ATOM   805  O O   . LYS A 1 106 ? 11.466  -3.628  -5.427  1.00 12.14 ? 100 LYS A O   1 
ATOM   806  C CB  . LYS A 1 106 ? 12.236  -6.367  -4.611  1.00 12.12 ? 100 LYS A CB  1 
ATOM   807  C CG  . LYS A 1 106 ? 12.996  -7.576  -5.108  1.00 14.23 ? 100 LYS A CG  1 
ATOM   808  C CD  . LYS A 1 106 ? 12.127  -8.815  -5.053  1.00 15.41 ? 100 LYS A CD  1 
ATOM   809  C CE  . LYS A 1 106 ? 12.790  -9.982  -5.776  1.00 16.94 ? 100 LYS A CE  1 
ATOM   810  N NZ  . LYS A 1 106 ? 12.074  -11.260 -5.471  1.00 18.40 ? 100 LYS A NZ  1 
ATOM   811  N N   . VAL A 1 107 ? 12.298  -3.118  -3.403  1.00 10.13 ? 101 VAL A N   1 
ATOM   812  C CA  . VAL A 1 107 ? 11.424  -1.954  -3.247  1.00 10.04 ? 101 VAL A CA  1 
ATOM   813  C C   . VAL A 1 107 ? 12.186  -0.757  -2.735  1.00 10.43 ? 101 VAL A C   1 
ATOM   814  O O   . VAL A 1 107 ? 13.294  -0.882  -2.211  1.00 10.54 ? 101 VAL A O   1 
ATOM   815  C CB  . VAL A 1 107 ? 10.246  -2.243  -2.281  1.00 9.96  ? 101 VAL A CB  1 
ATOM   816  C CG1 . VAL A 1 107 ? 9.307   -3.305  -2.859  1.00 11.08 ? 101 VAL A CG1 1 
ATOM   817  C CG2 . VAL A 1 107 ? 10.753  -2.694  -0.900  1.00 11.19 ? 101 VAL A CG2 1 
ATOM   818  N N   . ASP A 1 108 ? 11.598  0.417   -2.915  1.00 9.73  ? 102 ASP A N   1 
ATOM   819  C CA  . ASP A 1 108 ? 12.132  1.625   -2.308  1.00 10.30 ? 102 ASP A CA  1 
ATOM   820  C C   . ASP A 1 108 ? 11.114  2.183   -1.336  1.00 10.10 ? 102 ASP A C   1 
ATOM   821  O O   . ASP A 1 108 ? 9.945   2.360   -1.698  1.00 10.52 ? 102 ASP A O   1 
ATOM   822  C CB  . ASP A 1 108 ? 12.404  2.683   -3.382  1.00 11.17 ? 102 ASP A CB  1 
ATOM   823  C CG  . ASP A 1 108 ? 13.195  3.860   -2.845  1.00 12.72 ? 102 ASP A CG  1 
ATOM   824  O OD1 . ASP A 1 108 ? 14.429  3.733   -2.747  1.00 13.90 ? 102 ASP A OD1 1 
ATOM   825  O OD2 . ASP A 1 108 ? 12.585  4.903   -2.521  1.00 13.87 ? 102 ASP A OD2 1 
ATOM   826  N N   . ILE A 1 109 ? 11.525  2.469   -0.112  1.00 9.81  ? 103 ILE A N   1 
ATOM   827  C CA  . ILE A 1 109 ? 10.611  3.022   0.872   1.00 11.11 ? 103 ILE A CA  1 
ATOM   828  C C   . ILE A 1 109 ? 11.162  4.313   1.447   1.00 11.69 ? 103 ILE A C   1 
ATOM   829  O O   . ILE A 1 109 ? 12.331  4.372   1.828   1.00 14.35 ? 103 ILE A O   1 
ATOM   830  C CB  . ILE A 1 109 ? 10.364  2.035   2.023   1.00 12.23 ? 103 ILE A CB  1 
ATOM   831  C CG1 . ILE A 1 109 ? 9.625   0.791   1.506   1.00 11.91 ? 103 ILE A CG1 1 
ATOM   832  C CG2 . ILE A 1 109 ? 9.565   2.694   3.151   1.00 13.83 ? 103 ILE A CG2 1 
ATOM   833  C CD1 . ILE A 1 109 ? 9.539   -0.308  2.545   1.00 13.38 ? 103 ILE A CD1 1 
ATOM   834  N N   . THR A 1 110 ? 10.314  5.333   1.510   1.00 10.77 ? 104 THR A N   1 
ATOM   835  C CA  . THR A 1 110 ? 10.652  6.566   2.205   1.00 11.78 ? 104 THR A CA  1 
ATOM   836  C C   . THR A 1 110 ? 9.606   6.836   3.266   1.00 11.39 ? 104 THR A C   1 
ATOM   837  O O   . THR A 1 110 ? 8.515   6.243   3.259   1.00 11.59 ? 104 THR A O   1 
ATOM   838  C CB  . THR A 1 110 ? 10.740  7.780   1.269   1.00 14.07 ? 104 THR A CB  1 
ATOM   839  O OG1 . THR A 1 110 ? 9.481   7.977   0.621   1.00 14.96 ? 104 THR A OG1 1 
ATOM   840  C CG2 . THR A 1 110 ? 11.860  7.596   0.244   1.00 15.28 ? 104 THR A CG2 1 
ATOM   841  N N   . GLY A 1 111 ? 9.912   7.763   4.163   1.00 10.52 ? 105 GLY A N   1 
ATOM   842  C CA  . GLY A 1 111 ? 9.063   7.970   5.311   1.00 10.82 ? 105 GLY A CA  1 
ATOM   843  C C   . GLY A 1 111 ? 9.293   6.846   6.302   1.00 11.20 ? 105 GLY A C   1 
ATOM   844  O O   . GLY A 1 111 ? 10.404  6.291   6.408   1.00 13.05 ? 105 GLY A O   1 
ATOM   845  N N   . ASN A 1 112 ? 8.242   6.500   7.033   1.00 10.52 ? 106 ASN A N   1 
ATOM   846  C CA  . ASN A 1 112 ? 8.359   5.533   8.117   1.00 11.24 ? 106 ASN A CA  1 
ATOM   847  C C   . ASN A 1 112 ? 8.252   4.095   7.614   1.00 10.96 ? 106 ASN A C   1 
ATOM   848  O O   . ASN A 1 112 ? 7.156   3.572   7.445   1.00 10.61 ? 106 ASN A O   1 
ATOM   849  C CB  . ASN A 1 112 ? 7.300   5.804   9.179   1.00 11.91 ? 106 ASN A CB  1 
ATOM   850  C CG  . ASN A 1 112 ? 7.412   4.860   10.345  1.00 13.19 ? 106 ASN A CG  1 
ATOM   851  O OD1 . ASN A 1 112 ? 8.437   4.199   10.522  1.00 14.11 ? 106 ASN A OD1 1 
ATOM   852  N ND2 . ASN A 1 112 ? 6.360   4.780   11.144  1.00 13.56 ? 106 ASN A ND2 1 
ATOM   853  N N   . LYS A 1 113 ? 9.397   3.460   7.393   1.00 11.30 ? 107 LYS A N   1 
ATOM   854  C CA  . LYS A 1 113 ? 9.447   2.067   6.965   1.00 12.38 ? 107 LYS A CA  1 
ATOM   855  C C   . LYS A 1 113 ? 8.665   1.139   7.894   1.00 12.09 ? 107 LYS A C   1 
ATOM   856  O O   . LYS A 1 113 ? 8.075   0.146   7.458   1.00 12.30 ? 107 LYS A O   1 
ATOM   857  C CB  . LYS A 1 113 ? 10.906  1.608   6.884   1.00 15.37 ? 107 LYS A CB  1 
ATOM   858  C CG  . LYS A 1 113 ? 11.091  0.146   6.486   1.00 19.37 ? 107 LYS A CG  1 
ATOM   859  C CD  . LYS A 1 113 ? 12.510  -0.151  6.052   1.00 22.76 ? 107 LYS A CD  1 
ATOM   860  C CE  . LYS A 1 113 ? 13.505  0.080   7.148   1.00 24.86 ? 107 LYS A CE  1 
ATOM   861  N NZ  . LYS A 1 113 ? 14.833  -0.460  6.722   1.00 27.08 ? 107 LYS A NZ  1 
ATOM   862  N N   . GLN A 1 114 ? 8.664   1.446   9.185   1.00 12.28 ? 108 GLN A N   1 
ATOM   863  C CA  . GLN A 1 114 ? 7.992   0.574   10.143  1.00 12.07 ? 108 GLN A CA  1 
ATOM   864  C C   . GLN A 1 114 ? 6.491   0.526   9.887   1.00 11.77 ? 108 GLN A C   1 
ATOM   865  O O   . GLN A 1 114 ? 5.824   -0.428  10.276  1.00 11.83 ? 108 GLN A O   1 
ATOM   866  C CB  . GLN A 1 114 ? 8.286   1.011   11.583  1.00 13.61 ? 108 GLN A CB  1 
ATOM   867  C CG  . GLN A 1 114 ? 7.698   0.081   12.643  1.00 16.72 ? 108 GLN A CG  1 
ATOM   868  C CD  . GLN A 1 114 ? 8.193   -1.355  12.506  1.00 19.63 ? 108 GLN A CD  1 
ATOM   869  O OE1 . GLN A 1 114 ? 9.399   -1.606  12.363  1.00 21.36 ? 108 GLN A OE1 1 
ATOM   870  N NE2 . GLN A 1 114 ? 7.259   -2.307  12.554  1.00 20.70 ? 108 GLN A NE2 1 
ATOM   871  N N   . ALA A 1 115 ? 5.934   1.526   9.215   1.00 10.29 ? 109 ALA A N   1 
ATOM   872  C CA  . ALA A 1 115 ? 4.522   1.466   8.854   1.00 9.60  ? 109 ALA A CA  1 
ATOM   873  C C   . ALA A 1 115 ? 4.232   0.275   7.938   1.00 10.30 ? 109 ALA A C   1 
ATOM   874  O O   . ALA A 1 115 ? 3.203   -0.383  8.097   1.00 10.33 ? 109 ALA A O   1 
ATOM   875  C CB  . ALA A 1 115 ? 4.048   2.767   8.211   1.00 10.59 ? 109 ALA A CB  1 
ATOM   876  N N   . PHE A 1 116 ? 5.133   -0.015  7.008   1.00 10.62 ? 110 PHE A N   1 
ATOM   877  C CA  . PHE A 1 116 ? 4.943   -1.174  6.134   1.00 10.51 ? 110 PHE A CA  1 
ATOM   878  C C   . PHE A 1 116 ? 5.175   -2.483  6.863   1.00 11.50 ? 110 PHE A C   1 
ATOM   879  O O   . PHE A 1 116 ? 4.481   -3.474  6.617   1.00 11.97 ? 110 PHE A O   1 
ATOM   880  C CB  . PHE A 1 116 ? 5.823   -1.073  4.884   1.00 10.28 ? 110 PHE A CB  1 
ATOM   881  C CG  . PHE A 1 116 ? 5.321   -0.076  3.887   1.00 9.47  ? 110 PHE A CG  1 
ATOM   882  C CD1 . PHE A 1 116 ? 4.260   -0.387  3.050   1.00 10.29 ? 110 PHE A CD1 1 
ATOM   883  C CD2 . PHE A 1 116 ? 5.905   1.185   3.790   1.00 10.72 ? 110 PHE A CD2 1 
ATOM   884  C CE1 . PHE A 1 116 ? 3.781   0.535   2.146   1.00 11.44 ? 110 PHE A CE1 1 
ATOM   885  C CE2 . PHE A 1 116 ? 5.439   2.096   2.879   1.00 11.00 ? 110 PHE A CE2 1 
ATOM   886  C CZ  . PHE A 1 116 ? 4.367   1.795   2.067   1.00 10.71 ? 110 PHE A CZ  1 
ATOM   887  N N   . LEU A 1 117 ? 6.141   -2.505  7.768   1.00 11.34 ? 111 LEU A N   1 
ATOM   888  C CA  . LEU A 1 117 ? 6.367   -3.704  8.571   1.00 12.62 ? 111 LEU A CA  1 
ATOM   889  C C   . LEU A 1 117 ? 5.193   -3.987  9.512   1.00 12.10 ? 111 LEU A C   1 
ATOM   890  O O   . LEU A 1 117 ? 4.795   -5.138  9.690   1.00 13.94 ? 111 LEU A O   1 
ATOM   891  C CB  . LEU A 1 117 ? 7.689   -3.601  9.349   1.00 14.26 ? 111 LEU A CB  1 
ATOM   892  C CG  . LEU A 1 117 ? 8.922   -3.322  8.484   1.00 15.58 ? 111 LEU A CG  1 
ATOM   893  C CD1 . LEU A 1 117 ? 10.171  -3.129  9.359   1.00 17.25 ? 111 LEU A CD1 1 
ATOM   894  C CD2 . LEU A 1 117 ? 9.151   -4.440  7.474   1.00 17.44 ? 111 LEU A CD2 1 
ATOM   895  N N   . THR A 1 118 ? 4.630   -2.952  10.108  1.00 11.60 ? 112 THR A N   1 
ATOM   896  C CA  . THR A 1 118 ? 3.427   -3.093  10.925  1.00 12.17 ? 112 THR A CA  1 
ATOM   897  C C   . THR A 1 118 ? 2.254   -3.543  10.047  1.00 12.68 ? 112 THR A C   1 
ATOM   898  O O   . THR A 1 118 ? 1.444   -4.386  10.460  1.00 12.38 ? 112 THR A O   1 
ATOM   899  C CB  . THR A 1 118 ? 3.114   -1.789  11.648  1.00 12.99 ? 112 THR A CB  1 
ATOM   900  O OG1 . THR A 1 118 ? 4.228   -1.474  12.494  1.00 15.14 ? 112 THR A OG1 1 
ATOM   901  C CG2 . THR A 1 118 ? 1.860   -1.925  12.497  1.00 14.07 ? 112 THR A CG2 1 
ATOM   902  N N   . LEU A 1 119 ? 2.155   -3.013  8.833   1.00 11.59 ? 113 LEU A N   1 
ATOM   903  C CA  . LEU A 1 119 ? 1.123   -3.476  7.918   1.00 11.44 ? 113 LEU A CA  1 
ATOM   904  C C   . LEU A 1 119 ? 1.301   -4.977  7.640   1.00 11.79 ? 113 LEU A C   1 
ATOM   905  O O   . LEU A 1 119 ? 0.302   -5.713  7.656   1.00 12.35 ? 113 LEU A O   1 
ATOM   906  C CB  . LEU A 1 119 ? 1.119   -2.666  6.618   1.00 11.08 ? 113 LEU A CB  1 
ATOM   907  C CG  . LEU A 1 119 ? 0.104   -3.100  5.550   1.00 10.92 ? 113 LEU A CG  1 
ATOM   908  C CD1 . LEU A 1 119 ? -1.304  -3.216  6.114   1.00 11.80 ? 113 LEU A CD1 1 
ATOM   909  C CD2 . LEU A 1 119 ? 0.149   -2.107  4.392   1.00 11.52 ? 113 LEU A CD2 1 
ATOM   910  N N   . ASP A 1 120 ? 2.533   -5.454  7.432   1.00 11.62 ? 114 ASP A N   1 
ATOM   911  C CA  . ASP A 1 120 ? 2.762   -6.909  7.286   1.00 12.48 ? 114 ASP A CA  1 
ATOM   912  C C   . ASP A 1 120 ? 2.062   -7.632  8.433   1.00 12.22 ? 114 ASP A C   1 
ATOM   913  O O   . ASP A 1 120 ? 1.314   -8.613  8.225   1.00 13.54 ? 114 ASP A O   1 
ATOM   914  C CB  . ASP A 1 120 ? 4.244   -7.290  7.372   1.00 13.25 ? 114 ASP A CB  1 
ATOM   915  C CG  . ASP A 1 120 ? 5.012   -7.154  6.055   1.00 12.85 ? 114 ASP A CG  1 
ATOM   916  O OD1 . ASP A 1 120 ? 4.431   -7.022  4.944   1.00 13.28 ? 114 ASP A OD1 1 
ATOM   917  O OD2 . ASP A 1 120 ? 6.277   -7.217  6.149   1.00 13.22 ? 114 ASP A OD2 1 
ATOM   918  N N   . GLU A 1 121 ? 2.317   -7.179  9.652   1.00 13.30 ? 115 GLU A N   1 
ATOM   919  C CA  . GLU A 1 121 ? 1.810   -7.881  10.817  1.00 14.77 ? 115 GLU A CA  1 
ATOM   920  C C   . GLU A 1 121 ? 0.302   -7.811  10.915  1.00 15.39 ? 115 GLU A C   1 
ATOM   921  O O   . GLU A 1 121 ? -0.348  -8.802  11.260  1.00 15.73 ? 115 GLU A O   1 
ATOM   922  C CB  A GLU A 1 121 ? 2.463   -7.334  12.081  0.65 16.30 ? 115 GLU A CB  1 
ATOM   923  C CG  A GLU A 1 121 ? 3.759   -8.053  12.391  0.65 19.59 ? 115 GLU A CG  1 
ATOM   924  C CD  A GLU A 1 121 ? 3.552   -9.556  12.538  0.65 20.81 ? 115 GLU A CD  1 
ATOM   925  O OE1 A GLU A 1 121 ? 2.738   -9.960  13.394  0.65 22.07 ? 115 GLU A OE1 1 
ATOM   926  O OE2 A GLU A 1 121 ? 4.187   -10.337 11.796  0.65 21.25 ? 115 GLU A OE2 1 
ATOM   927  N N   . LYS A 1 122 ? -0.272  -6.659  10.626  1.00 13.70 ? 116 LYS A N   1 
ATOM   928  C CA  . LYS A 1 122 ? -1.709  -6.510  10.770  1.00 16.15 ? 116 LYS A CA  1 
ATOM   929  C C   . LYS A 1 122 ? -2.499  -7.200  9.663   1.00 15.73 ? 116 LYS A C   1 
ATOM   930  O O   . LYS A 1 122 ? -3.631  -7.623  9.894   1.00 17.38 ? 116 LYS A O   1 
ATOM   931  C CB  . LYS A 1 122 ? -2.080  -5.041  10.939  1.00 18.51 ? 116 LYS A CB  1 
ATOM   932  C CG  . LYS A 1 122 ? -1.796  -4.576  12.367  1.00 21.58 ? 116 LYS A CG  1 
ATOM   933  C CD  . LYS A 1 122 ? -2.071  -3.117  12.567  1.00 23.19 ? 116 LYS A CD  1 
ATOM   934  C CE  . LYS A 1 122 ? -1.585  -2.707  13.931  1.00 22.48 ? 116 LYS A CE  1 
ATOM   935  N NZ  . LYS A 1 122 ? -2.336  -3.389  15.032  1.00 22.95 ? 116 LYS A NZ  1 
ATOM   936  N N   . PHE A 1 123 ? -1.900  -7.339  8.486   1.00 13.45 ? 117 PHE A N   1 
ATOM   937  C CA  . PHE A 1 123 ? -2.556  -7.954  7.338   1.00 13.12 ? 117 PHE A CA  1 
ATOM   938  C C   . PHE A 1 123 ? -2.619  -9.477  7.491   1.00 15.08 ? 117 PHE A C   1 
ATOM   939  O O   . PHE A 1 123 ? -3.506  -10.131 6.924   1.00 14.02 ? 117 PHE A O   1 
ATOM   940  C CB  . PHE A 1 123 ? -1.806  -7.544  6.067   1.00 12.53 ? 117 PHE A CB  1 
ATOM   941  C CG  . PHE A 1 123 ? -2.434  -8.025  4.787   1.00 11.50 ? 117 PHE A CG  1 
ATOM   942  C CD1 . PHE A 1 123 ? -3.771  -7.757  4.507   1.00 13.04 ? 117 PHE A CD1 1 
ATOM   943  C CD2 . PHE A 1 123 ? -1.671  -8.696  3.838   1.00 13.10 ? 117 PHE A CD2 1 
ATOM   944  C CE1 . PHE A 1 123 ? -4.348  -8.178  3.305   1.00 13.26 ? 117 PHE A CE1 1 
ATOM   945  C CE2 . PHE A 1 123 ? -2.228  -9.123  2.647   1.00 12.86 ? 117 PHE A CE2 1 
ATOM   946  C CZ  . PHE A 1 123 ? -3.576  -8.868  2.373   1.00 13.06 ? 117 PHE A CZ  1 
ATOM   947  N N   . ARG A 1 124 ? -1.702  -10.033 8.282   1.00 15.55 ? 118 ARG A N   1 
ATOM   948  C CA  . ARG A 1 124 ? -1.547  -11.487 8.375   1.00 17.44 ? 118 ARG A CA  1 
ATOM   949  C C   . ARG A 1 124 ? -2.838  -12.237 8.644   1.00 17.25 ? 118 ARG A C   1 
ATOM   950  O O   . ARG A 1 124 ? -3.116  -13.242 7.987   1.00 16.64 ? 118 ARG A O   1 
ATOM   951  C CB  . ARG A 1 124 ? -0.535  -11.843 9.460   1.00 19.44 ? 118 ARG A CB  1 
ATOM   952  C CG  . ARG A 1 124 ? 0.869   -11.698 9.002   1.00 20.54 ? 118 ARG A CG  1 
ATOM   953  C CD  . ARG A 1 124 ? 1.838   -12.044 10.104  1.00 21.35 ? 118 ARG A CD  1 
ATOM   954  N NE  . ARG A 1 124 ? 1.784   -13.464 10.447  1.00 21.52 ? 118 ARG A NE  1 
ATOM   955  C CZ  . ARG A 1 124 ? 2.678   -14.070 11.220  1.00 22.01 ? 118 ARG A CZ  1 
ATOM   956  N NH1 . ARG A 1 124 ? 2.560   -15.364 11.476  1.00 21.37 ? 118 ARG A NH1 1 
ATOM   957  N NH2 . ARG A 1 124 ? 3.691   -13.381 11.735  1.00 22.39 ? 118 ARG A NH2 1 
ATOM   958  N N   . ASN A 1 125 ? -3.631  -11.775 9.602   1.00 16.43 ? 119 ASN A N   1 
ATOM   959  C CA  . ASN A 1 125 ? -4.837  -12.516 9.959   1.00 18.52 ? 119 ASN A CA  1 
ATOM   960  C C   . ASN A 1 125 ? -6.116  -11.868 9.438   1.00 18.36 ? 119 ASN A C   1 
ATOM   961  O O   . ASN A 1 125 ? -7.215  -12.157 9.921   1.00 18.73 ? 119 ASN A O   1 
ATOM   962  C CB  . ASN A 1 125 ? -4.919  -12.761 11.470  1.00 20.05 ? 119 ASN A CB  1 
ATOM   963  C CG  . ASN A 1 125 ? -5.140  -11.491 12.247  1.00 22.41 ? 119 ASN A CG  1 
ATOM   964  O OD1 . ASN A 1 125 ? -5.125  -10.395 11.688  1.00 23.92 ? 119 ASN A OD1 1 
ATOM   965  N ND2 . ASN A 1 125 ? -5.344  -11.625 13.548  1.00 23.84 ? 119 ASN A ND2 1 
ATOM   966  N N   . LYS A 1 126 ? -5.984  -11.020 8.420   1.00 16.81 ? 120 LYS A N   1 
ATOM   967  C CA  . LYS A 1 126 ? -7.171  -10.388 7.829   1.00 17.43 ? 120 LYS A CA  1 
ATOM   968  C C   . LYS A 1 126 ? -7.597  -11.061 6.534   1.00 18.13 ? 120 LYS A C   1 
ATOM   969  O O   . LYS A 1 126 ? -6.769  -11.354 5.693   1.00 17.68 ? 120 LYS A O   1 
ATOM   970  C CB  . LYS A 1 126 ? -6.943  -8.888  7.580   1.00 18.26 ? 120 LYS A CB  1 
ATOM   971  C CG  . LYS A 1 126 ? -6.475  -8.092  8.777   1.00 20.04 ? 120 LYS A CG  1 
ATOM   972  C CD  . LYS A 1 126 ? -7.476  -8.116  9.902   1.00 21.14 ? 120 LYS A CD  1 
ATOM   973  C CE  . LYS A 1 126 ? -7.009  -7.284  11.112  1.00 22.10 ? 120 LYS A CE  1 
ATOM   974  N NZ  . LYS A 1 126 ? -5.668  -7.661  11.697  1.00 22.98 ? 120 LYS A NZ  1 
HETATM 975  C C1  . PLM B 2 .   ? -7.121  -0.888  13.424  1.00 21.91 ? 300 PLM A C1  1 
HETATM 976  O O1  . PLM B 2 .   ? -7.253  0.331   13.189  1.00 18.79 ? 300 PLM A O1  1 
HETATM 977  O O2  . PLM B 2 .   ? -6.709  -1.262  14.540  1.00 22.68 ? 300 PLM A O2  1 
HETATM 978  C C2  . PLM B 2 .   ? -7.471  -1.906  12.374  1.00 24.04 ? 300 PLM A C2  1 
HETATM 979  C C3  . PLM B 2 .   ? -6.580  -1.715  11.164  1.00 25.21 ? 300 PLM A C3  1 
HETATM 980  C C4  . PLM B 2 .   ? -6.555  -3.007  10.364  1.00 26.86 ? 300 PLM A C4  1 
HETATM 981  C C5  . PLM B 2 .   ? -5.724  -2.844  9.104   1.00 28.07 ? 300 PLM A C5  1 
HETATM 982  C C6  . PLM B 2 .   ? -5.633  -4.152  8.327   1.00 28.89 ? 300 PLM A C6  1 
HETATM 983  C C7  . PLM B 2 .   ? -6.750  -4.216  7.298   1.00 29.47 ? 300 PLM A C7  1 
HETATM 984  C C8  . PLM B 2 .   ? -6.375  -5.099  6.115   1.00 30.13 ? 300 PLM A C8  1 
HETATM 985  C C9  . PLM B 2 .   ? -7.178  -4.696  4.890   1.00 29.80 ? 300 PLM A C9  1 
HETATM 986  C CA  . PLM B 2 .   ? -6.464  -5.078  3.603   1.00 30.69 ? 300 PLM A CA  1 
HETATM 987  C CB  . PLM B 2 .   ? -6.278  -3.870  2.702   1.00 31.10 ? 300 PLM A CB  1 
HETATM 988  C CC  . PLM B 2 .   ? -4.954  -3.169  2.971   1.00 31.78 ? 300 PLM A CC  1 
HETATM 989  C CD  . PLM B 2 .   ? -4.008  -3.336  1.793   1.00 31.83 ? 300 PLM A CD  1 
HETATM 990  C CE  . PLM B 2 .   ? -3.077  -4.504  2.064   1.00 31.55 ? 300 PLM A CE  1 
HETATM 991  C CF  . PLM B 2 .   ? -1.947  -4.583  1.051   1.00 31.50 ? 300 PLM A CF  1 
HETATM 992  C CG  . PLM B 2 .   ? -0.907  -5.591  1.522   1.00 31.67 ? 300 PLM A CG  1 
HETATM 993  O O   . HOH C 3 .   ? 1.275   -10.543 2.858   1.00 12.74 ? 301 HOH A O   1 
HETATM 994  O O   . HOH C 3 .   ? 9.203   -4.620  -6.486  1.00 13.57 ? 302 HOH A O   1 
HETATM 995  O O   . HOH C 3 .   ? -15.161 -6.472  -3.065  1.00 16.98 ? 303 HOH A O   1 
HETATM 996  O O   . HOH C 3 .   ? -14.172 -1.354  1.147   1.00 14.68 ? 304 HOH A O   1 
HETATM 997  O O   . HOH C 3 .   ? 6.999   9.277   1.743   1.00 16.95 ? 305 HOH A O   1 
HETATM 998  O O   . HOH C 3 .   ? 6.374   9.507   8.608   1.00 14.40 ? 306 HOH A O   1 
HETATM 999  O O   . HOH C 3 .   ? -9.682  -3.697  13.845  1.00 35.47 ? 307 HOH A O   1 
HETATM 1000 O O   . HOH C 3 .   ? -10.130 -9.587  -5.836  1.00 18.37 ? 308 HOH A O   1 
HETATM 1001 O O   . HOH C 3 .   ? 12.369  8.832   4.612   0.50 16.59 ? 309 HOH A O   1 
HETATM 1002 O O   . HOH C 3 .   ? -1.204  10.433  8.366   1.00 16.02 ? 310 HOH A O   1 
HETATM 1003 O O   . HOH C 3 .   ? 18.074  -5.321  2.297   1.00 17.02 ? 311 HOH A O   1 
HETATM 1004 O O   . HOH C 3 .   ? -3.786  -15.748 -2.040  1.00 15.52 ? 312 HOH A O   1 
HETATM 1005 O O   . HOH C 3 .   ? 5.550   -6.267  -12.419 1.00 15.13 ? 313 HOH A O   1 
HETATM 1006 O O   . HOH C 3 .   ? 6.396   10.268  4.264   1.00 15.67 ? 314 HOH A O   1 
HETATM 1007 O O   . HOH C 3 .   ? -5.795  -11.541 -0.477  1.00 17.10 ? 315 HOH A O   1 
HETATM 1008 O O   . HOH C 3 .   ? 2.659   20.521  2.325   1.00 16.68 ? 316 HOH A O   1 
HETATM 1009 O O   . HOH C 3 .   ? -3.687  5.550   15.116  1.00 14.55 ? 317 HOH A O   1 
HETATM 1010 O O   . HOH C 3 .   ? 2.474   18.758  0.094   1.00 16.13 ? 318 HOH A O   1 
HETATM 1011 O O   . HOH C 3 .   ? 7.594   -10.079 -9.101  1.00 22.20 ? 319 HOH A O   1 
HETATM 1012 O O   . HOH C 3 .   ? -3.609  -15.654 7.077   1.00 17.67 ? 320 HOH A O   1 
HETATM 1013 O O   . HOH C 3 .   ? -12.813 0.975   1.117   1.00 16.57 ? 321 HOH A O   1 
HETATM 1014 O O   . HOH C 3 .   ? 13.640  7.332   -3.041  1.00 15.89 ? 322 HOH A O   1 
HETATM 1015 O O   . HOH C 3 .   ? -2.017  6.640   -10.932 1.00 15.40 ? 323 HOH A O   1 
HETATM 1016 O O   . HOH C 3 .   ? 9.166   -11.104 -5.453  1.00 21.87 ? 324 HOH A O   1 
HETATM 1017 O O   . HOH C 3 .   ? -8.812  -2.219  -3.249  1.00 19.36 ? 325 HOH A O   1 
HETATM 1018 O O   . HOH C 3 .   ? 13.660  -6.965  5.778   1.00 18.40 ? 326 HOH A O   1 
HETATM 1019 O O   . HOH C 3 .   ? -12.594 4.385   10.567  1.00 22.10 ? 327 HOH A O   1 
HETATM 1020 O O   . HOH C 3 .   ? 19.262  -8.248  -1.234  1.00 20.30 ? 328 HOH A O   1 
HETATM 1021 O O   . HOH C 3 .   ? -10.373 -6.984  7.879   1.00 19.91 ? 329 HOH A O   1 
HETATM 1022 O O   . HOH C 3 .   ? 5.179   9.448   -2.522  1.00 16.41 ? 330 HOH A O   1 
HETATM 1023 O O   . HOH C 3 .   ? 9.504   -11.826 -2.692  1.00 19.80 ? 331 HOH A O   1 
HETATM 1024 O O   . HOH C 3 .   ? -11.232 1.095   -1.194  1.00 14.59 ? 332 HOH A O   1 
HETATM 1025 O O   . HOH C 3 .   ? -10.179 -7.397  -8.069  1.00 19.40 ? 333 HOH A O   1 
HETATM 1026 O O   . HOH C 3 .   ? 7.154   -8.346  8.396   1.00 20.43 ? 334 HOH A O   1 
HETATM 1027 O O   . HOH C 3 .   ? 11.992  4.506   8.481   1.00 22.74 ? 335 HOH A O   1 
HETATM 1028 O O   . HOH C 3 .   ? -2.665  -0.931  16.261  1.00 21.52 ? 336 HOH A O   1 
HETATM 1029 O O   . HOH C 3 .   ? 1.277   11.122  10.602  1.00 21.74 ? 337 HOH A O   1 
HETATM 1030 O O   . HOH C 3 .   ? -8.086  10.122  5.516   1.00 18.19 ? 338 HOH A O   1 
HETATM 1031 O O   . HOH C 3 .   ? -4.071  8.760   14.273  1.00 18.26 ? 339 HOH A O   1 
HETATM 1032 O O   . HOH C 3 .   ? 14.033  -1.450  0.413   1.00 19.71 ? 340 HOH A O   1 
HETATM 1033 O O   . HOH C 3 .   ? -5.805  12.490  -3.319  1.00 26.04 ? 341 HOH A O   1 
HETATM 1034 O O   . HOH C 3 .   ? -1.146  21.374  3.563   1.00 23.13 ? 342 HOH A O   1 
HETATM 1035 O O   . HOH C 3 .   ? 14.337  1.927   0.542   1.00 22.84 ? 343 HOH A O   1 
HETATM 1036 O O   . HOH C 3 .   ? 13.190  -0.800  -5.966  1.00 21.86 ? 344 HOH A O   1 
HETATM 1037 O O   . HOH C 3 .   ? -4.446  15.789  5.321   1.00 21.27 ? 345 HOH A O   1 
HETATM 1038 O O   . HOH C 3 .   ? 12.761  1.300   -11.938 1.00 22.40 ? 346 HOH A O   1 
HETATM 1039 O O   . HOH C 3 .   ? -1.801  19.524  7.040   1.00 22.54 ? 347 HOH A O   1 
HETATM 1040 O O   . HOH C 3 .   ? 8.196   -8.119  -10.918 1.00 24.16 ? 348 HOH A O   1 
HETATM 1041 O O   . HOH C 3 .   ? 9.711   5.121   -2.851  1.00 21.13 ? 349 HOH A O   1 
HETATM 1042 O O   . HOH C 3 .   ? -8.607  3.238   19.296  1.00 24.60 ? 350 HOH A O   1 
HETATM 1043 O O   . HOH C 3 .   ? -18.013 -1.539  6.341   1.00 28.43 ? 351 HOH A O   1 
HETATM 1044 O O   . HOH C 3 .   ? 5.853   0.285   -18.398 1.00 28.10 ? 352 HOH A O   1 
HETATM 1045 O O   . HOH C 3 .   ? 4.321   8.981   10.501  1.00 18.30 ? 353 HOH A O   1 
HETATM 1046 O O   . HOH C 3 .   ? 2.162   -10.452 6.453   1.00 22.48 ? 354 HOH A O   1 
HETATM 1047 O O   . HOH C 3 .   ? -14.143 2.537   3.983   1.00 26.15 ? 355 HOH A O   1 
HETATM 1048 O O   . HOH C 3 .   ? 9.339   -14.198 -0.208  1.00 27.08 ? 356 HOH A O   1 
HETATM 1049 O O   . HOH C 3 .   ? -11.592 4.798   17.193  1.00 21.62 ? 357 HOH A O   1 
HETATM 1050 O O   . HOH C 3 .   ? -10.265 -0.971  13.734  1.00 24.85 ? 358 HOH A O   1 
HETATM 1051 O O   . HOH C 3 .   ? 11.398  4.939   -12.337 1.00 23.74 ? 359 HOH A O   1 
HETATM 1052 O O   . HOH C 3 .   ? -7.902  6.439   16.298  1.00 26.13 ? 360 HOH A O   1 
HETATM 1053 O O   . HOH C 3 .   ? -4.732  16.998  -5.541  1.00 28.66 ? 361 HOH A O   1 
HETATM 1054 O O   . HOH C 3 .   ? 8.866   6.029   -13.245 1.00 24.90 ? 362 HOH A O   1 
HETATM 1055 O O   . HOH C 3 .   ? 3.694   -1.128  -18.860 1.00 30.95 ? 363 HOH A O   1 
HETATM 1056 O O   . HOH C 3 .   ? -19.654 -9.902  8.061   1.00 24.97 ? 364 HOH A O   1 
HETATM 1057 O O   . HOH C 3 .   ? -3.417  20.537  1.944   1.00 29.93 ? 365 HOH A O   1 
HETATM 1058 O O   . HOH C 3 .   ? -6.480  -12.905 -7.298  1.00 30.64 ? 366 HOH A O   1 
HETATM 1059 O O   . HOH C 3 .   ? -5.746  -2.218  19.199  1.00 29.38 ? 367 HOH A O   1 
HETATM 1060 O O   . HOH C 3 .   ? -10.784 -15.623 -2.758  1.00 20.22 ? 368 HOH A O   1 
HETATM 1061 O O   . HOH C 3 .   ? -17.026 -3.429  9.529   1.00 34.49 ? 369 HOH A O   1 
HETATM 1062 O O   . HOH C 3 .   ? -0.975  18.443  9.419   1.00 23.14 ? 370 HOH A O   1 
HETATM 1063 O O   . HOH C 3 .   ? 9.003   8.957   9.699   1.00 26.46 ? 371 HOH A O   1 
HETATM 1064 O O   . HOH C 3 .   ? 9.259   -10.215 8.776   1.00 24.42 ? 372 HOH A O   1 
HETATM 1065 O O   . HOH C 3 .   ? 2.622   -8.931  4.392   1.00 24.32 ? 373 HOH A O   1 
HETATM 1066 O O   . HOH C 3 .   ? 13.579  -9.495  7.060   1.00 28.48 ? 374 HOH A O   1 
HETATM 1067 O O   . HOH C 3 .   ? 9.027   -3.022  -12.899 1.00 27.70 ? 375 HOH A O   1 
HETATM 1068 O O   . HOH C 3 .   ? 2.764   -6.895  -13.966 1.00 27.74 ? 376 HOH A O   1 
HETATM 1069 O O   . HOH C 3 .   ? 15.648  -8.493  -7.956  1.00 29.79 ? 377 HOH A O   1 
HETATM 1070 O O   . HOH C 3 .   ? 11.757  9.179   -3.099  1.00 25.25 ? 378 HOH A O   1 
HETATM 1071 O O   . HOH C 3 .   ? 1.654   -13.286 -10.277 1.00 29.87 ? 379 HOH A O   1 
HETATM 1072 O O   . HOH C 3 .   ? -11.563 -3.394  -8.321  1.00 27.98 ? 380 HOH A O   1 
HETATM 1073 O O   . HOH C 3 .   ? 10.933  -7.186  -8.430  1.00 27.52 ? 381 HOH A O   1 
HETATM 1074 O O   . HOH C 3 .   ? -11.049 1.280   -4.206  1.00 28.45 ? 382 HOH A O   1 
HETATM 1075 O O   . HOH C 3 .   ? -2.685  17.061  7.126   1.00 27.46 ? 383 HOH A O   1 
HETATM 1076 O O   . HOH C 3 .   ? -17.854 -7.538  3.358   1.00 27.83 ? 384 HOH A O   1 
HETATM 1077 O O   . HOH C 3 .   ? -15.161 -0.158  3.390   1.00 28.70 ? 385 HOH A O   1 
HETATM 1078 O O   . HOH C 3 .   ? 9.372   7.786   -2.027  1.00 25.96 ? 386 HOH A O   1 
HETATM 1079 O O   . HOH C 3 .   ? 16.663  -9.108  -5.653  1.00 26.01 ? 387 HOH A O   1 
HETATM 1080 O O   . HOH C 3 .   ? -11.272 -5.377  12.570  1.00 29.52 ? 388 HOH A O   1 
HETATM 1081 O O   . HOH C 3 .   ? -6.623  1.451   -8.946  1.00 29.55 ? 389 HOH A O   1 
HETATM 1082 O O   . HOH C 3 .   ? -5.276  -7.684  -14.465 1.00 28.69 ? 390 HOH A O   1 
HETATM 1083 O O   . HOH C 3 .   ? 5.236   -14.164 -9.667  1.00 29.82 ? 391 HOH A O   1 
HETATM 1084 O O   . HOH C 3 .   ? 4.854   17.506  -1.318  1.00 25.76 ? 392 HOH A O   1 
HETATM 1085 O O   . HOH C 3 .   ? -10.314 -12.259 -5.695  1.00 31.68 ? 393 HOH A O   1 
HETATM 1086 O O   . HOH C 3 .   ? 19.388  -8.872  2.559   1.00 28.03 ? 394 HOH A O   1 
HETATM 1087 O O   . HOH C 3 .   ? 8.513   12.447  -2.293  1.00 28.45 ? 395 HOH A O   1 
HETATM 1088 O O   . HOH C 3 .   ? -7.585  10.529  -3.016  1.00 31.19 ? 396 HOH A O   1 
HETATM 1089 O O   . HOH C 3 .   ? -5.187  -3.391  15.114  1.00 32.73 ? 397 HOH A O   1 
HETATM 1090 O O   . HOH C 3 .   ? -3.312  15.362  -7.284  1.00 33.01 ? 398 HOH A O   1 
HETATM 1091 O O   . HOH C 3 .   ? -1.605  -15.273 -10.151 1.00 34.39 ? 399 HOH A O   1 
HETATM 1092 O O   . HOH C 3 .   ? 11.984  9.786   6.910   1.00 29.32 ? 400 HOH A O   1 
HETATM 1093 O O   . HOH C 3 .   ? -9.082  -0.152  -5.185  1.00 28.51 ? 401 HOH A O   1 
HETATM 1094 O O   . HOH C 3 .   ? 14.875  0.424   4.623   1.00 38.13 ? 402 HOH A O   1 
HETATM 1095 O O   . HOH C 3 .   ? -13.874 5.139   12.716  1.00 37.40 ? 403 HOH A O   1 
HETATM 1096 O O   . HOH C 3 .   ? -7.987  10.020  -5.538  1.00 32.79 ? 404 HOH A O   1 
HETATM 1097 O O   . HOH C 3 .   ? 0.097   4.781   -16.621 1.00 31.26 ? 405 HOH A O   1 
HETATM 1098 O O   . HOH C 3 .   ? 18.673  -11.014 -2.195  1.00 34.01 ? 406 HOH A O   1 
HETATM 1099 O O   . HOH C 3 .   ? 2.348   -10.138 -13.313 1.00 37.24 ? 407 HOH A O   1 
HETATM 1100 O O   . HOH C 3 .   ? -9.511  3.983   -7.073  1.00 29.03 ? 408 HOH A O   1 
HETATM 1101 O O   . HOH C 3 .   ? 12.756  -4.918  7.210   1.00 30.75 ? 409 HOH A O   1 
HETATM 1102 O O   . HOH C 3 .   ? 13.681  -12.740 1.479   1.00 34.44 ? 410 HOH A O   1 
HETATM 1103 O O   . HOH C 3 .   ? -1.073  16.633  -6.665  1.00 30.18 ? 411 HOH A O   1 
HETATM 1104 O O   . HOH C 3 .   ? 5.473   -10.250 9.511   1.00 31.09 ? 412 HOH A O   1 
HETATM 1105 O O   . HOH C 3 .   ? -2.396  10.627  -13.397 1.00 33.47 ? 413 HOH A O   1 
HETATM 1106 O O   . HOH C 3 .   ? -17.559 0.032   4.249   1.00 31.35 ? 414 HOH A O   1 
HETATM 1107 O O   . HOH C 3 .   ? -11.634 4.799   -2.767  1.00 35.73 ? 415 HOH A O   1 
HETATM 1108 O O   . HOH C 3 .   ? -10.953 -7.131  10.589  1.00 29.50 ? 416 HOH A O   1 
HETATM 1109 O O   . HOH C 3 .   ? -7.601  1.735   -6.558  1.00 32.70 ? 417 HOH A O   1 
HETATM 1110 O O   . HOH C 3 .   ? 6.523   -15.913 -3.185  1.00 29.82 ? 418 HOH A O   1 
HETATM 1111 O O   . HOH C 3 .   ? 8.291   -13.873 -4.296  1.00 37.36 ? 419 HOH A O   1 
HETATM 1112 O O   . HOH C 3 .   ? -14.595 3.018   0.446   1.00 30.58 ? 420 HOH A O   1 
HETATM 1113 O O   . HOH C 3 .   ? -3.418  -8.165  13.782  1.00 33.63 ? 421 HOH A O   1 
HETATM 1114 O O   . HOH C 3 .   ? 6.836   -12.945 12.611  1.00 39.69 ? 422 HOH A O   1 
HETATM 1115 O O   . HOH C 3 .   ? -6.156  15.401  -3.610  1.00 32.79 ? 423 HOH A O   1 
HETATM 1116 O O   . HOH C 3 .   ? 7.300   -5.472  -14.635 1.00 38.51 ? 424 HOH A O   1 
HETATM 1117 O O   . HOH C 3 .   ? -6.860  3.175   -14.212 1.00 38.03 ? 425 HOH A O   1 
HETATM 1118 O O   . HOH C 3 .   ? 12.727  4.894   5.364   1.00 35.51 ? 426 HOH A O   1 
HETATM 1119 O O   . HOH C 3 .   ? -14.569 4.043   6.567   1.00 36.30 ? 427 HOH A O   1 
HETATM 1120 O O   . HOH C 3 .   ? -0.266  -0.076  -17.206 1.00 42.10 ? 428 HOH A O   1 
HETATM 1121 O O   . HOH C 3 .   ? 6.032   7.420   -14.489 1.00 31.79 ? 429 HOH A O   1 
HETATM 1122 O O   . HOH C 3 .   ? 11.177  8.027   8.732   1.00 31.09 ? 430 HOH A O   1 
HETATM 1123 O O   . HOH C 3 .   ? -10.014 -4.445  -10.302 1.00 28.18 ? 431 HOH A O   1 
HETATM 1124 O O   . HOH C 3 .   ? 1.962   12.920  -12.730 1.00 31.58 ? 432 HOH A O   1 
HETATM 1125 O O   . HOH C 3 .   ? -5.749  -5.703  13.756  1.00 37.53 ? 433 HOH A O   1 
HETATM 1126 O O   . HOH C 3 .   ? 12.528  -11.072 5.278   1.00 30.67 ? 434 HOH A O   1 
HETATM 1127 O O   . HOH C 3 .   ? 11.991  -3.241  -10.449 1.00 31.35 ? 435 HOH A O   1 
HETATM 1128 O O   . HOH C 3 .   ? 2.524   5.384   -17.850 1.00 39.41 ? 436 HOH A O   1 
HETATM 1129 O O   . HOH C 3 .   ? 11.458  -0.162  11.281  1.00 44.13 ? 437 HOH A O   1 
HETATM 1130 O O   . HOH C 3 .   ? 12.662  -4.978  -8.385  1.00 31.32 ? 438 HOH A O   1 
HETATM 1131 O O   . HOH C 3 .   ? 15.716  -11.981 -4.796  1.00 38.31 ? 439 HOH A O   1 
HETATM 1132 O O   . HOH C 3 .   ? -8.467  12.976  5.288   1.00 37.03 ? 440 HOH A O   1 
HETATM 1133 O O   . HOH C 3 .   ? 11.724  -6.563  9.502   1.00 32.74 ? 441 HOH A O   1 
HETATM 1134 O O   . HOH C 3 .   ? -17.616 -1.624  12.141  1.00 39.66 ? 442 HOH A O   1 
HETATM 1135 O O   . HOH C 3 .   ? -14.679 -6.380  -10.158 1.00 35.98 ? 443 HOH A O   1 
HETATM 1136 O O   . HOH C 3 .   ? -5.011  -14.739 14.373  1.00 35.77 ? 444 HOH A O   1 
HETATM 1137 O O   . HOH C 3 .   ? -11.003 -0.855  -7.240  1.00 39.05 ? 445 HOH A O   1 
HETATM 1138 O O   . HOH C 3 .   ? -7.669  1.516   -12.890 1.00 43.37 ? 446 HOH A O   1 
HETATM 1139 O O   . HOH C 3 .   ? -7.640  13.979  3.276   1.00 37.69 ? 447 HOH A O   1 
HETATM 1140 O O   . HOH C 3 .   ? -13.346 -8.993  10.817  1.00 36.31 ? 448 HOH A O   1 
HETATM 1141 O O   . HOH C 3 .   ? 13.462  2.934   4.197   1.00 33.58 ? 449 HOH A O   1 
HETATM 1142 O O   . HOH C 3 .   ? 17.408  -12.320 0.027   1.00 47.32 ? 450 HOH A O   1 
HETATM 1143 O O   . HOH C 3 .   ? -3.107  -12.812 -15.275 1.00 47.49 ? 451 HOH A O   1 
HETATM 1144 O O   . HOH C 3 .   ? -9.698  0.132   -9.333  1.00 40.67 ? 452 HOH A O   1 
HETATM 1145 O O   . HOH C 3 .   ? 5.674   -16.603 -5.474  1.00 35.09 ? 453 HOH A O   1 
HETATM 1146 O O   . HOH C 3 .   ? 0.777   -14.802 -8.556  1.00 30.18 ? 454 HOH A O   1 
HETATM 1147 O O   . HOH C 3 .   ? -3.135  6.542   -13.405 1.00 39.27 ? 455 HOH A O   1 
HETATM 1148 O O   . HOH C 3 .   ? -8.868  -11.912 11.871  1.00 39.19 ? 456 HOH A O   1 
HETATM 1149 O O   . HOH C 3 .   ? -13.680 1.732   -2.738  1.00 39.53 ? 457 HOH A O   1 
HETATM 1150 O O   . HOH C 3 .   ? -5.593  9.220   -11.401 1.00 40.32 ? 458 HOH A O   1 
HETATM 1151 O O   . HOH C 3 .   ? 5.548   10.000  -14.251 1.00 35.81 ? 459 HOH A O   1 
HETATM 1152 O O   . HOH C 3 .   ? 13.890  0.184   2.238   1.00 45.21 ? 460 HOH A O   1 
HETATM 1153 O O   . HOH C 3 .   ? 4.923   2.782   -18.883 1.00 35.83 ? 461 HOH A O   1 
HETATM 1154 O O   . HOH C 3 .   ? -19.263 -6.362  8.391   1.00 42.29 ? 462 HOH A O   1 
HETATM 1155 O O   . HOH C 3 .   ? -18.183 2.720   4.814   1.00 41.64 ? 463 HOH A O   1 
HETATM 1156 O O   . HOH C 3 .   ? -4.419  12.711  -6.774  1.00 29.11 ? 464 HOH A O   1 
HETATM 1157 O O   . HOH C 3 .   ? -8.366  -0.691  -11.365 1.00 43.50 ? 465 HOH A O   1 
HETATM 1158 O O   . HOH C 3 .   ? 4.646   -5.153  13.910  1.00 39.96 ? 466 HOH A O   1 
HETATM 1159 O O   . HOH C 3 .   ? -2.373  -10.145 12.080  1.00 30.87 ? 467 HOH A O   1 
HETATM 1160 O O   . HOH C 3 .   ? 9.920   -6.182  11.794  1.00 38.74 ? 468 HOH A O   1 
# 
loop_
_pdbx_poly_seq_scheme.asym_id 
_pdbx_poly_seq_scheme.entity_id 
_pdbx_poly_seq_scheme.seq_id 
_pdbx_poly_seq_scheme.mon_id 
_pdbx_poly_seq_scheme.ndb_seq_num 
_pdbx_poly_seq_scheme.pdb_seq_num 
_pdbx_poly_seq_scheme.auth_seq_num 
_pdbx_poly_seq_scheme.pdb_mon_id 
_pdbx_poly_seq_scheme.auth_mon_id 
_pdbx_poly_seq_scheme.pdb_strand_id 
_pdbx_poly_seq_scheme.pdb_ins_code 
_pdbx_poly_seq_scheme.hetero 
A 1 1   GLY 1   -5  ?   ?   ?   A . n 
A 1 2   SER 2   -4  ?   ?   ?   A . n 
A 1 3   PRO 3   -3  ?   ?   ?   A . n 
A 1 4   GLY 4   -2  ?   ?   ?   A . n 
A 1 5   ILE 5   -1  ?   ?   ?   A . n 
A 1 6   ARG 6   0   ?   ?   ?   A . n 
A 1 7   MET 7   1   ?   ?   ?   A . n 
A 1 8   ALA 8   2   2   ALA ALA A . n 
A 1 9   LEU 9   3   3   LEU LEU A . n 
A 1 10  LYS 10  4   4   LYS LYS A . n 
A 1 11  THR 11  5   5   THR THR A . n 
A 1 12  ASP 12  6   6   ASP ASP A . n 
A 1 13  GLN 13  7   7   GLN GLN A . n 
A 1 14  ILE 14  8   8   ILE ILE A . n 
A 1 15  LEU 15  9   9   LEU LEU A . n 
A 1 16  ASP 16  10  10  ASP ASP A . n 
A 1 17  LYS 17  11  11  LYS LYS A . n 
A 1 18  LEU 18  12  12  LEU LEU A . n 
A 1 19  ASN 19  13  13  ASN ASN A . n 
A 1 20  GLU 20  14  14  GLU GLU A . n 
A 1 21  LYS 21  15  15  LYS LYS A . n 
A 1 22  LEU 22  16  16  LEU LEU A . n 
A 1 23  ALA 23  17  17  ALA ALA A . n 
A 1 24  GLN 24  18  18  GLN GLN A . n 
A 1 25  VAL 25  19  19  VAL VAL A . n 
A 1 26  ASP 26  20  20  ASP ASP A . n 
A 1 27  ARG 27  21  21  ARG ARG A . n 
A 1 28  SER 28  22  22  SER SER A . n 
A 1 29  LYS 29  23  23  LYS LYS A . n 
A 1 30  ARG 30  24  24  ARG ARG A . n 
A 1 31  SER 31  25  25  SER SER A . n 
A 1 32  PHE 32  26  26  PHE PHE A . n 
A 1 33  THR 33  27  27  THR THR A . n 
A 1 34  VAL 34  28  28  VAL VAL A . n 
A 1 35  ILE 35  29  29  ILE ILE A . n 
A 1 36  LEU 36  30  30  LEU LEU A . n 
A 1 37  PHE 37  31  31  PHE PHE A . n 
A 1 38  VAL 38  32  32  VAL VAL A . n 
A 1 39  HIS 39  33  33  HIS HIS A . n 
A 1 40  LEU 40  34  34  LEU LEU A . n 
A 1 41  ARG 41  35  35  ARG ARG A . n 
A 1 42  GLN 42  36  36  GLN GLN A . n 
A 1 43  GLU 43  37  37  GLU GLU A . n 
A 1 44  GLY 44  38  38  GLY GLY A . n 
A 1 45  LYS 45  39  39  LYS LYS A . n 
A 1 46  VAL 46  40  40  VAL VAL A . n 
A 1 47  VAL 47  41  41  VAL VAL A . n 
A 1 48  ARG 48  42  42  ARG ARG A . n 
A 1 49  SER 49  43  43  SER SER A . n 
A 1 50  VAL 50  44  44  VAL VAL A . n 
A 1 51  VAL 51  45  45  VAL VAL A . n 
A 1 52  LEU 52  46  46  LEU LEU A . n 
A 1 53  ASP 53  47  47  ASP ASP A . n 
A 1 54  PHE 54  48  48  PHE PHE A . n 
A 1 55  ASN 55  49  49  ASN ASN A . n 
A 1 56  ASP 56  50  50  ASP ASP A . n 
A 1 57  LEU 57  51  51  LEU LEU A . n 
A 1 58  LYS 58  52  52  LYS LYS A . n 
A 1 59  ILE 59  53  53  ILE ILE A . n 
A 1 60  SER 60  54  54  SER SER A . n 
A 1 61  GLU 61  55  55  GLU GLU A . n 
A 1 62  ILE 62  56  56  ILE ILE A . n 
A 1 63  GLU 63  57  57  GLU GLU A . n 
A 1 64  LEU 64  58  58  LEU LEU A . n 
A 1 65  ALA 65  59  59  ALA ALA A . n 
A 1 66  VAL 66  60  60  VAL VAL A . n 
A 1 67  THR 67  61  61  THR THR A . n 
A 1 68  SER 68  62  62  SER SER A . n 
A 1 69  THR 69  63  63  THR THR A . n 
A 1 70  ALA 70  64  64  ALA ALA A . n 
A 1 71  ASP 71  65  65  ASP ASP A . n 
A 1 72  TYR 72  66  66  TYR TYR A . n 
A 1 73  PRO 73  67  67  PRO PRO A . n 
A 1 74  ALA 74  68  68  ALA ALA A . n 
A 1 75  GLU 75  69  69  GLU GLU A . n 
A 1 76  ARG 76  70  70  ARG ARG A . n 
A 1 77  ILE 77  71  71  ILE ILE A . n 
A 1 78  ASP 78  72  72  ASP ASP A . n 
A 1 79  ALA 79  73  73  ALA ALA A . n 
A 1 80  SER 80  74  74  SER SER A . n 
A 1 81  ILE 81  75  75  ILE ILE A . n 
A 1 82  THR 82  76  76  THR THR A . n 
A 1 83  ILE 83  77  77  ILE ILE A . n 
A 1 84  ASP 84  78  78  ASP ASP A . n 
A 1 85  ASP 85  79  79  ASP ASP A . n 
A 1 86  ASN 86  80  80  ASN ASN A . n 
A 1 87  ASP 87  81  81  ASP ASP A . n 
A 1 88  PHE 88  82  82  PHE PHE A . n 
A 1 89  TYR 89  83  83  TYR TYR A . n 
A 1 90  LEU 90  84  84  LEU LEU A . n 
A 1 91  VAL 91  85  85  VAL VAL A . n 
A 1 92  ALA 92  86  86  ALA ALA A . n 
A 1 93  THR 93  87  87  THR THR A . n 
A 1 94  LYS 94  88  88  LYS LYS A . n 
A 1 95  GLU 95  89  89  GLU GLU A . n 
A 1 96  THR 96  90  90  THR THR A . n 
A 1 97  SER 97  91  91  SER SER A . n 
A 1 98  PHE 98  92  92  PHE PHE A . n 
A 1 99  ALA 99  93  93  ALA ALA A . n 
A 1 100 ALA 100 94  94  ALA ALA A . n 
A 1 101 LEU 101 95  95  LEU LEU A . n 
A 1 102 ILE 102 96  96  ILE ILE A . n 
A 1 103 GLU 103 97  97  GLU GLU A . n 
A 1 104 GLN 104 98  98  GLN GLN A . n 
A 1 105 GLY 105 99  99  GLY GLY A . n 
A 1 106 LYS 106 100 100 LYS LYS A . n 
A 1 107 VAL 107 101 101 VAL VAL A . n 
A 1 108 ASP 108 102 102 ASP ASP A . n 
A 1 109 ILE 109 103 103 ILE ILE A . n 
A 1 110 THR 110 104 104 THR THR A . n 
A 1 111 GLY 111 105 105 GLY GLY A . n 
A 1 112 ASN 112 106 106 ASN ASN A . n 
A 1 113 LYS 113 107 107 LYS LYS A . n 
A 1 114 GLN 114 108 108 GLN GLN A . n 
A 1 115 ALA 115 109 109 ALA ALA A . n 
A 1 116 PHE 116 110 110 PHE PHE A . n 
A 1 117 LEU 117 111 111 LEU LEU A . n 
A 1 118 THR 118 112 112 THR THR A . n 
A 1 119 LEU 119 113 113 LEU LEU A . n 
A 1 120 ASP 120 114 114 ASP ASP A . n 
A 1 121 GLU 121 115 115 GLU GLU A . n 
A 1 122 LYS 122 116 116 LYS LYS A . n 
A 1 123 PHE 123 117 117 PHE PHE A . n 
A 1 124 ARG 124 118 118 ARG ARG A . n 
A 1 125 ASN 125 119 119 ASN ASN A . n 
A 1 126 LYS 126 120 120 LYS LYS A . n 
# 
loop_
_pdbx_nonpoly_scheme.asym_id 
_pdbx_nonpoly_scheme.entity_id 
_pdbx_nonpoly_scheme.mon_id 
_pdbx_nonpoly_scheme.ndb_seq_num 
_pdbx_nonpoly_scheme.pdb_seq_num 
_pdbx_nonpoly_scheme.auth_seq_num 
_pdbx_nonpoly_scheme.pdb_mon_id 
_pdbx_nonpoly_scheme.auth_mon_id 
_pdbx_nonpoly_scheme.pdb_strand_id 
_pdbx_nonpoly_scheme.pdb_ins_code 
B 2 PLM 1   300 300 PLM PLM A . 
C 3 HOH 1   301 1   HOH HOH A . 
C 3 HOH 2   302 2   HOH HOH A . 
C 3 HOH 3   303 3   HOH HOH A . 
C 3 HOH 4   304 4   HOH HOH A . 
C 3 HOH 5   305 5   HOH HOH A . 
C 3 HOH 6   306 6   HOH HOH A . 
C 3 HOH 7   307 7   HOH HOH A . 
C 3 HOH 8   308 8   HOH HOH A . 
C 3 HOH 9   309 9   HOH HOH A . 
C 3 HOH 10  310 10  HOH HOH A . 
C 3 HOH 11  311 11  HOH HOH A . 
C 3 HOH 12  312 12  HOH HOH A . 
C 3 HOH 13  313 13  HOH HOH A . 
C 3 HOH 14  314 14  HOH HOH A . 
C 3 HOH 15  315 15  HOH HOH A . 
C 3 HOH 16  316 16  HOH HOH A . 
C 3 HOH 17  317 17  HOH HOH A . 
C 3 HOH 18  318 18  HOH HOH A . 
C 3 HOH 19  319 19  HOH HOH A . 
C 3 HOH 20  320 20  HOH HOH A . 
C 3 HOH 21  321 21  HOH HOH A . 
C 3 HOH 22  322 22  HOH HOH A . 
C 3 HOH 23  323 23  HOH HOH A . 
C 3 HOH 24  324 24  HOH HOH A . 
C 3 HOH 25  325 25  HOH HOH A . 
C 3 HOH 26  326 26  HOH HOH A . 
C 3 HOH 27  327 27  HOH HOH A . 
C 3 HOH 28  328 28  HOH HOH A . 
C 3 HOH 29  329 29  HOH HOH A . 
C 3 HOH 30  330 30  HOH HOH A . 
C 3 HOH 31  331 31  HOH HOH A . 
C 3 HOH 32  332 32  HOH HOH A . 
C 3 HOH 33  333 33  HOH HOH A . 
C 3 HOH 34  334 34  HOH HOH A . 
C 3 HOH 35  335 35  HOH HOH A . 
C 3 HOH 36  336 36  HOH HOH A . 
C 3 HOH 37  337 37  HOH HOH A . 
C 3 HOH 38  338 38  HOH HOH A . 
C 3 HOH 39  339 39  HOH HOH A . 
C 3 HOH 40  340 40  HOH HOH A . 
C 3 HOH 41  341 41  HOH HOH A . 
C 3 HOH 42  342 42  HOH HOH A . 
C 3 HOH 43  343 43  HOH HOH A . 
C 3 HOH 44  344 44  HOH HOH A . 
C 3 HOH 45  345 45  HOH HOH A . 
C 3 HOH 46  346 46  HOH HOH A . 
C 3 HOH 47  347 47  HOH HOH A . 
C 3 HOH 48  348 48  HOH HOH A . 
C 3 HOH 49  349 49  HOH HOH A . 
C 3 HOH 50  350 50  HOH HOH A . 
C 3 HOH 51  351 51  HOH HOH A . 
C 3 HOH 52  352 52  HOH HOH A . 
C 3 HOH 53  353 53  HOH HOH A . 
C 3 HOH 54  354 54  HOH HOH A . 
C 3 HOH 55  355 55  HOH HOH A . 
C 3 HOH 56  356 56  HOH HOH A . 
C 3 HOH 57  357 57  HOH HOH A . 
C 3 HOH 58  358 58  HOH HOH A . 
C 3 HOH 59  359 59  HOH HOH A . 
C 3 HOH 60  360 60  HOH HOH A . 
C 3 HOH 61  361 61  HOH HOH A . 
C 3 HOH 62  362 62  HOH HOH A . 
C 3 HOH 63  363 63  HOH HOH A . 
C 3 HOH 64  364 64  HOH HOH A . 
C 3 HOH 65  365 65  HOH HOH A . 
C 3 HOH 66  366 66  HOH HOH A . 
C 3 HOH 67  367 67  HOH HOH A . 
C 3 HOH 68  368 68  HOH HOH A . 
C 3 HOH 69  369 69  HOH HOH A . 
C 3 HOH 70  370 70  HOH HOH A . 
C 3 HOH 71  371 71  HOH HOH A . 
C 3 HOH 72  372 72  HOH HOH A . 
C 3 HOH 73  373 73  HOH HOH A . 
C 3 HOH 74  374 74  HOH HOH A . 
C 3 HOH 75  375 75  HOH HOH A . 
C 3 HOH 76  376 76  HOH HOH A . 
C 3 HOH 77  377 77  HOH HOH A . 
C 3 HOH 78  378 78  HOH HOH A . 
C 3 HOH 79  379 79  HOH HOH A . 
C 3 HOH 80  380 80  HOH HOH A . 
C 3 HOH 81  381 81  HOH HOH A . 
C 3 HOH 82  382 82  HOH HOH A . 
C 3 HOH 83  383 83  HOH HOH A . 
C 3 HOH 84  384 84  HOH HOH A . 
C 3 HOH 85  385 85  HOH HOH A . 
C 3 HOH 86  386 86  HOH HOH A . 
C 3 HOH 87  387 87  HOH HOH A . 
C 3 HOH 88  388 88  HOH HOH A . 
C 3 HOH 89  389 89  HOH HOH A . 
C 3 HOH 90  390 90  HOH HOH A . 
C 3 HOH 91  391 91  HOH HOH A . 
C 3 HOH 92  392 92  HOH HOH A . 
C 3 HOH 93  393 93  HOH HOH A . 
C 3 HOH 94  394 94  HOH HOH A . 
C 3 HOH 95  395 95  HOH HOH A . 
C 3 HOH 96  396 96  HOH HOH A . 
C 3 HOH 97  397 97  HOH HOH A . 
C 3 HOH 98  398 98  HOH HOH A . 
C 3 HOH 99  399 99  HOH HOH A . 
C 3 HOH 100 400 100 HOH HOH A . 
C 3 HOH 101 401 101 HOH HOH A . 
C 3 HOH 102 402 102 HOH HOH A . 
C 3 HOH 103 403 103 HOH HOH A . 
C 3 HOH 104 404 104 HOH HOH A . 
C 3 HOH 105 405 105 HOH HOH A . 
C 3 HOH 106 406 106 HOH HOH A . 
C 3 HOH 107 407 107 HOH HOH A . 
C 3 HOH 108 408 108 HOH HOH A . 
C 3 HOH 109 409 109 HOH HOH A . 
C 3 HOH 110 410 110 HOH HOH A . 
C 3 HOH 111 411 111 HOH HOH A . 
C 3 HOH 112 412 112 HOH HOH A . 
C 3 HOH 113 413 113 HOH HOH A . 
C 3 HOH 114 414 114 HOH HOH A . 
C 3 HOH 115 415 115 HOH HOH A . 
C 3 HOH 116 416 116 HOH HOH A . 
C 3 HOH 117 417 117 HOH HOH A . 
C 3 HOH 118 418 118 HOH HOH A . 
C 3 HOH 119 419 119 HOH HOH A . 
C 3 HOH 120 420 120 HOH HOH A . 
C 3 HOH 121 421 121 HOH HOH A . 
C 3 HOH 122 422 122 HOH HOH A . 
C 3 HOH 123 423 123 HOH HOH A . 
C 3 HOH 124 424 124 HOH HOH A . 
C 3 HOH 125 425 125 HOH HOH A . 
C 3 HOH 126 426 126 HOH HOH A . 
C 3 HOH 127 427 127 HOH HOH A . 
C 3 HOH 128 428 128 HOH HOH A . 
C 3 HOH 129 429 129 HOH HOH A . 
C 3 HOH 130 430 130 HOH HOH A . 
C 3 HOH 131 431 131 HOH HOH A . 
C 3 HOH 132 432 132 HOH HOH A . 
C 3 HOH 133 433 133 HOH HOH A . 
C 3 HOH 134 434 134 HOH HOH A . 
C 3 HOH 135 435 135 HOH HOH A . 
C 3 HOH 136 436 136 HOH HOH A . 
C 3 HOH 137 437 137 HOH HOH A . 
C 3 HOH 138 438 138 HOH HOH A . 
C 3 HOH 139 439 139 HOH HOH A . 
C 3 HOH 140 440 140 HOH HOH A . 
C 3 HOH 141 441 141 HOH HOH A . 
C 3 HOH 142 442 142 HOH HOH A . 
C 3 HOH 143 443 143 HOH HOH A . 
C 3 HOH 144 444 144 HOH HOH A . 
C 3 HOH 145 445 145 HOH HOH A . 
C 3 HOH 146 446 146 HOH HOH A . 
C 3 HOH 147 447 147 HOH HOH A . 
C 3 HOH 148 448 148 HOH HOH A . 
C 3 HOH 149 449 149 HOH HOH A . 
C 3 HOH 150 450 150 HOH HOH A . 
C 3 HOH 151 451 151 HOH HOH A . 
C 3 HOH 152 452 152 HOH HOH A . 
C 3 HOH 153 453 153 HOH HOH A . 
C 3 HOH 154 454 154 HOH HOH A . 
C 3 HOH 155 455 155 HOH HOH A . 
C 3 HOH 156 456 156 HOH HOH A . 
C 3 HOH 157 457 157 HOH HOH A . 
C 3 HOH 158 458 158 HOH HOH A . 
C 3 HOH 159 459 159 HOH HOH A . 
C 3 HOH 160 460 160 HOH HOH A . 
C 3 HOH 161 461 161 HOH HOH A . 
C 3 HOH 162 462 162 HOH HOH A . 
C 3 HOH 163 463 163 HOH HOH A . 
C 3 HOH 164 464 164 HOH HOH A . 
C 3 HOH 165 465 165 HOH HOH A . 
C 3 HOH 166 466 166 HOH HOH A . 
C 3 HOH 167 467 167 HOH HOH A . 
C 3 HOH 168 468 168 HOH HOH A . 
# 
_pdbx_struct_assembly.id                   1 
_pdbx_struct_assembly.details              author_and_software_defined_assembly 
_pdbx_struct_assembly.method_details       PISA 
_pdbx_struct_assembly.oligomeric_details   monomeric 
_pdbx_struct_assembly.oligomeric_count     1 
# 
_pdbx_struct_assembly_gen.assembly_id       1 
_pdbx_struct_assembly_gen.oper_expression   1 
_pdbx_struct_assembly_gen.asym_id_list      A,B,C 
# 
_pdbx_struct_oper_list.id                   1 
_pdbx_struct_oper_list.type                 'identity operation' 
_pdbx_struct_oper_list.name                 1_555 
_pdbx_struct_oper_list.symmetry_operation   x,y,z 
_pdbx_struct_oper_list.matrix[1][1]         1.0000000000 
_pdbx_struct_oper_list.matrix[1][2]         0.0000000000 
_pdbx_struct_oper_list.matrix[1][3]         0.0000000000 
_pdbx_struct_oper_list.vector[1]            0.0000000000 
_pdbx_struct_oper_list.matrix[2][1]         0.0000000000 
_pdbx_struct_oper_list.matrix[2][2]         1.0000000000 
_pdbx_struct_oper_list.matrix[2][3]         0.0000000000 
_pdbx_struct_oper_list.vector[2]            0.0000000000 
_pdbx_struct_oper_list.matrix[3][1]         0.0000000000 
_pdbx_struct_oper_list.matrix[3][2]         0.0000000000 
_pdbx_struct_oper_list.matrix[3][3]         1.0000000000 
_pdbx_struct_oper_list.vector[3]            0.0000000000 
# 
_pdbx_struct_special_symmetry.id              1 
_pdbx_struct_special_symmetry.PDB_model_num   1 
_pdbx_struct_special_symmetry.auth_asym_id    A 
_pdbx_struct_special_symmetry.auth_comp_id    HOH 
_pdbx_struct_special_symmetry.auth_seq_id     309 
_pdbx_struct_special_symmetry.PDB_ins_code    ? 
_pdbx_struct_special_symmetry.label_asym_id   C 
_pdbx_struct_special_symmetry.label_comp_id   HOH 
_pdbx_struct_special_symmetry.label_seq_id    . 
# 
loop_
_pdbx_audit_revision_history.ordinal 
_pdbx_audit_revision_history.data_content_type 
_pdbx_audit_revision_history.major_revision 
_pdbx_audit_revision_history.minor_revision 
_pdbx_audit_revision_history.revision_date 
1 'Structure model' 1 0 2008-12-09 
2 'Structure model' 1 1 2011-07-13 
3 'Structure model' 1 2 2023-08-30 
# 
_pdbx_audit_revision_details.ordinal             1 
_pdbx_audit_revision_details.revision_ordinal    1 
_pdbx_audit_revision_details.data_content_type   'Structure model' 
_pdbx_audit_revision_details.provider            repository 
_pdbx_audit_revision_details.type                'Initial release' 
_pdbx_audit_revision_details.description         ? 
_pdbx_audit_revision_details.details             ? 
# 
loop_
_pdbx_audit_revision_group.ordinal 
_pdbx_audit_revision_group.revision_ordinal 
_pdbx_audit_revision_group.data_content_type 
_pdbx_audit_revision_group.group 
1 2 'Structure model' 'Version format compliance' 
2 3 'Structure model' 'Data collection'           
3 3 'Structure model' 'Database references'       
4 3 'Structure model' 'Derived calculations'      
5 3 'Structure model' 'Refinement description'    
# 
loop_
_pdbx_audit_revision_category.ordinal 
_pdbx_audit_revision_category.revision_ordinal 
_pdbx_audit_revision_category.data_content_type 
_pdbx_audit_revision_category.category 
1 3 'Structure model' chem_comp_atom                
2 3 'Structure model' chem_comp_bond                
3 3 'Structure model' database_2                    
4 3 'Structure model' pdbx_initial_refinement_model 
5 3 'Structure model' struct_ref_seq_dif            
6 3 'Structure model' struct_site                   
# 
loop_
_pdbx_audit_revision_item.ordinal 
_pdbx_audit_revision_item.revision_ordinal 
_pdbx_audit_revision_item.data_content_type 
_pdbx_audit_revision_item.item 
1 3 'Structure model' '_database_2.pdbx_DOI'                
2 3 'Structure model' '_database_2.pdbx_database_accession' 
3 3 'Structure model' '_struct_ref_seq_dif.details'         
4 3 'Structure model' '_struct_site.pdbx_auth_asym_id'      
5 3 'Structure model' '_struct_site.pdbx_auth_comp_id'      
6 3 'Structure model' '_struct_site.pdbx_auth_seq_id'       
# 
_pdbx_phasing_MR.entry_id                     3BKR 
_pdbx_phasing_MR.method_rotation              ? 
_pdbx_phasing_MR.method_translation           ? 
_pdbx_phasing_MR.model_details                'Phaser MODE: MR_AUTO' 
_pdbx_phasing_MR.R_factor                     ? 
_pdbx_phasing_MR.R_rigid_body                 ? 
_pdbx_phasing_MR.correlation_coeff_Fo_to_Fc   ? 
_pdbx_phasing_MR.correlation_coeff_Io_to_Ic   ? 
_pdbx_phasing_MR.d_res_high_rotation          2.500 
_pdbx_phasing_MR.d_res_low_rotation           23.070 
_pdbx_phasing_MR.d_res_high_translation       2.500 
_pdbx_phasing_MR.d_res_low_translation        23.070 
_pdbx_phasing_MR.packing                      ? 
_pdbx_phasing_MR.reflns_percent_rotation      ? 
_pdbx_phasing_MR.reflns_percent_translation   ? 
_pdbx_phasing_MR.sigma_F_rotation             ? 
_pdbx_phasing_MR.sigma_F_translation          ? 
_pdbx_phasing_MR.sigma_I_rotation             ? 
_pdbx_phasing_MR.sigma_I_translation          ? 
# 
_phasing.method   MR 
# 
loop_
_software.name 
_software.version 
_software.date 
_software.type 
_software.contact_author 
_software.contact_author_email 
_software.classification 
_software.location 
_software.language 
_software.citation_id 
_software.pdbx_ordinal 
PHASER      .        ?                    other   'R. J. Read'      cimr-phaser@lists.cam.ac.uk phasing           
http://www-structmed.cimr.cam.ac.uk/phaser/ ?          ? 1 
REFMAC      5.2.0019 ?                    program 'Murshudov, G.N.' ccp4@dl.ac.uk               refinement        
http://www.ccp4.ac.uk/main.html             Fortran_77 ? 2 
PDB_EXTRACT 3.004    'September 10, 2007' package PDB               sw-help@rcsb.rutgers.edu    'data extraction' 
http://pdb.rutgers.edu/software/            C++        ? 3 
HKL-2000    .        ?                    ?       ?                 ?                           'data collection' ? ?          ? 4 
DENZO       .        ?                    ?       ?                 ?                           'data reduction'  ? ?          ? 5 
HKL-2000    .        ?                    ?       ?                 ?                           'data scaling'    ? ?          ? 6 
# 
loop_
_pdbx_unobs_or_zero_occ_residues.id 
_pdbx_unobs_or_zero_occ_residues.PDB_model_num 
_pdbx_unobs_or_zero_occ_residues.polymer_flag 
_pdbx_unobs_or_zero_occ_residues.occupancy_flag 
_pdbx_unobs_or_zero_occ_residues.auth_asym_id 
_pdbx_unobs_or_zero_occ_residues.auth_comp_id 
_pdbx_unobs_or_zero_occ_residues.auth_seq_id 
_pdbx_unobs_or_zero_occ_residues.PDB_ins_code 
_pdbx_unobs_or_zero_occ_residues.label_asym_id 
_pdbx_unobs_or_zero_occ_residues.label_comp_id 
_pdbx_unobs_or_zero_occ_residues.label_seq_id 
1 1 Y 1 A GLY -5 ? A GLY 1 
2 1 Y 1 A SER -4 ? A SER 2 
3 1 Y 1 A PRO -3 ? A PRO 3 
4 1 Y 1 A GLY -2 ? A GLY 4 
5 1 Y 1 A ILE -1 ? A ILE 5 
6 1 Y 1 A ARG 0  ? A ARG 6 
7 1 Y 1 A MET 1  ? A MET 7 
# 
loop_
_chem_comp_atom.comp_id 
_chem_comp_atom.atom_id 
_chem_comp_atom.type_symbol 
_chem_comp_atom.pdbx_aromatic_flag 
_chem_comp_atom.pdbx_stereo_config 
_chem_comp_atom.pdbx_ordinal 
ALA N    N N N 1   
ALA CA   C N S 2   
ALA C    C N N 3   
ALA O    O N N 4   
ALA CB   C N N 5   
ALA OXT  O N N 6   
ALA H    H N N 7   
ALA H2   H N N 8   
ALA HA   H N N 9   
ALA HB1  H N N 10  
ALA HB2  H N N 11  
ALA HB3  H N N 12  
ALA HXT  H N N 13  
ARG N    N N N 14  
ARG CA   C N S 15  
ARG C    C N N 16  
ARG O    O N N 17  
ARG CB   C N N 18  
ARG CG   C N N 19  
ARG CD   C N N 20  
ARG NE   N N N 21  
ARG CZ   C N N 22  
ARG NH1  N N N 23  
ARG NH2  N N N 24  
ARG OXT  O N N 25  
ARG H    H N N 26  
ARG H2   H N N 27  
ARG HA   H N N 28  
ARG HB2  H N N 29  
ARG HB3  H N N 30  
ARG HG2  H N N 31  
ARG HG3  H N N 32  
ARG HD2  H N N 33  
ARG HD3  H N N 34  
ARG HE   H N N 35  
ARG HH11 H N N 36  
ARG HH12 H N N 37  
ARG HH21 H N N 38  
ARG HH22 H N N 39  
ARG HXT  H N N 40  
ASN N    N N N 41  
ASN CA   C N S 42  
ASN C    C N N 43  
ASN O    O N N 44  
ASN CB   C N N 45  
ASN CG   C N N 46  
ASN OD1  O N N 47  
ASN ND2  N N N 48  
ASN OXT  O N N 49  
ASN H    H N N 50  
ASN H2   H N N 51  
ASN HA   H N N 52  
ASN HB2  H N N 53  
ASN HB3  H N N 54  
ASN HD21 H N N 55  
ASN HD22 H N N 56  
ASN HXT  H N N 57  
ASP N    N N N 58  
ASP CA   C N S 59  
ASP C    C N N 60  
ASP O    O N N 61  
ASP CB   C N N 62  
ASP CG   C N N 63  
ASP OD1  O N N 64  
ASP OD2  O N N 65  
ASP OXT  O N N 66  
ASP H    H N N 67  
ASP H2   H N N 68  
ASP HA   H N N 69  
ASP HB2  H N N 70  
ASP HB3  H N N 71  
ASP HD2  H N N 72  
ASP HXT  H N N 73  
GLN N    N N N 74  
GLN CA   C N S 75  
GLN C    C N N 76  
GLN O    O N N 77  
GLN CB   C N N 78  
GLN CG   C N N 79  
GLN CD   C N N 80  
GLN OE1  O N N 81  
GLN NE2  N N N 82  
GLN OXT  O N N 83  
GLN H    H N N 84  
GLN H2   H N N 85  
GLN HA   H N N 86  
GLN HB2  H N N 87  
GLN HB3  H N N 88  
GLN HG2  H N N 89  
GLN HG3  H N N 90  
GLN HE21 H N N 91  
GLN HE22 H N N 92  
GLN HXT  H N N 93  
GLU N    N N N 94  
GLU CA   C N S 95  
GLU C    C N N 96  
GLU O    O N N 97  
GLU CB   C N N 98  
GLU CG   C N N 99  
GLU CD   C N N 100 
GLU OE1  O N N 101 
GLU OE2  O N N 102 
GLU OXT  O N N 103 
GLU H    H N N 104 
GLU H2   H N N 105 
GLU HA   H N N 106 
GLU HB2  H N N 107 
GLU HB3  H N N 108 
GLU HG2  H N N 109 
GLU HG3  H N N 110 
GLU HE2  H N N 111 
GLU HXT  H N N 112 
GLY N    N N N 113 
GLY CA   C N N 114 
GLY C    C N N 115 
GLY O    O N N 116 
GLY OXT  O N N 117 
GLY H    H N N 118 
GLY H2   H N N 119 
GLY HA2  H N N 120 
GLY HA3  H N N 121 
GLY HXT  H N N 122 
HIS N    N N N 123 
HIS CA   C N S 124 
HIS C    C N N 125 
HIS O    O N N 126 
HIS CB   C N N 127 
HIS CG   C Y N 128 
HIS ND1  N Y N 129 
HIS CD2  C Y N 130 
HIS CE1  C Y N 131 
HIS NE2  N Y N 132 
HIS OXT  O N N 133 
HIS H    H N N 134 
HIS H2   H N N 135 
HIS HA   H N N 136 
HIS HB2  H N N 137 
HIS HB3  H N N 138 
HIS HD1  H N N 139 
HIS HD2  H N N 140 
HIS HE1  H N N 141 
HIS HE2  H N N 142 
HIS HXT  H N N 143 
HOH O    O N N 144 
HOH H1   H N N 145 
HOH H2   H N N 146 
ILE N    N N N 147 
ILE CA   C N S 148 
ILE C    C N N 149 
ILE O    O N N 150 
ILE CB   C N S 151 
ILE CG1  C N N 152 
ILE CG2  C N N 153 
ILE CD1  C N N 154 
ILE OXT  O N N 155 
ILE H    H N N 156 
ILE H2   H N N 157 
ILE HA   H N N 158 
ILE HB   H N N 159 
ILE HG12 H N N 160 
ILE HG13 H N N 161 
ILE HG21 H N N 162 
ILE HG22 H N N 163 
ILE HG23 H N N 164 
ILE HD11 H N N 165 
ILE HD12 H N N 166 
ILE HD13 H N N 167 
ILE HXT  H N N 168 
LEU N    N N N 169 
LEU CA   C N S 170 
LEU C    C N N 171 
LEU O    O N N 172 
LEU CB   C N N 173 
LEU CG   C N N 174 
LEU CD1  C N N 175 
LEU CD2  C N N 176 
LEU OXT  O N N 177 
LEU H    H N N 178 
LEU H2   H N N 179 
LEU HA   H N N 180 
LEU HB2  H N N 181 
LEU HB3  H N N 182 
LEU HG   H N N 183 
LEU HD11 H N N 184 
LEU HD12 H N N 185 
LEU HD13 H N N 186 
LEU HD21 H N N 187 
LEU HD22 H N N 188 
LEU HD23 H N N 189 
LEU HXT  H N N 190 
LYS N    N N N 191 
LYS CA   C N S 192 
LYS C    C N N 193 
LYS O    O N N 194 
LYS CB   C N N 195 
LYS CG   C N N 196 
LYS CD   C N N 197 
LYS CE   C N N 198 
LYS NZ   N N N 199 
LYS OXT  O N N 200 
LYS H    H N N 201 
LYS H2   H N N 202 
LYS HA   H N N 203 
LYS HB2  H N N 204 
LYS HB3  H N N 205 
LYS HG2  H N N 206 
LYS HG3  H N N 207 
LYS HD2  H N N 208 
LYS HD3  H N N 209 
LYS HE2  H N N 210 
LYS HE3  H N N 211 
LYS HZ1  H N N 212 
LYS HZ2  H N N 213 
LYS HZ3  H N N 214 
LYS HXT  H N N 215 
MET N    N N N 216 
MET CA   C N S 217 
MET C    C N N 218 
MET O    O N N 219 
MET CB   C N N 220 
MET CG   C N N 221 
MET SD   S N N 222 
MET CE   C N N 223 
MET OXT  O N N 224 
MET H    H N N 225 
MET H2   H N N 226 
MET HA   H N N 227 
MET HB2  H N N 228 
MET HB3  H N N 229 
MET HG2  H N N 230 
MET HG3  H N N 231 
MET HE1  H N N 232 
MET HE2  H N N 233 
MET HE3  H N N 234 
MET HXT  H N N 235 
PHE N    N N N 236 
PHE CA   C N S 237 
PHE C    C N N 238 
PHE O    O N N 239 
PHE CB   C N N 240 
PHE CG   C Y N 241 
PHE CD1  C Y N 242 
PHE CD2  C Y N 243 
PHE CE1  C Y N 244 
PHE CE2  C Y N 245 
PHE CZ   C Y N 246 
PHE OXT  O N N 247 
PHE H    H N N 248 
PHE H2   H N N 249 
PHE HA   H N N 250 
PHE HB2  H N N 251 
PHE HB3  H N N 252 
PHE HD1  H N N 253 
PHE HD2  H N N 254 
PHE HE1  H N N 255 
PHE HE2  H N N 256 
PHE HZ   H N N 257 
PHE HXT  H N N 258 
PLM C1   C N N 259 
PLM O1   O N N 260 
PLM O2   O N N 261 
PLM C2   C N N 262 
PLM C3   C N N 263 
PLM C4   C N N 264 
PLM C5   C N N 265 
PLM C6   C N N 266 
PLM C7   C N N 267 
PLM C8   C N N 268 
PLM C9   C N N 269 
PLM CA   C N N 270 
PLM CB   C N N 271 
PLM CC   C N N 272 
PLM CD   C N N 273 
PLM CE   C N N 274 
PLM CF   C N N 275 
PLM CG   C N N 276 
PLM H    H N N 277 
PLM H21  H N N 278 
PLM H22  H N N 279 
PLM H31  H N N 280 
PLM H32  H N N 281 
PLM H41  H N N 282 
PLM H42  H N N 283 
PLM H51  H N N 284 
PLM H52  H N N 285 
PLM H61  H N N 286 
PLM H62  H N N 287 
PLM H71  H N N 288 
PLM H72  H N N 289 
PLM H81  H N N 290 
PLM H82  H N N 291 
PLM H91  H N N 292 
PLM H92  H N N 293 
PLM HA1  H N N 294 
PLM HA2  H N N 295 
PLM HB1  H N N 296 
PLM HB2  H N N 297 
PLM HC1  H N N 298 
PLM HC2  H N N 299 
PLM HD1  H N N 300 
PLM HD2  H N N 301 
PLM HE1  H N N 302 
PLM HE2  H N N 303 
PLM HF1  H N N 304 
PLM HF2  H N N 305 
PLM HG1  H N N 306 
PLM HG2  H N N 307 
PLM HG3  H N N 308 
PRO N    N N N 309 
PRO CA   C N S 310 
PRO C    C N N 311 
PRO O    O N N 312 
PRO CB   C N N 313 
PRO CG   C N N 314 
PRO CD   C N N 315 
PRO OXT  O N N 316 
PRO H    H N N 317 
PRO HA   H N N 318 
PRO HB2  H N N 319 
PRO HB3  H N N 320 
PRO HG2  H N N 321 
PRO HG3  H N N 322 
PRO HD2  H N N 323 
PRO HD3  H N N 324 
PRO HXT  H N N 325 
SER N    N N N 326 
SER CA   C N S 327 
SER C    C N N 328 
SER O    O N N 329 
SER CB   C N N 330 
SER OG   O N N 331 
SER OXT  O N N 332 
SER H    H N N 333 
SER H2   H N N 334 
SER HA   H N N 335 
SER HB2  H N N 336 
SER HB3  H N N 337 
SER HG   H N N 338 
SER HXT  H N N 339 
THR N    N N N 340 
THR CA   C N S 341 
THR C    C N N 342 
THR O    O N N 343 
THR CB   C N R 344 
THR OG1  O N N 345 
THR CG2  C N N 346 
THR OXT  O N N 347 
THR H    H N N 348 
THR H2   H N N 349 
THR HA   H N N 350 
THR HB   H N N 351 
THR HG1  H N N 352 
THR HG21 H N N 353 
THR HG22 H N N 354 
THR HG23 H N N 355 
THR HXT  H N N 356 
TYR N    N N N 357 
TYR CA   C N S 358 
TYR C    C N N 359 
TYR O    O N N 360 
TYR CB   C N N 361 
TYR CG   C Y N 362 
TYR CD1  C Y N 363 
TYR CD2  C Y N 364 
TYR CE1  C Y N 365 
TYR CE2  C Y N 366 
TYR CZ   C Y N 367 
TYR OH   O N N 368 
TYR OXT  O N N 369 
TYR H    H N N 370 
TYR H2   H N N 371 
TYR HA   H N N 372 
TYR HB2  H N N 373 
TYR HB3  H N N 374 
TYR HD1  H N N 375 
TYR HD2  H N N 376 
TYR HE1  H N N 377 
TYR HE2  H N N 378 
TYR HH   H N N 379 
TYR HXT  H N N 380 
VAL N    N N N 381 
VAL CA   C N S 382 
VAL C    C N N 383 
VAL O    O N N 384 
VAL CB   C N N 385 
VAL CG1  C N N 386 
VAL CG2  C N N 387 
VAL OXT  O N N 388 
VAL H    H N N 389 
VAL H2   H N N 390 
VAL HA   H N N 391 
VAL HB   H N N 392 
VAL HG11 H N N 393 
VAL HG12 H N N 394 
VAL HG13 H N N 395 
VAL HG21 H N N 396 
VAL HG22 H N N 397 
VAL HG23 H N N 398 
VAL HXT  H N N 399 
# 
loop_
_chem_comp_bond.comp_id 
_chem_comp_bond.atom_id_1 
_chem_comp_bond.atom_id_2 
_chem_comp_bond.value_order 
_chem_comp_bond.pdbx_aromatic_flag 
_chem_comp_bond.pdbx_stereo_config 
_chem_comp_bond.pdbx_ordinal 
ALA N   CA   sing N N 1   
ALA N   H    sing N N 2   
ALA N   H2   sing N N 3   
ALA CA  C    sing N N 4   
ALA CA  CB   sing N N 5   
ALA CA  HA   sing N N 6   
ALA C   O    doub N N 7   
ALA C   OXT  sing N N 8   
ALA CB  HB1  sing N N 9   
ALA CB  HB2  sing N N 10  
ALA CB  HB3  sing N N 11  
ALA OXT HXT  sing N N 12  
ARG N   CA   sing N N 13  
ARG N   H    sing N N 14  
ARG N   H2   sing N N 15  
ARG CA  C    sing N N 16  
ARG CA  CB   sing N N 17  
ARG CA  HA   sing N N 18  
ARG C   O    doub N N 19  
ARG C   OXT  sing N N 20  
ARG CB  CG   sing N N 21  
ARG CB  HB2  sing N N 22  
ARG CB  HB3  sing N N 23  
ARG CG  CD   sing N N 24  
ARG CG  HG2  sing N N 25  
ARG CG  HG3  sing N N 26  
ARG CD  NE   sing N N 27  
ARG CD  HD2  sing N N 28  
ARG CD  HD3  sing N N 29  
ARG NE  CZ   sing N N 30  
ARG NE  HE   sing N N 31  
ARG CZ  NH1  sing N N 32  
ARG CZ  NH2  doub N N 33  
ARG NH1 HH11 sing N N 34  
ARG NH1 HH12 sing N N 35  
ARG NH2 HH21 sing N N 36  
ARG NH2 HH22 sing N N 37  
ARG OXT HXT  sing N N 38  
ASN N   CA   sing N N 39  
ASN N   H    sing N N 40  
ASN N   H2   sing N N 41  
ASN CA  C    sing N N 42  
ASN CA  CB   sing N N 43  
ASN CA  HA   sing N N 44  
ASN C   O    doub N N 45  
ASN C   OXT  sing N N 46  
ASN CB  CG   sing N N 47  
ASN CB  HB2  sing N N 48  
ASN CB  HB3  sing N N 49  
ASN CG  OD1  doub N N 50  
ASN CG  ND2  sing N N 51  
ASN ND2 HD21 sing N N 52  
ASN ND2 HD22 sing N N 53  
ASN OXT HXT  sing N N 54  
ASP N   CA   sing N N 55  
ASP N   H    sing N N 56  
ASP N   H2   sing N N 57  
ASP CA  C    sing N N 58  
ASP CA  CB   sing N N 59  
ASP CA  HA   sing N N 60  
ASP C   O    doub N N 61  
ASP C   OXT  sing N N 62  
ASP CB  CG   sing N N 63  
ASP CB  HB2  sing N N 64  
ASP CB  HB3  sing N N 65  
ASP CG  OD1  doub N N 66  
ASP CG  OD2  sing N N 67  
ASP OD2 HD2  sing N N 68  
ASP OXT HXT  sing N N 69  
GLN N   CA   sing N N 70  
GLN N   H    sing N N 71  
GLN N   H2   sing N N 72  
GLN CA  C    sing N N 73  
GLN CA  CB   sing N N 74  
GLN CA  HA   sing N N 75  
GLN C   O    doub N N 76  
GLN C   OXT  sing N N 77  
GLN CB  CG   sing N N 78  
GLN CB  HB2  sing N N 79  
GLN CB  HB3  sing N N 80  
GLN CG  CD   sing N N 81  
GLN CG  HG2  sing N N 82  
GLN CG  HG3  sing N N 83  
GLN CD  OE1  doub N N 84  
GLN CD  NE2  sing N N 85  
GLN NE2 HE21 sing N N 86  
GLN NE2 HE22 sing N N 87  
GLN OXT HXT  sing N N 88  
GLU N   CA   sing N N 89  
GLU N   H    sing N N 90  
GLU N   H2   sing N N 91  
GLU CA  C    sing N N 92  
GLU CA  CB   sing N N 93  
GLU CA  HA   sing N N 94  
GLU C   O    doub N N 95  
GLU C   OXT  sing N N 96  
GLU CB  CG   sing N N 97  
GLU CB  HB2  sing N N 98  
GLU CB  HB3  sing N N 99  
GLU CG  CD   sing N N 100 
GLU CG  HG2  sing N N 101 
GLU CG  HG3  sing N N 102 
GLU CD  OE1  doub N N 103 
GLU CD  OE2  sing N N 104 
GLU OE2 HE2  sing N N 105 
GLU OXT HXT  sing N N 106 
GLY N   CA   sing N N 107 
GLY N   H    sing N N 108 
GLY N   H2   sing N N 109 
GLY CA  C    sing N N 110 
GLY CA  HA2  sing N N 111 
GLY CA  HA3  sing N N 112 
GLY C   O    doub N N 113 
GLY C   OXT  sing N N 114 
GLY OXT HXT  sing N N 115 
HIS N   CA   sing N N 116 
HIS N   H    sing N N 117 
HIS N   H2   sing N N 118 
HIS CA  C    sing N N 119 
HIS CA  CB   sing N N 120 
HIS CA  HA   sing N N 121 
HIS C   O    doub N N 122 
HIS C   OXT  sing N N 123 
HIS CB  CG   sing N N 124 
HIS CB  HB2  sing N N 125 
HIS CB  HB3  sing N N 126 
HIS CG  ND1  sing Y N 127 
HIS CG  CD2  doub Y N 128 
HIS ND1 CE1  doub Y N 129 
HIS ND1 HD1  sing N N 130 
HIS CD2 NE2  sing Y N 131 
HIS CD2 HD2  sing N N 132 
HIS CE1 NE2  sing Y N 133 
HIS CE1 HE1  sing N N 134 
HIS NE2 HE2  sing N N 135 
HIS OXT HXT  sing N N 136 
HOH O   H1   sing N N 137 
HOH O   H2   sing N N 138 
ILE N   CA   sing N N 139 
ILE N   H    sing N N 140 
ILE N   H2   sing N N 141 
ILE CA  C    sing N N 142 
ILE CA  CB   sing N N 143 
ILE CA  HA   sing N N 144 
ILE C   O    doub N N 145 
ILE C   OXT  sing N N 146 
ILE CB  CG1  sing N N 147 
ILE CB  CG2  sing N N 148 
ILE CB  HB   sing N N 149 
ILE CG1 CD1  sing N N 150 
ILE CG1 HG12 sing N N 151 
ILE CG1 HG13 sing N N 152 
ILE CG2 HG21 sing N N 153 
ILE CG2 HG22 sing N N 154 
ILE CG2 HG23 sing N N 155 
ILE CD1 HD11 sing N N 156 
ILE CD1 HD12 sing N N 157 
ILE CD1 HD13 sing N N 158 
ILE OXT HXT  sing N N 159 
LEU N   CA   sing N N 160 
LEU N   H    sing N N 161 
LEU N   H2   sing N N 162 
LEU CA  C    sing N N 163 
LEU CA  CB   sing N N 164 
LEU CA  HA   sing N N 165 
LEU C   O    doub N N 166 
LEU C   OXT  sing N N 167 
LEU CB  CG   sing N N 168 
LEU CB  HB2  sing N N 169 
LEU CB  HB3  sing N N 170 
LEU CG  CD1  sing N N 171 
LEU CG  CD2  sing N N 172 
LEU CG  HG   sing N N 173 
LEU CD1 HD11 sing N N 174 
LEU CD1 HD12 sing N N 175 
LEU CD1 HD13 sing N N 176 
LEU CD2 HD21 sing N N 177 
LEU CD2 HD22 sing N N 178 
LEU CD2 HD23 sing N N 179 
LEU OXT HXT  sing N N 180 
LYS N   CA   sing N N 181 
LYS N   H    sing N N 182 
LYS N   H2   sing N N 183 
LYS CA  C    sing N N 184 
LYS CA  CB   sing N N 185 
LYS CA  HA   sing N N 186 
LYS C   O    doub N N 187 
LYS C   OXT  sing N N 188 
LYS CB  CG   sing N N 189 
LYS CB  HB2  sing N N 190 
LYS CB  HB3  sing N N 191 
LYS CG  CD   sing N N 192 
LYS CG  HG2  sing N N 193 
LYS CG  HG3  sing N N 194 
LYS CD  CE   sing N N 195 
LYS CD  HD2  sing N N 196 
LYS CD  HD3  sing N N 197 
LYS CE  NZ   sing N N 198 
LYS CE  HE2  sing N N 199 
LYS CE  HE3  sing N N 200 
LYS NZ  HZ1  sing N N 201 
LYS NZ  HZ2  sing N N 202 
LYS NZ  HZ3  sing N N 203 
LYS OXT HXT  sing N N 204 
MET N   CA   sing N N 205 
MET N   H    sing N N 206 
MET N   H2   sing N N 207 
MET CA  C    sing N N 208 
MET CA  CB   sing N N 209 
MET CA  HA   sing N N 210 
MET C   O    doub N N 211 
MET C   OXT  sing N N 212 
MET CB  CG   sing N N 213 
MET CB  HB2  sing N N 214 
MET CB  HB3  sing N N 215 
MET CG  SD   sing N N 216 
MET CG  HG2  sing N N 217 
MET CG  HG3  sing N N 218 
MET SD  CE   sing N N 219 
MET CE  HE1  sing N N 220 
MET CE  HE2  sing N N 221 
MET CE  HE3  sing N N 222 
MET OXT HXT  sing N N 223 
PHE N   CA   sing N N 224 
PHE N   H    sing N N 225 
PHE N   H2   sing N N 226 
PHE CA  C    sing N N 227 
PHE CA  CB   sing N N 228 
PHE CA  HA   sing N N 229 
PHE C   O    doub N N 230 
PHE C   OXT  sing N N 231 
PHE CB  CG   sing N N 232 
PHE CB  HB2  sing N N 233 
PHE CB  HB3  sing N N 234 
PHE CG  CD1  doub Y N 235 
PHE CG  CD2  sing Y N 236 
PHE CD1 CE1  sing Y N 237 
PHE CD1 HD1  sing N N 238 
PHE CD2 CE2  doub Y N 239 
PHE CD2 HD2  sing N N 240 
PHE CE1 CZ   doub Y N 241 
PHE CE1 HE1  sing N N 242 
PHE CE2 CZ   sing Y N 243 
PHE CE2 HE2  sing N N 244 
PHE CZ  HZ   sing N N 245 
PHE OXT HXT  sing N N 246 
PLM C1  O1   sing N N 247 
PLM C1  O2   doub N N 248 
PLM C1  C2   sing N N 249 
PLM O1  H    sing N N 250 
PLM C2  C3   sing N N 251 
PLM C2  H21  sing N N 252 
PLM C2  H22  sing N N 253 
PLM C3  C4   sing N N 254 
PLM C3  H31  sing N N 255 
PLM C3  H32  sing N N 256 
PLM C4  C5   sing N N 257 
PLM C4  H41  sing N N 258 
PLM C4  H42  sing N N 259 
PLM C5  C6   sing N N 260 
PLM C5  H51  sing N N 261 
PLM C5  H52  sing N N 262 
PLM C6  C7   sing N N 263 
PLM C6  H61  sing N N 264 
PLM C6  H62  sing N N 265 
PLM C7  C8   sing N N 266 
PLM C7  H71  sing N N 267 
PLM C7  H72  sing N N 268 
PLM C8  C9   sing N N 269 
PLM C8  H81  sing N N 270 
PLM C8  H82  sing N N 271 
PLM C9  CA   sing N N 272 
PLM C9  H91  sing N N 273 
PLM C9  H92  sing N N 274 
PLM CA  CB   sing N N 275 
PLM CA  HA1  sing N N 276 
PLM CA  HA2  sing N N 277 
PLM CB  CC   sing N N 278 
PLM CB  HB1  sing N N 279 
PLM CB  HB2  sing N N 280 
PLM CC  CD   sing N N 281 
PLM CC  HC1  sing N N 282 
PLM CC  HC2  sing N N 283 
PLM CD  CE   sing N N 284 
PLM CD  HD1  sing N N 285 
PLM CD  HD2  sing N N 286 
PLM CE  CF   sing N N 287 
PLM CE  HE1  sing N N 288 
PLM CE  HE2  sing N N 289 
PLM CF  CG   sing N N 290 
PLM CF  HF1  sing N N 291 
PLM CF  HF2  sing N N 292 
PLM CG  HG1  sing N N 293 
PLM CG  HG2  sing N N 294 
PLM CG  HG3  sing N N 295 
PRO N   CA   sing N N 296 
PRO N   CD   sing N N 297 
PRO N   H    sing N N 298 
PRO CA  C    sing N N 299 
PRO CA  CB   sing N N 300 
PRO CA  HA   sing N N 301 
PRO C   O    doub N N 302 
PRO C   OXT  sing N N 303 
PRO CB  CG   sing N N 304 
PRO CB  HB2  sing N N 305 
PRO CB  HB3  sing N N 306 
PRO CG  CD   sing N N 307 
PRO CG  HG2  sing N N 308 
PRO CG  HG3  sing N N 309 
PRO CD  HD2  sing N N 310 
PRO CD  HD3  sing N N 311 
PRO OXT HXT  sing N N 312 
SER N   CA   sing N N 313 
SER N   H    sing N N 314 
SER N   H2   sing N N 315 
SER CA  C    sing N N 316 
SER CA  CB   sing N N 317 
SER CA  HA   sing N N 318 
SER C   O    doub N N 319 
SER C   OXT  sing N N 320 
SER CB  OG   sing N N 321 
SER CB  HB2  sing N N 322 
SER CB  HB3  sing N N 323 
SER OG  HG   sing N N 324 
SER OXT HXT  sing N N 325 
THR N   CA   sing N N 326 
THR N   H    sing N N 327 
THR N   H2   sing N N 328 
THR CA  C    sing N N 329 
THR CA  CB   sing N N 330 
THR CA  HA   sing N N 331 
THR C   O    doub N N 332 
THR C   OXT  sing N N 333 
THR CB  OG1  sing N N 334 
THR CB  CG2  sing N N 335 
THR CB  HB   sing N N 336 
THR OG1 HG1  sing N N 337 
THR CG2 HG21 sing N N 338 
THR CG2 HG22 sing N N 339 
THR CG2 HG23 sing N N 340 
THR OXT HXT  sing N N 341 
TYR N   CA   sing N N 342 
TYR N   H    sing N N 343 
TYR N   H2   sing N N 344 
TYR CA  C    sing N N 345 
TYR CA  CB   sing N N 346 
TYR CA  HA   sing N N 347 
TYR C   O    doub N N 348 
TYR C   OXT  sing N N 349 
TYR CB  CG   sing N N 350 
TYR CB  HB2  sing N N 351 
TYR CB  HB3  sing N N 352 
TYR CG  CD1  doub Y N 353 
TYR CG  CD2  sing Y N 354 
TYR CD1 CE1  sing Y N 355 
TYR CD1 HD1  sing N N 356 
TYR CD2 CE2  doub Y N 357 
TYR CD2 HD2  sing N N 358 
TYR CE1 CZ   doub Y N 359 
TYR CE1 HE1  sing N N 360 
TYR CE2 CZ   sing Y N 361 
TYR CE2 HE2  sing N N 362 
TYR CZ  OH   sing N N 363 
TYR OH  HH   sing N N 364 
TYR OXT HXT  sing N N 365 
VAL N   CA   sing N N 366 
VAL N   H    sing N N 367 
VAL N   H2   sing N N 368 
VAL CA  C    sing N N 369 
VAL CA  CB   sing N N 370 
VAL CA  HA   sing N N 371 
VAL C   O    doub N N 372 
VAL C   OXT  sing N N 373 
VAL CB  CG1  sing N N 374 
VAL CB  CG2  sing N N 375 
VAL CB  HB   sing N N 376 
VAL CG1 HG11 sing N N 377 
VAL CG1 HG12 sing N N 378 
VAL CG1 HG13 sing N N 379 
VAL CG2 HG21 sing N N 380 
VAL CG2 HG22 sing N N 381 
VAL CG2 HG23 sing N N 382 
VAL OXT HXT  sing N N 383 
# 
loop_
_pdbx_entity_nonpoly.entity_id 
_pdbx_entity_nonpoly.name 
_pdbx_entity_nonpoly.comp_id 
2 'PALMITIC ACID' PLM 
3 water           HOH 
# 
_pdbx_initial_refinement_model.id               1 
_pdbx_initial_refinement_model.entity_id_list   ? 
_pdbx_initial_refinement_model.type             'experimental model' 
_pdbx_initial_refinement_model.source_name      PDB 
_pdbx_initial_refinement_model.accession_code   1PZ4 
_pdbx_initial_refinement_model.details          'Polyalanine model derived from 1PZ4' 
# 
